data_6ZA5
#
_entry.id   6ZA5
#
_cell.length_a   193.973
_cell.length_b   193.973
_cell.length_c   257.034
_cell.angle_alpha   90
_cell.angle_beta   90
_cell.angle_gamma   90
#
_symmetry.space_group_name_H-M   'I 4 2 2'
#
loop_
_entity.id
_entity.type
_entity.pdbx_description
1 polymer 'Salicylate synthase'
2 non-polymer 'SULFATE ION'
3 non-polymer 'MAGNESIUM ION'
4 non-polymer 'ACETATE ION'
5 non-polymer '2-HYDROXYBENZOIC ACID'
6 water water
#
_entity_poly.entity_id   1
_entity_poly.type   'polypeptide(L)'
_entity_poly.pdbx_seq_one_letter_code
;GHMSELSVATGAVSTASSSIPMPAGVNPADLAAELAAVVTESVDEDYLLYECDGQWVLAAGVQAMVELDSDELRVIRDGV
TRRQQWSGRPGAALGEAVDRLLLETDQAFGWVAFEFGVHRYGLQQRLAPHTPLARVFSPRTRIMVSEKEIRLFDAGIRHR
EAIDRLLATGVREVPQSRSVDVSDDPSGFRRRVAVAVDEIAAGRYHKVILSRCVEVPFAIDFPLTYRLGRRHNTPVRSFL
LQLGGIRALGYSPELVTAVRADGVVITEPLAGTRALGRGPAIDRLARDDLESNSKEIVEHAISVRSSLEEITDIAEPGSA
AVIDFMTVRERGSVQHLGSTIRARLDPSSDRMAALEALFPAVTASGIPKAAGVEAIFRLDECPRGLYSGAVVMLSADGGL
DAALTLRAAYQVGGRTWLRAGAGIIEESEPEREFEETCEKLSTLTPYLVARQ
;
_entity_poly.pdbx_strand_id   A,B,C,D
#
# COMPACT_ATOMS: atom_id res chain seq x y z
N SER A 7 12.81 21.19 12.94
CA SER A 7 12.09 22.47 12.99
C SER A 7 10.73 22.30 12.22
N VAL A 8 10.27 23.29 11.45
CA VAL A 8 9.11 23.14 10.60
C VAL A 8 9.47 22.18 9.43
N ALA A 9 10.68 22.33 8.89
CA ALA A 9 11.16 21.51 7.80
C ALA A 9 11.69 20.19 8.37
N THR A 10 10.79 19.27 8.67
CA THR A 10 11.10 17.95 9.22
C THR A 10 10.15 16.92 8.59
N GLY A 11 10.59 15.67 8.52
CA GLY A 11 9.80 14.59 7.93
C GLY A 11 9.48 14.82 6.46
N ALA A 12 8.19 14.91 6.12
CA ALA A 12 7.77 15.11 4.73
C ALA A 12 8.05 16.54 4.23
N VAL A 13 8.25 17.51 5.13
CA VAL A 13 8.51 18.89 4.72
C VAL A 13 10.00 19.03 4.40
N SER A 14 10.32 18.75 3.15
CA SER A 14 11.71 18.70 2.73
C SER A 14 11.95 19.30 1.37
N THR A 15 13.18 19.78 1.20
CA THR A 15 13.66 20.27 -0.06
C THR A 15 15.08 19.82 -0.22
N ALA A 16 15.39 19.29 -1.42
CA ALA A 16 16.73 18.90 -1.85
C ALA A 16 17.59 20.15 -2.23
N SER A 17 16.96 21.33 -2.37
CA SER A 17 17.64 22.57 -2.68
C SER A 17 18.62 22.99 -1.58
N SER A 18 19.76 23.54 -1.96
CA SER A 18 20.72 24.09 -1.02
C SER A 18 20.15 25.35 -0.38
N SER A 19 20.43 25.53 0.89
CA SER A 19 20.03 26.71 1.61
C SER A 19 20.96 27.87 1.30
N ILE A 20 20.42 29.07 1.32
CA ILE A 20 21.24 30.28 1.19
C ILE A 20 21.58 30.77 2.58
N PRO A 21 22.85 30.87 2.97
CA PRO A 21 23.16 31.37 4.32
C PRO A 21 22.66 32.79 4.52
N MET A 22 22.18 33.08 5.72
CA MET A 22 21.64 34.40 6.03
C MET A 22 22.77 35.35 6.37
N PRO A 23 22.88 36.48 5.66
CA PRO A 23 23.95 37.45 6.00
C PRO A 23 23.75 38.04 7.39
N ALA A 24 24.86 38.42 8.04
CA ALA A 24 24.95 38.90 9.43
C ALA A 24 23.86 39.92 9.94
N GLY A 25 23.68 41.11 9.36
CA GLY A 25 22.72 42.07 9.89
C GLY A 25 21.31 41.99 9.34
N VAL A 26 20.95 40.84 8.73
CA VAL A 26 19.63 40.72 8.10
C VAL A 26 18.67 40.03 9.04
N ASN A 27 17.57 40.70 9.32
CA ASN A 27 16.53 40.17 10.20
C ASN A 27 15.53 39.35 9.38
N PRO A 28 15.22 38.11 9.84
CA PRO A 28 14.30 37.25 9.07
C PRO A 28 12.89 37.81 8.86
N ALA A 29 12.29 38.46 9.86
CA ALA A 29 10.94 39.00 9.71
C ALA A 29 10.91 40.09 8.63
N ASP A 30 11.96 40.90 8.56
CA ASP A 30 12.05 41.96 7.56
C ASP A 30 12.28 41.40 6.18
N LEU A 31 13.19 40.44 6.04
CA LEU A 31 13.46 39.84 4.72
C LEU A 31 12.21 39.11 4.18
N ALA A 32 11.55 38.30 5.02
CA ALA A 32 10.38 37.55 4.61
C ALA A 32 9.22 38.46 4.21
N ALA A 33 8.95 39.53 4.99
CA ALA A 33 7.86 40.45 4.65
C ALA A 33 8.18 41.22 3.38
N GLU A 34 9.46 41.61 3.16
CA GLU A 34 9.86 42.29 1.92
C GLU A 34 9.72 41.36 0.72
N LEU A 35 10.07 40.08 0.89
CA LEU A 35 9.91 39.07 -0.15
C LEU A 35 8.44 38.91 -0.49
N ALA A 36 7.54 38.87 0.51
CA ALA A 36 6.10 38.76 0.27
C ALA A 36 5.61 39.92 -0.58
N ALA A 37 6.09 41.14 -0.29
CA ALA A 37 5.70 42.32 -1.05
C ALA A 37 6.23 42.28 -2.49
N VAL A 38 7.51 41.93 -2.69
CA VAL A 38 8.12 41.93 -4.03
C VAL A 38 7.64 40.76 -4.90
N VAL A 39 7.72 39.53 -4.39
CA VAL A 39 7.41 38.28 -5.09
C VAL A 39 5.96 38.27 -5.60
N THR A 40 5.05 38.97 -4.94
CA THR A 40 3.66 38.95 -5.35
C THR A 40 3.18 40.27 -5.99
N GLU A 41 3.99 41.33 -5.99
CA GLU A 41 3.60 42.60 -6.61
C GLU A 41 3.71 42.47 -8.11
N SER A 42 4.86 41.94 -8.58
CA SER A 42 5.17 41.74 -9.99
C SER A 42 4.26 40.71 -10.68
N VAL A 43 3.55 39.87 -9.90
CA VAL A 43 2.70 38.84 -10.52
C VAL A 43 1.23 38.86 -10.02
N ASP A 44 0.91 39.74 -9.05
CA ASP A 44 -0.41 39.87 -8.42
C ASP A 44 -0.94 38.51 -7.96
N GLU A 45 -0.18 37.87 -7.05
CA GLU A 45 -0.59 36.59 -6.55
C GLU A 45 -0.80 36.62 -5.03
N ASP A 46 -1.69 35.75 -4.57
CA ASP A 46 -2.00 35.63 -3.16
C ASP A 46 -0.88 34.93 -2.41
N TYR A 47 -0.83 35.14 -1.10
CA TYR A 47 0.22 34.56 -0.26
C TYR A 47 -0.17 34.54 1.20
N LEU A 48 0.55 33.74 1.97
CA LEU A 48 0.40 33.66 3.40
C LEU A 48 1.79 33.48 3.97
N LEU A 49 2.23 34.39 4.83
CA LEU A 49 3.49 34.34 5.53
C LEU A 49 3.18 33.93 6.96
N TYR A 50 3.77 32.83 7.42
CA TYR A 50 3.48 32.28 8.73
C TYR A 50 4.76 32.10 9.51
N GLU A 51 4.89 32.72 10.69
CA GLU A 51 6.09 32.57 11.53
C GLU A 51 5.83 31.48 12.54
N CYS A 52 6.70 30.47 12.56
CA CYS A 52 6.56 29.33 13.45
C CYS A 52 7.94 28.90 13.93
N ASP A 53 8.22 29.06 15.23
CA ASP A 53 9.43 28.66 15.93
C ASP A 53 10.74 29.07 15.21
N GLY A 54 10.88 30.35 14.90
CA GLY A 54 12.06 30.86 14.24
C GLY A 54 12.09 30.72 12.73
N GLN A 55 11.06 30.09 12.15
CA GLN A 55 10.98 29.96 10.70
C GLN A 55 9.86 30.85 10.15
N TRP A 56 10.17 31.75 9.24
CA TRP A 56 9.15 32.56 8.57
C TRP A 56 8.84 31.85 7.26
N VAL A 57 7.69 31.21 7.17
CA VAL A 57 7.33 30.44 5.97
C VAL A 57 6.46 31.25 5.05
N LEU A 58 6.99 31.63 3.89
CA LEU A 58 6.21 32.37 2.89
C LEU A 58 5.63 31.40 1.88
N ALA A 59 4.30 31.20 1.92
CA ALA A 59 3.58 30.35 0.98
C ALA A 59 3.05 31.25 -0.10
N ALA A 60 3.69 31.27 -1.26
CA ALA A 60 3.31 32.20 -2.32
C ALA A 60 2.65 31.52 -3.53
N GLY A 61 1.56 32.10 -3.99
CA GLY A 61 0.82 31.60 -5.14
C GLY A 61 -0.14 30.50 -4.74
N VAL A 62 -1.32 30.45 -5.35
CA VAL A 62 -2.33 29.45 -5.02
C VAL A 62 -2.36 28.37 -6.09
N GLN A 63 -1.88 27.18 -5.76
CA GLN A 63 -1.91 26.06 -6.68
C GLN A 63 -3.35 25.43 -6.66
N ALA A 64 -3.90 25.25 -5.47
CA ALA A 64 -5.24 24.73 -5.28
C ALA A 64 -5.82 25.30 -4.00
N MET A 65 -7.12 25.60 -3.98
CA MET A 65 -7.76 26.21 -2.84
C MET A 65 -8.97 25.38 -2.38
N VAL A 66 -9.10 25.21 -1.08
CA VAL A 66 -10.26 24.56 -0.46
C VAL A 66 -11.04 25.62 0.24
N GLU A 67 -12.29 25.80 -0.15
CA GLU A 67 -13.14 26.80 0.46
C GLU A 67 -14.25 26.11 1.20
N LEU A 68 -14.30 26.23 2.54
CA LEU A 68 -15.38 25.65 3.29
C LEU A 68 -16.31 26.76 3.74
N ASP A 69 -17.57 26.69 3.28
CA ASP A 69 -18.63 27.62 3.72
C ASP A 69 -19.63 26.83 4.52
N SER A 70 -20.56 27.51 5.18
CA SER A 70 -21.56 26.83 6.03
C SER A 70 -22.47 25.90 5.21
N ASP A 71 -22.68 26.24 3.93
CA ASP A 71 -23.58 25.54 3.03
C ASP A 71 -22.90 24.65 1.99
N GLU A 72 -21.59 24.82 1.71
CA GLU A 72 -20.93 23.95 0.73
C GLU A 72 -19.40 23.98 0.82
N LEU A 73 -18.77 22.98 0.22
CA LEU A 73 -17.33 22.84 0.14
C LEU A 73 -16.90 22.94 -1.34
N ARG A 74 -15.93 23.80 -1.63
CA ARG A 74 -15.44 23.97 -3.00
C ARG A 74 -13.96 23.69 -3.08
N VAL A 75 -13.52 23.08 -4.18
CA VAL A 75 -12.10 22.84 -4.44
C VAL A 75 -11.80 23.51 -5.77
N ILE A 76 -10.93 24.51 -5.76
CA ILE A 76 -10.64 25.31 -6.93
C ILE A 76 -9.22 25.09 -7.39
N ARG A 77 -9.05 24.69 -8.65
CA ARG A 77 -7.73 24.44 -9.19
C ARG A 77 -7.71 24.74 -10.68
N ASP A 78 -6.76 25.58 -11.13
CA ASP A 78 -6.56 25.96 -12.53
C ASP A 78 -7.84 26.55 -13.16
N GLY A 79 -8.53 27.39 -12.40
CA GLY A 79 -9.77 28.03 -12.85
C GLY A 79 -10.97 27.11 -12.92
N VAL A 80 -10.91 25.96 -12.27
CA VAL A 80 -12.01 25.00 -12.27
C VAL A 80 -12.49 24.75 -10.84
N THR A 81 -13.78 24.94 -10.59
CA THR A 81 -14.35 24.76 -9.27
C THR A 81 -15.18 23.47 -9.18
N ARG A 82 -14.90 22.62 -8.19
CA ARG A 82 -15.71 21.45 -7.92
C ARG A 82 -16.51 21.73 -6.64
N ARG A 83 -17.83 21.72 -6.73
CA ARG A 83 -18.71 22.03 -5.60
C ARG A 83 -19.25 20.77 -4.97
N GLN A 84 -19.57 20.84 -3.68
CA GLN A 84 -20.09 19.67 -2.98
C GLN A 84 -20.87 20.09 -1.74
N GLN A 85 -22.00 19.45 -1.47
CA GLN A 85 -22.71 19.67 -0.22
C GLN A 85 -22.01 18.86 0.88
N TRP A 86 -22.08 19.29 2.13
CA TRP A 86 -21.45 18.58 3.23
C TRP A 86 -22.36 18.61 4.46
N SER A 87 -22.24 17.60 5.31
CA SER A 87 -22.99 17.52 6.56
C SER A 87 -22.07 17.01 7.69
N GLY A 88 -22.50 17.20 8.94
CA GLY A 88 -21.72 16.72 10.07
C GLY A 88 -20.64 17.66 10.51
N ARG A 89 -19.51 17.13 11.00
CA ARG A 89 -18.45 17.97 11.52
C ARG A 89 -17.70 18.74 10.42
N PRO A 90 -17.55 20.05 10.59
CA PRO A 90 -16.81 20.83 9.59
C PRO A 90 -15.33 20.43 9.51
N GLY A 91 -14.77 19.95 10.60
CA GLY A 91 -13.39 19.47 10.63
C GLY A 91 -13.21 18.22 9.78
N ALA A 92 -14.21 17.34 9.76
CA ALA A 92 -14.12 16.13 8.94
C ALA A 92 -14.23 16.50 7.46
N ALA A 93 -15.09 17.48 7.12
CA ALA A 93 -15.23 17.90 5.74
C ALA A 93 -13.96 18.61 5.26
N LEU A 94 -13.41 19.53 6.07
CA LEU A 94 -12.19 20.24 5.74
C LEU A 94 -10.99 19.28 5.67
N GLY A 95 -10.87 18.40 6.65
CA GLY A 95 -9.78 17.44 6.72
C GLY A 95 -9.70 16.54 5.51
N GLU A 96 -10.84 16.03 5.04
CA GLU A 96 -10.85 15.17 3.89
C GLU A 96 -10.38 15.90 2.63
N ALA A 97 -10.80 17.15 2.44
CA ALA A 97 -10.39 17.92 1.25
C ALA A 97 -8.92 18.36 1.33
N VAL A 98 -8.44 18.70 2.53
CA VAL A 98 -7.07 19.15 2.73
C VAL A 98 -6.12 17.95 2.63
N ASP A 99 -6.51 16.74 3.09
CA ASP A 99 -5.69 15.53 2.91
C ASP A 99 -5.47 15.26 1.42
N ARG A 100 -6.47 15.55 0.57
CA ARG A 100 -6.32 15.37 -0.88
C ARG A 100 -5.28 16.37 -1.43
N LEU A 101 -5.31 17.65 -0.98
CA LEU A 101 -4.30 18.64 -1.38
C LEU A 101 -2.89 18.18 -1.02
N LEU A 102 -2.76 17.60 0.17
CA LEU A 102 -1.49 17.16 0.72
C LEU A 102 -0.95 15.87 0.08
N LEU A 103 -1.72 15.22 -0.80
CA LEU A 103 -1.19 14.09 -1.57
C LEU A 103 -0.27 14.60 -2.69
N GLU A 104 -0.39 15.88 -3.11
CA GLU A 104 0.39 16.48 -4.19
C GLU A 104 1.45 17.44 -3.71
N THR A 105 1.33 17.96 -2.49
CA THR A 105 2.25 18.95 -1.92
C THR A 105 2.52 18.63 -0.44
N ASP A 106 3.67 19.04 0.10
CA ASP A 106 4.01 18.69 1.47
C ASP A 106 3.36 19.61 2.53
N GLN A 107 2.92 20.83 2.18
CA GLN A 107 2.31 21.74 3.15
C GLN A 107 1.11 22.51 2.60
N ALA A 108 0.17 22.84 3.46
CA ALA A 108 -1.03 23.62 3.14
C ALA A 108 -1.19 24.75 4.20
N PHE A 109 -1.74 25.88 3.81
CA PHE A 109 -1.85 27.05 4.68
C PHE A 109 -3.22 27.70 4.56
N GLY A 110 -3.65 28.42 5.58
CA GLY A 110 -4.90 29.15 5.48
C GLY A 110 -5.41 29.66 6.78
N TRP A 111 -6.71 29.83 6.83
CA TRP A 111 -7.35 30.32 8.03
C TRP A 111 -8.66 29.57 8.28
N VAL A 112 -9.05 29.62 9.53
CA VAL A 112 -10.26 29.01 10.05
CA VAL A 112 -10.27 29.01 9.99
C VAL A 112 -11.01 30.12 10.79
N ALA A 113 -12.26 30.37 10.44
CA ALA A 113 -13.06 31.42 11.08
C ALA A 113 -13.53 30.98 12.44
N PHE A 114 -13.90 31.94 13.32
CA PHE A 114 -14.50 31.61 14.60
C PHE A 114 -15.74 30.68 14.42
N GLU A 115 -16.51 30.93 13.36
CA GLU A 115 -17.75 30.21 13.03
C GLU A 115 -17.53 28.72 12.76
N PHE A 116 -16.28 28.30 12.48
CA PHE A 116 -15.92 26.90 12.32
C PHE A 116 -16.17 26.11 13.63
N GLY A 117 -16.09 26.80 14.79
CA GLY A 117 -16.26 26.17 16.08
C GLY A 117 -17.66 26.10 16.67
N VAL A 118 -18.71 26.55 15.93
CA VAL A 118 -20.05 26.58 16.52
C VAL A 118 -20.85 25.25 16.34
N HIS A 119 -20.45 24.43 15.36
CA HIS A 119 -21.12 23.19 15.03
C HIS A 119 -21.06 22.18 16.17
N ARG A 120 -19.93 22.10 16.92
CA ARG A 120 -19.87 21.13 18.04
C ARG A 120 -20.89 21.48 19.14
N TYR A 121 -21.40 22.72 19.17
CA TYR A 121 -22.35 23.13 20.18
C TYR A 121 -23.79 23.22 19.64
N GLY A 122 -24.06 22.68 18.43
CA GLY A 122 -25.40 22.70 17.84
C GLY A 122 -25.93 24.10 17.59
N LEU A 123 -25.05 25.02 17.16
CA LEU A 123 -25.41 26.41 16.89
C LEU A 123 -25.28 26.80 15.41
N GLN A 124 -24.96 25.84 14.51
CA GLN A 124 -24.76 26.12 13.09
C GLN A 124 -26.00 26.65 12.36
N GLN A 125 -27.21 26.31 12.84
CA GLN A 125 -28.45 26.82 12.23
C GLN A 125 -28.59 28.35 12.43
N ARG A 126 -27.83 28.96 13.36
CA ARG A 126 -27.85 30.41 13.54
C ARG A 126 -26.94 31.12 12.51
N LEU A 127 -26.11 30.39 11.75
CA LEU A 127 -25.24 31.02 10.76
C LEU A 127 -26.05 31.42 9.54
N ALA A 128 -25.78 32.62 9.01
CA ALA A 128 -26.41 33.06 7.77
C ALA A 128 -25.94 32.18 6.61
N PRO A 129 -26.71 32.09 5.52
CA PRO A 129 -26.23 31.29 4.37
C PRO A 129 -24.89 31.79 3.84
N HIS A 130 -24.08 30.88 3.28
CA HIS A 130 -22.78 31.17 2.68
C HIS A 130 -21.79 31.77 3.68
N THR A 131 -21.89 31.42 4.97
CA THR A 131 -20.95 31.91 5.96
C THR A 131 -19.60 31.23 5.78
N PRO A 132 -18.53 32.01 5.56
CA PRO A 132 -17.19 31.40 5.44
C PRO A 132 -16.73 30.72 6.72
N LEU A 133 -16.25 29.48 6.62
CA LEU A 133 -15.73 28.74 7.77
C LEU A 133 -14.21 28.56 7.67
N ALA A 134 -13.67 28.34 6.47
CA ALA A 134 -12.25 28.07 6.30
C ALA A 134 -11.78 28.27 4.87
N ARG A 135 -10.49 28.63 4.71
CA ARG A 135 -9.84 28.77 3.40
C ARG A 135 -8.48 28.16 3.54
N VAL A 136 -8.18 27.07 2.83
CA VAL A 136 -6.88 26.41 2.96
C VAL A 136 -6.36 26.13 1.57
N PHE A 137 -5.11 26.53 1.28
CA PHE A 137 -4.56 26.35 -0.04
C PHE A 137 -3.21 25.67 -0.03
N SER A 138 -2.86 25.08 -1.15
CA SER A 138 -1.53 24.54 -1.35
C SER A 138 -0.78 25.57 -2.20
N PRO A 139 0.42 26.00 -1.75
CA PRO A 139 1.13 27.04 -2.47
C PRO A 139 1.86 26.54 -3.71
N ARG A 140 2.15 27.46 -4.63
CA ARG A 140 2.95 27.13 -5.79
C ARG A 140 4.44 27.06 -5.35
N THR A 141 4.86 27.96 -4.44
CA THR A 141 6.22 28.06 -3.96
C THR A 141 6.28 28.38 -2.48
N ARG A 142 7.34 27.93 -1.80
CA ARG A 142 7.57 28.27 -0.40
C ARG A 142 8.99 28.75 -0.20
N ILE A 143 9.15 29.78 0.61
CA ILE A 143 10.45 30.28 0.98
C ILE A 143 10.50 30.36 2.49
N MET A 144 11.40 29.62 3.14
CA MET A 144 11.50 29.68 4.60
C MET A 144 12.71 30.51 5.01
N VAL A 145 12.50 31.53 5.83
CA VAL A 145 13.58 32.38 6.28
C VAL A 145 13.77 32.21 7.77
N SER A 146 14.99 31.99 8.22
CA SER A 146 15.31 31.90 9.63
C SER A 146 16.57 32.76 9.89
N GLU A 147 17.02 32.88 11.15
CA GLU A 147 18.25 33.64 11.44
C GLU A 147 19.48 33.01 10.76
N LYS A 148 19.45 31.71 10.57
CA LYS A 148 20.55 30.95 10.02
C LYS A 148 20.57 30.94 8.48
N GLU A 149 19.41 30.70 7.83
CA GLU A 149 19.41 30.53 6.38
C GLU A 149 18.04 30.74 5.72
N ILE A 150 18.02 30.65 4.38
CA ILE A 150 16.85 30.73 3.53
C ILE A 150 16.70 29.41 2.80
N ARG A 151 15.57 28.75 2.96
CA ARG A 151 15.31 27.47 2.29
C ARG A 151 14.24 27.67 1.22
N LEU A 152 14.43 27.04 0.05
CA LEU A 152 13.52 27.22 -1.06
C LEU A 152 12.85 25.91 -1.46
N PHE A 153 11.53 25.96 -1.64
CA PHE A 153 10.74 24.81 -2.03
C PHE A 153 9.98 25.12 -3.31
N ASP A 154 10.44 24.46 -4.39
CA ASP A 154 9.90 24.60 -5.74
C ASP A 154 9.89 26.09 -6.16
N ALA A 155 11.01 26.81 -5.88
CA ALA A 155 11.18 28.24 -6.16
C ALA A 155 11.90 28.49 -7.47
N GLY A 156 11.24 29.25 -8.37
CA GLY A 156 11.74 29.54 -9.70
C GLY A 156 12.80 30.61 -9.74
N ILE A 157 13.25 30.96 -10.96
CA ILE A 157 14.28 31.97 -11.17
C ILE A 157 13.81 33.32 -10.62
N ARG A 158 12.53 33.67 -10.84
CA ARG A 158 11.96 34.93 -10.38
C ARG A 158 12.10 35.14 -8.85
N HIS A 159 11.82 34.08 -8.07
CA HIS A 159 11.94 34.15 -6.61
C HIS A 159 13.40 34.31 -6.18
N ARG A 160 14.31 33.65 -6.90
CA ARG A 160 15.74 33.69 -6.61
C ARG A 160 16.32 35.06 -6.92
N GLU A 161 15.87 35.69 -8.00
CA GLU A 161 16.33 37.04 -8.36
C GLU A 161 15.85 38.05 -7.33
N ALA A 162 14.63 37.86 -6.81
CA ALA A 162 14.06 38.73 -5.78
C ALA A 162 14.88 38.63 -4.49
N ILE A 163 15.28 37.40 -4.09
CA ILE A 163 16.10 37.19 -2.90
C ILE A 163 17.45 37.86 -3.09
N ASP A 164 18.06 37.66 -4.25
CA ASP A 164 19.37 38.21 -4.57
C ASP A 164 19.35 39.74 -4.57
N ARG A 165 18.28 40.36 -5.10
CA ARG A 165 18.22 41.82 -5.13
C ARG A 165 18.05 42.38 -3.71
N LEU A 166 17.27 41.69 -2.87
CA LEU A 166 17.07 42.12 -1.49
C LEU A 166 18.34 41.95 -0.66
N LEU A 167 19.12 40.88 -0.92
CA LEU A 167 20.37 40.65 -0.20
C LEU A 167 21.44 41.65 -0.63
N ALA A 168 21.39 42.15 -1.88
CA ALA A 168 22.37 43.09 -2.37
C ALA A 168 22.04 44.53 -1.93
N THR A 169 20.79 44.96 -2.07
CA THR A 169 20.40 46.34 -1.75
C THR A 169 19.96 46.55 -0.30
N GLY A 170 19.52 45.50 0.37
CA GLY A 170 18.98 45.62 1.71
C GLY A 170 17.48 45.88 1.67
N VAL A 171 16.78 45.66 2.78
CA VAL A 171 15.33 45.85 2.82
C VAL A 171 14.98 47.36 2.86
N ARG A 172 13.75 47.71 2.46
CA ARG A 172 13.30 49.12 2.52
C ARG A 172 13.31 49.62 3.96
N GLU A 173 13.54 50.91 4.15
CA GLU A 173 13.43 51.50 5.49
C GLU A 173 11.93 51.61 5.79
N VAL A 174 11.53 51.28 7.01
CA VAL A 174 10.12 51.35 7.39
C VAL A 174 9.79 52.82 7.57
N PRO A 175 8.78 53.32 6.84
CA PRO A 175 8.40 54.72 7.02
C PRO A 175 7.73 54.98 8.39
N GLN A 176 7.49 56.25 8.65
CA GLN A 176 6.83 56.78 9.84
C GLN A 176 5.41 56.17 9.96
N SER A 177 4.94 55.94 11.18
CA SER A 177 3.61 55.39 11.41
C SER A 177 2.56 56.50 11.57
N ARG A 178 1.29 56.17 11.38
CA ARG A 178 0.20 57.12 11.51
C ARG A 178 -0.72 56.67 12.63
N SER A 179 -1.05 57.58 13.54
CA SER A 179 -1.83 57.26 14.72
C SER A 179 -3.32 57.07 14.45
N VAL A 180 -3.98 56.29 15.33
CA VAL A 180 -5.41 56.03 15.27
CA VAL A 180 -5.42 56.03 15.29
C VAL A 180 -5.97 56.17 16.70
N ASP A 181 -7.16 56.71 16.81
CA ASP A 181 -7.84 56.89 18.09
C ASP A 181 -8.68 55.64 18.38
N VAL A 182 -8.52 55.02 19.55
CA VAL A 182 -9.33 53.85 19.92
C VAL A 182 -10.25 54.12 21.13
N SER A 183 -10.34 55.36 21.60
CA SER A 183 -11.08 55.74 22.78
C SER A 183 -12.60 55.80 22.57
N ASP A 184 -13.07 55.88 21.31
CA ASP A 184 -14.51 55.92 21.06
C ASP A 184 -15.13 54.52 21.19
N ASP A 185 -16.43 54.46 21.47
CA ASP A 185 -17.12 53.18 21.64
C ASP A 185 -18.43 53.15 20.83
N PRO A 186 -18.35 53.15 19.49
CA PRO A 186 -19.57 53.18 18.68
C PRO A 186 -20.38 51.87 18.72
N SER A 187 -19.77 50.73 19.07
CA SER A 187 -20.49 49.47 19.17
C SER A 187 -21.12 49.23 20.58
N GLY A 188 -20.97 50.17 21.50
CA GLY A 188 -21.52 50.03 22.84
C GLY A 188 -20.99 48.85 23.62
N PHE A 189 -19.67 48.64 23.55
CA PHE A 189 -18.96 47.57 24.24
C PHE A 189 -19.24 47.62 25.74
N ARG A 190 -19.20 48.82 26.36
CA ARG A 190 -19.42 48.92 27.80
C ARG A 190 -20.87 48.48 28.18
N ARG A 191 -21.90 48.89 27.39
CA ARG A 191 -23.27 48.44 27.67
C ARG A 191 -23.41 46.93 27.46
N ARG A 192 -22.72 46.35 26.46
CA ARG A 192 -22.79 44.90 26.17
C ARG A 192 -22.10 44.10 27.31
N VAL A 193 -21.04 44.65 27.90
CA VAL A 193 -20.38 44.04 29.05
C VAL A 193 -21.36 44.00 30.25
N ALA A 194 -22.08 45.09 30.51
CA ALA A 194 -23.04 45.11 31.61
C ALA A 194 -24.16 44.03 31.42
N VAL A 195 -24.58 43.79 30.17
CA VAL A 195 -25.58 42.74 29.89
C VAL A 195 -25.00 41.36 30.24
N ALA A 196 -23.75 41.10 29.81
CA ALA A 196 -23.07 39.84 30.10
C ALA A 196 -22.87 39.64 31.60
N VAL A 197 -22.48 40.70 32.33
CA VAL A 197 -22.28 40.61 33.77
C VAL A 197 -23.60 40.18 34.47
N ASP A 198 -24.74 40.73 34.05
CA ASP A 198 -26.04 40.35 34.62
C ASP A 198 -26.41 38.90 34.27
N GLU A 199 -26.03 38.41 33.08
CA GLU A 199 -26.29 37.02 32.71
C GLU A 199 -25.45 36.06 33.54
N ILE A 200 -24.21 36.45 33.87
CA ILE A 200 -23.31 35.65 34.69
C ILE A 200 -23.82 35.64 36.13
N ALA A 201 -24.28 36.80 36.64
CA ALA A 201 -24.85 36.90 37.98
C ALA A 201 -26.08 36.01 38.12
N ALA A 202 -26.89 35.91 37.05
CA ALA A 202 -28.08 35.04 37.03
C ALA A 202 -27.71 33.53 36.89
N GLY A 203 -26.42 33.20 36.74
CA GLY A 203 -25.92 31.84 36.64
C GLY A 203 -26.01 31.17 35.28
N ARG A 204 -26.13 31.95 34.19
CA ARG A 204 -26.23 31.35 32.84
C ARG A 204 -24.89 30.76 32.36
N TYR A 205 -23.76 31.36 32.78
CA TYR A 205 -22.40 30.92 32.45
C TYR A 205 -21.41 31.63 33.40
N HIS A 206 -20.11 31.31 33.32
CA HIS A 206 -19.08 31.85 34.22
C HIS A 206 -18.24 32.98 33.56
N LYS A 207 -18.01 32.88 32.26
CA LYS A 207 -17.20 33.82 31.51
C LYS A 207 -17.62 33.86 30.05
N VAL A 208 -17.55 35.03 29.43
CA VAL A 208 -17.76 35.20 27.99
C VAL A 208 -16.77 36.24 27.47
N ILE A 209 -16.19 36.00 26.30
CA ILE A 209 -15.26 36.96 25.70
C ILE A 209 -16.08 37.83 24.77
N LEU A 210 -16.12 39.12 25.03
CA LEU A 210 -16.79 40.08 24.15
C LEU A 210 -15.70 40.95 23.53
N SER A 211 -15.96 41.50 22.35
CA SER A 211 -14.98 42.29 21.63
C SER A 211 -15.56 43.54 21.00
N ARG A 212 -14.69 44.41 20.45
CA ARG A 212 -15.13 45.59 19.71
C ARG A 212 -14.18 45.81 18.51
N CYS A 213 -14.74 46.30 17.42
CA CYS A 213 -13.98 46.66 16.22
C CYS A 213 -13.54 48.11 16.33
N VAL A 214 -12.40 48.44 15.75
CA VAL A 214 -11.93 49.82 15.66
C VAL A 214 -11.61 50.06 14.22
N GLU A 215 -12.33 50.97 13.56
CA GLU A 215 -12.10 51.26 12.16
C GLU A 215 -10.82 52.10 11.99
N VAL A 216 -9.96 51.74 11.04
CA VAL A 216 -8.77 52.52 10.73
C VAL A 216 -9.18 53.43 9.58
N PRO A 217 -9.18 54.75 9.78
CA PRO A 217 -9.73 55.65 8.74
C PRO A 217 -8.85 55.87 7.51
N PHE A 218 -7.82 55.06 7.32
CA PHE A 218 -6.94 55.18 6.17
C PHE A 218 -6.49 53.78 5.78
N ALA A 219 -6.10 53.59 4.52
CA ALA A 219 -5.58 52.30 4.08
C ALA A 219 -4.15 52.13 4.60
N ILE A 220 -3.78 50.91 5.02
CA ILE A 220 -2.43 50.67 5.51
C ILE A 220 -1.62 49.79 4.54
N ASP A 221 -0.31 49.86 4.64
CA ASP A 221 0.57 48.99 3.89
C ASP A 221 0.77 47.77 4.79
N PHE A 222 0.22 46.61 4.43
CA PHE A 222 0.28 45.43 5.28
C PHE A 222 1.72 44.89 5.49
N PRO A 223 2.58 44.65 4.47
CA PRO A 223 3.95 44.16 4.78
C PRO A 223 4.79 45.15 5.62
N LEU A 224 4.71 46.47 5.39
CA LEU A 224 5.49 47.43 6.17
C LEU A 224 4.96 47.52 7.62
N THR A 225 3.63 47.53 7.80
CA THR A 225 3.02 47.51 9.14
C THR A 225 3.43 46.24 9.87
N TYR A 226 3.45 45.10 9.17
CA TYR A 226 3.86 43.82 9.76
C TYR A 226 5.28 43.93 10.32
N ARG A 227 6.20 44.48 9.53
CA ARG A 227 7.58 44.66 9.94
C ARG A 227 7.73 45.58 11.16
N LEU A 228 7.05 46.72 11.14
CA LEU A 228 7.13 47.67 12.25
C LEU A 228 6.58 47.05 13.55
N GLY A 229 5.39 46.45 13.49
CA GLY A 229 4.80 45.82 14.67
C GLY A 229 5.60 44.64 15.18
N ARG A 230 6.23 43.85 14.26
CA ARG A 230 6.95 42.65 14.68
C ARG A 230 8.21 43.00 15.51
N ARG A 231 8.85 44.15 15.27
CA ARG A 231 10.02 44.54 16.08
C ARG A 231 9.63 45.03 17.48
N HIS A 232 8.35 45.25 17.75
CA HIS A 232 7.90 45.65 19.09
C HIS A 232 7.01 44.59 19.75
N ASN A 233 7.01 43.36 19.24
CA ASN A 233 6.17 42.32 19.77
C ASN A 233 6.94 41.02 19.92
N THR A 234 6.45 40.10 20.78
CA THR A 234 7.07 38.78 20.96
C THR A 234 5.95 37.76 20.94
N PRO A 235 5.32 37.54 19.78
CA PRO A 235 4.18 36.62 19.75
C PRO A 235 4.60 35.14 19.66
N VAL A 236 3.67 34.20 19.92
CA VAL A 236 3.96 32.76 19.80
CA VAL A 236 3.98 32.78 19.83
C VAL A 236 4.06 32.37 18.33
N ARG A 237 3.29 33.02 17.46
CA ARG A 237 3.21 32.89 16.02
C ARG A 237 2.88 34.28 15.46
N SER A 238 3.11 34.49 14.19
CA SER A 238 2.71 35.74 13.53
C SER A 238 2.38 35.43 12.09
N PHE A 239 1.64 36.33 11.43
CA PHE A 239 1.23 36.08 10.06
C PHE A 239 0.98 37.38 9.31
N LEU A 240 1.04 37.28 7.98
CA LEU A 240 0.81 38.36 7.02
C LEU A 240 0.25 37.69 5.79
N LEU A 241 -0.94 38.07 5.34
CA LEU A 241 -1.53 37.39 4.20
C LEU A 241 -2.31 38.30 3.30
N GLN A 242 -2.51 37.85 2.08
CA GLN A 242 -3.41 38.39 1.09
C GLN A 242 -4.00 37.18 0.44
N LEU A 243 -5.23 36.87 0.77
CA LEU A 243 -5.89 35.67 0.29
C LEU A 243 -7.29 36.03 -0.11
N GLY A 244 -7.57 35.96 -1.41
CA GLY A 244 -8.86 36.33 -1.96
C GLY A 244 -9.19 37.79 -1.68
N GLY A 245 -10.32 38.00 -1.03
CA GLY A 245 -10.75 39.35 -0.68
C GLY A 245 -10.23 39.90 0.64
N ILE A 246 -9.39 39.15 1.38
CA ILE A 246 -8.90 39.70 2.64
C ILE A 246 -7.38 39.83 2.70
N ARG A 247 -6.94 40.94 3.29
CA ARG A 247 -5.58 41.21 3.72
C ARG A 247 -5.59 41.15 5.24
N ALA A 248 -4.58 40.52 5.84
CA ALA A 248 -4.55 40.44 7.30
C ALA A 248 -3.14 40.29 7.80
N LEU A 249 -2.90 40.75 9.01
CA LEU A 249 -1.61 40.58 9.69
C LEU A 249 -1.91 40.44 11.17
N GLY A 250 -1.07 39.72 11.90
CA GLY A 250 -1.30 39.56 13.34
C GLY A 250 -0.15 38.98 14.11
N TYR A 251 -0.15 39.26 15.42
CA TYR A 251 0.86 38.78 16.34
C TYR A 251 0.13 37.89 17.32
N SER A 252 -0.12 36.65 16.91
CA SER A 252 -0.87 35.68 17.70
CA SER A 252 -0.87 35.68 17.70
C SER A 252 -0.27 35.47 19.08
N PRO A 253 -1.03 35.78 20.13
CA PRO A 253 -0.49 35.62 21.48
C PRO A 253 -0.58 34.19 21.99
N GLU A 254 -1.43 33.37 21.38
CA GLU A 254 -1.76 32.05 21.91
C GLU A 254 -1.81 31.00 20.83
N LEU A 255 -1.26 29.84 21.13
CA LEU A 255 -1.26 28.68 20.27
C LEU A 255 -2.46 27.85 20.59
N VAL A 256 -3.41 27.72 19.64
CA VAL A 256 -4.58 26.88 19.87
C VAL A 256 -4.11 25.40 19.97
N THR A 257 -3.37 24.95 18.96
CA THR A 257 -2.82 23.61 18.97
C THR A 257 -1.69 23.46 18.02
N ALA A 258 -0.73 22.61 18.38
CA ALA A 258 0.34 22.18 17.53
C ALA A 258 0.34 20.67 17.55
N VAL A 259 0.21 20.04 16.40
CA VAL A 259 0.25 18.59 16.29
C VAL A 259 1.46 18.28 15.44
N ARG A 260 2.41 17.50 15.94
CA ARG A 260 3.57 17.16 15.12
C ARG A 260 3.39 15.78 14.48
N ALA A 261 4.16 15.50 13.41
CA ALA A 261 4.10 14.20 12.76
C ALA A 261 4.52 13.07 13.70
N ASP A 262 5.40 13.36 14.68
CA ASP A 262 5.81 12.34 15.66
C ASP A 262 4.72 12.06 16.73
N GLY A 263 3.57 12.73 16.66
CA GLY A 263 2.46 12.48 17.57
C GLY A 263 2.31 13.43 18.72
N VAL A 264 3.29 14.32 18.97
CA VAL A 264 3.21 15.27 20.09
C VAL A 264 2.14 16.33 19.81
N VAL A 265 1.24 16.56 20.77
CA VAL A 265 0.21 17.61 20.71
C VAL A 265 0.52 18.65 21.80
N ILE A 266 0.56 19.93 21.43
CA ILE A 266 0.81 21.04 22.34
C ILE A 266 -0.37 22.00 22.31
N THR A 267 -0.74 22.55 23.46
CA THR A 267 -1.73 23.62 23.56
C THR A 267 -1.20 24.60 24.63
N GLU A 268 -1.40 25.91 24.44
CA GLU A 268 -0.84 26.87 25.38
C GLU A 268 -1.85 27.92 25.76
N PRO A 269 -2.82 27.58 26.64
CA PRO A 269 -3.85 28.56 27.07
C PRO A 269 -3.30 29.76 27.83
N LEU A 270 -3.85 30.94 27.59
CA LEU A 270 -3.56 32.18 28.28
C LEU A 270 -4.81 32.68 29.00
N ALA A 271 -4.64 33.42 30.11
CA ALA A 271 -5.74 34.08 30.84
C ALA A 271 -5.17 35.20 31.67
N GLY A 272 -5.94 36.28 31.82
CA GLY A 272 -5.48 37.41 32.62
C GLY A 272 -4.65 38.35 31.78
N THR A 273 -4.71 39.64 32.11
CA THR A 273 -4.00 40.65 31.34
C THR A 273 -3.57 41.84 32.16
N ARG A 274 -2.35 42.27 31.96
CA ARG A 274 -1.83 43.54 32.48
C ARG A 274 -1.07 44.23 31.35
N ALA A 275 -0.94 45.54 31.42
CA ALA A 275 -0.17 46.29 30.43
C ALA A 275 1.34 45.95 30.54
N LEU A 276 2.05 46.12 29.45
CA LEU A 276 3.49 45.93 29.33
C LEU A 276 4.02 47.05 28.41
N GLY A 277 5.30 47.39 28.55
CA GLY A 277 5.95 48.43 27.76
C GLY A 277 5.86 49.82 28.33
N ARG A 278 5.54 49.97 29.62
CA ARG A 278 5.41 51.28 30.25
C ARG A 278 6.58 51.65 31.17
N GLY A 279 7.71 50.98 31.08
CA GLY A 279 8.84 51.24 31.96
C GLY A 279 9.14 50.02 32.80
N PRO A 280 10.42 49.76 33.09
CA PRO A 280 10.77 48.51 33.78
C PRO A 280 10.15 48.30 35.17
N ALA A 281 10.17 49.32 36.05
CA ALA A 281 9.61 49.20 37.40
C ALA A 281 8.11 49.10 37.38
N ILE A 282 7.43 49.86 36.51
CA ILE A 282 5.97 49.80 36.43
C ILE A 282 5.54 48.45 35.83
N ASP A 283 6.28 47.94 34.82
CA ASP A 283 5.98 46.63 34.25
C ASP A 283 6.19 45.51 35.24
N ARG A 284 7.19 45.63 36.12
CA ARG A 284 7.45 44.62 37.12
C ARG A 284 6.37 44.64 38.21
N LEU A 285 5.77 45.81 38.53
CA LEU A 285 4.63 45.86 39.44
C LEU A 285 3.44 45.14 38.81
N ALA A 286 3.19 45.39 37.52
CA ALA A 286 2.10 44.77 36.80
C ALA A 286 2.30 43.24 36.69
N ARG A 287 3.57 42.81 36.50
CA ARG A 287 3.93 41.39 36.41
C ARG A 287 3.65 40.70 37.75
N ASP A 288 4.11 41.30 38.87
CA ASP A 288 3.90 40.75 40.20
C ASP A 288 2.43 40.71 40.54
N ASP A 289 1.67 41.75 40.16
CA ASP A 289 0.22 41.81 40.36
C ASP A 289 -0.45 40.67 39.63
N LEU A 290 -0.16 40.51 38.32
CA LEU A 290 -0.75 39.46 37.53
C LEU A 290 -0.45 38.05 38.11
N GLU A 291 0.82 37.75 38.50
CA GLU A 291 1.19 36.44 39.05
C GLU A 291 0.55 36.08 40.34
N SER A 292 0.12 37.07 41.14
CA SER A 292 -0.44 36.85 42.47
CA SER A 292 -0.46 36.77 42.43
C SER A 292 -1.90 37.27 42.62
N ASN A 293 -2.54 37.76 41.54
CA ASN A 293 -3.92 38.24 41.59
C ASN A 293 -4.89 37.08 41.62
N SER A 294 -5.71 37.01 42.67
CA SER A 294 -6.71 35.96 42.86
C SER A 294 -7.66 35.79 41.69
N LYS A 295 -8.24 36.88 41.15
CA LYS A 295 -9.16 36.74 40.03
C LYS A 295 -8.47 36.17 38.80
N GLU A 296 -7.26 36.66 38.47
CA GLU A 296 -6.56 36.16 37.28
C GLU A 296 -6.12 34.70 37.49
N ILE A 297 -5.71 34.32 38.70
CA ILE A 297 -5.30 32.96 39.00
C ILE A 297 -6.47 31.98 38.86
N VAL A 298 -7.64 32.33 39.42
CA VAL A 298 -8.84 31.47 39.31
C VAL A 298 -9.20 31.27 37.85
N GLU A 299 -9.28 32.34 37.05
CA GLU A 299 -9.60 32.17 35.63
C GLU A 299 -8.55 31.36 34.87
N HIS A 300 -7.26 31.55 35.22
CA HIS A 300 -6.23 30.75 34.55
C HIS A 300 -6.36 29.25 34.91
N ALA A 301 -6.57 28.92 36.17
CA ALA A 301 -6.72 27.52 36.60
C ALA A 301 -7.97 26.87 35.96
N ILE A 302 -9.08 27.64 35.84
CA ILE A 302 -10.32 27.13 35.22
C ILE A 302 -10.07 26.88 33.73
N SER A 303 -9.27 27.73 33.04
CA SER A 303 -8.97 27.49 31.63
CA SER A 303 -8.97 27.50 31.63
C SER A 303 -8.06 26.28 31.43
N VAL A 304 -7.08 26.07 32.33
CA VAL A 304 -6.17 24.93 32.26
C VAL A 304 -6.98 23.65 32.47
N ARG A 305 -7.93 23.64 33.43
CA ARG A 305 -8.82 22.49 33.67
C ARG A 305 -9.64 22.16 32.39
N SER A 306 -10.15 23.19 31.72
CA SER A 306 -10.86 22.99 30.45
C SER A 306 -9.93 22.44 29.33
N SER A 307 -8.71 23.02 29.13
CA SER A 307 -7.76 22.51 28.14
C SER A 307 -7.38 21.05 28.40
N LEU A 308 -7.24 20.68 29.68
CA LEU A 308 -6.91 19.30 30.03
C LEU A 308 -8.08 18.34 29.67
N GLU A 309 -9.35 18.79 29.88
CA GLU A 309 -10.53 17.97 29.50
C GLU A 309 -10.60 17.68 28.01
N GLU A 310 -10.41 18.72 27.18
CA GLU A 310 -10.45 18.61 25.74
C GLU A 310 -9.27 17.80 25.21
N ILE A 311 -8.05 18.07 25.73
CA ILE A 311 -6.90 17.35 25.28
C ILE A 311 -7.00 15.86 25.73
N THR A 312 -7.63 15.54 26.86
CA THR A 312 -7.75 14.15 27.30
C THR A 312 -8.60 13.33 26.29
N ASP A 313 -9.59 13.96 25.65
CA ASP A 313 -10.45 13.29 24.67
C ASP A 313 -9.70 12.85 23.42
N ILE A 314 -8.65 13.57 23.02
CA ILE A 314 -7.92 13.19 21.81
C ILE A 314 -6.52 12.61 22.08
N ALA A 315 -6.11 12.52 23.35
CA ALA A 315 -4.78 12.07 23.70
C ALA A 315 -4.77 10.61 24.10
N GLU A 316 -3.60 9.95 24.01
CA GLU A 316 -3.43 8.61 24.56
C GLU A 316 -3.65 8.67 26.07
N PRO A 317 -4.38 7.73 26.69
CA PRO A 317 -4.60 7.82 28.14
C PRO A 317 -3.28 7.96 28.92
N GLY A 318 -3.26 8.89 29.86
CA GLY A 318 -2.11 9.15 30.73
C GLY A 318 -0.98 9.92 30.07
N SER A 319 -1.22 10.53 28.92
CA SER A 319 -0.16 11.27 28.25
C SER A 319 -0.27 12.79 28.44
N ALA A 320 -1.44 13.31 28.85
CA ALA A 320 -1.63 14.75 29.06
C ALA A 320 -0.82 15.24 30.26
N ALA A 321 -0.12 16.35 30.09
CA ALA A 321 0.75 16.89 31.14
C ALA A 321 0.90 18.39 31.01
N VAL A 322 0.85 19.10 32.15
CA VAL A 322 1.11 20.52 32.14
C VAL A 322 2.62 20.65 32.40
N ILE A 323 3.40 21.09 31.41
CA ILE A 323 4.85 21.17 31.58
C ILE A 323 5.33 22.55 32.01
N ASP A 324 4.48 23.57 31.90
CA ASP A 324 4.79 24.90 32.40
C ASP A 324 3.48 25.43 32.94
N PHE A 325 3.41 25.78 34.24
CA PHE A 325 2.12 26.17 34.81
C PHE A 325 2.06 27.60 35.33
N MET A 326 1.11 28.37 34.80
CA MET A 326 0.75 29.71 35.26
C MET A 326 1.94 30.66 35.40
N THR A 327 2.67 30.88 34.31
CA THR A 327 3.80 31.82 34.32
C THR A 327 3.43 33.01 33.44
N VAL A 328 4.02 34.17 33.72
CA VAL A 328 3.77 35.35 32.91
C VAL A 328 4.41 35.23 31.53
N ARG A 329 3.61 35.48 30.48
CA ARG A 329 4.01 35.47 29.08
C ARG A 329 3.91 36.88 28.55
N GLU A 330 5.00 37.40 28.01
CA GLU A 330 5.04 38.78 27.54
C GLU A 330 4.63 38.84 26.10
N ARG A 331 3.69 39.74 25.79
CA ARG A 331 3.15 39.87 24.44
C ARG A 331 3.06 41.35 23.99
N GLY A 332 4.21 42.04 23.99
CA GLY A 332 4.34 43.42 23.53
C GLY A 332 3.69 44.48 24.41
N SER A 333 2.46 44.86 24.10
CA SER A 333 1.74 45.87 24.91
C SER A 333 1.04 45.28 26.11
N VAL A 334 1.01 43.95 26.25
CA VAL A 334 0.32 43.26 27.33
C VAL A 334 1.13 42.04 27.77
N GLN A 335 0.87 41.59 28.98
CA GLN A 335 1.45 40.38 29.55
C GLN A 335 0.27 39.55 30.13
N HIS A 336 0.34 38.22 30.03
CA HIS A 336 -0.75 37.33 30.44
C HIS A 336 -0.23 36.13 31.29
N LEU A 337 -1.14 35.40 31.96
CA LEU A 337 -0.75 34.10 32.59
C LEU A 337 -0.89 33.03 31.53
N GLY A 338 0.11 32.14 31.44
CA GLY A 338 0.07 31.07 30.44
C GLY A 338 0.51 29.75 30.99
N SER A 339 0.00 28.66 30.41
CA SER A 339 0.44 27.31 30.75
C SER A 339 0.72 26.56 29.47
N THR A 340 1.67 25.61 29.51
CA THR A 340 1.97 24.80 28.33
C THR A 340 1.57 23.39 28.61
N ILE A 341 0.67 22.85 27.79
CA ILE A 341 0.16 21.52 27.97
C ILE A 341 0.65 20.66 26.81
N ARG A 342 1.16 19.47 27.12
N ARG A 342 1.21 19.49 27.11
CA ARG A 342 1.71 18.55 26.14
CA ARG A 342 1.65 18.55 26.10
C ARG A 342 1.06 17.17 26.29
C ARG A 342 0.89 17.25 26.25
N ALA A 343 0.79 16.48 25.17
CA ALA A 343 0.15 15.15 25.20
C ALA A 343 0.60 14.34 23.93
N ARG A 344 0.15 13.08 23.78
CA ARG A 344 0.43 12.30 22.59
C ARG A 344 -0.90 12.03 21.89
N LEU A 345 -0.96 12.26 20.58
CA LEU A 345 -2.17 12.05 19.80
C LEU A 345 -2.56 10.57 19.80
N ASP A 346 -3.78 10.26 20.23
CA ASP A 346 -4.23 8.88 20.30
C ASP A 346 -4.39 8.31 18.89
N PRO A 347 -4.05 7.02 18.67
CA PRO A 347 -4.20 6.42 17.33
C PRO A 347 -5.61 6.52 16.74
N SER A 348 -6.67 6.56 17.59
CA SER A 348 -8.04 6.67 17.09
C SER A 348 -8.42 8.12 16.73
N SER A 349 -7.54 9.08 16.99
CA SER A 349 -7.78 10.49 16.70
C SER A 349 -6.87 10.98 15.54
N ASP A 350 -7.11 12.20 15.09
CA ASP A 350 -6.34 12.81 14.00
C ASP A 350 -6.15 14.31 14.26
N ARG A 351 -5.28 14.98 13.50
CA ARG A 351 -5.02 16.41 13.69
C ARG A 351 -6.30 17.26 13.64
N MET A 352 -7.29 16.99 12.73
CA MET A 352 -8.53 17.77 12.66
C MET A 352 -9.39 17.55 13.90
N ALA A 353 -9.40 16.33 14.43
CA ALA A 353 -10.14 16.06 15.66
C ALA A 353 -9.48 16.79 16.84
N ALA A 354 -8.16 16.90 16.82
CA ALA A 354 -7.44 17.61 17.88
C ALA A 354 -7.78 19.09 17.81
N LEU A 355 -7.82 19.67 16.60
CA LEU A 355 -8.21 21.06 16.43
C LEU A 355 -9.65 21.27 16.91
N GLU A 356 -10.58 20.40 16.49
CA GLU A 356 -11.97 20.51 16.88
C GLU A 356 -12.18 20.38 18.37
N ALA A 357 -11.37 19.57 19.10
CA ALA A 357 -11.48 19.45 20.55
C ALA A 357 -11.00 20.75 21.24
N LEU A 358 -9.98 21.39 20.69
CA LEU A 358 -9.38 22.57 21.34
C LEU A 358 -9.88 23.92 20.78
N PHE A 359 -10.73 23.90 19.76
CA PHE A 359 -11.27 25.09 19.10
C PHE A 359 -12.78 25.14 19.34
N PRO A 360 -13.35 26.29 19.72
CA PRO A 360 -12.67 27.58 19.93
C PRO A 360 -11.90 27.60 21.24
N ALA A 361 -10.86 28.42 21.31
CA ALA A 361 -10.10 28.59 22.54
C ALA A 361 -11.00 29.20 23.62
N VAL A 362 -10.68 28.99 24.92
CA VAL A 362 -11.43 29.65 26.00
C VAL A 362 -11.29 31.19 25.84
N THR A 363 -10.11 31.65 25.39
CA THR A 363 -9.77 33.06 25.13
C THR A 363 -10.65 33.68 24.00
N ALA A 364 -11.31 32.86 23.20
CA ALA A 364 -12.20 33.27 22.12
C ALA A 364 -13.68 33.09 22.48
N SER A 365 -14.03 32.23 23.46
CA SER A 365 -15.43 31.91 23.73
C SER A 365 -15.86 32.25 25.17
N GLY A 366 -15.56 31.37 26.12
CA GLY A 366 -15.93 31.54 27.49
C GLY A 366 -15.95 30.24 28.23
N ILE A 367 -16.59 30.25 29.41
CA ILE A 367 -16.72 29.10 30.29
C ILE A 367 -18.15 29.01 30.82
N PRO A 368 -18.85 27.88 30.63
CA PRO A 368 -18.48 26.73 29.77
C PRO A 368 -18.40 27.20 28.29
N LYS A 369 -17.52 26.59 27.47
CA LYS A 369 -17.34 27.03 26.08
C LYS A 369 -18.67 27.08 25.26
N ALA A 370 -19.60 26.11 25.43
CA ALA A 370 -20.91 26.07 24.73
C ALA A 370 -21.77 27.30 25.05
N ALA A 371 -21.86 27.68 26.34
CA ALA A 371 -22.68 28.82 26.73
C ALA A 371 -22.01 30.15 26.33
N GLY A 372 -20.69 30.21 26.32
CA GLY A 372 -19.94 31.37 25.88
C GLY A 372 -20.17 31.60 24.39
N VAL A 373 -20.06 30.54 23.55
CA VAL A 373 -20.31 30.68 22.11
C VAL A 373 -21.77 31.14 21.85
N GLU A 374 -22.74 30.58 22.57
CA GLU A 374 -24.14 30.99 22.41
C GLU A 374 -24.33 32.48 22.81
N ALA A 375 -23.70 32.90 23.91
CA ALA A 375 -23.78 34.32 24.34
C ALA A 375 -23.13 35.24 23.32
N ILE A 376 -22.06 34.80 22.66
CA ILE A 376 -21.37 35.61 21.66
C ILE A 376 -22.29 35.90 20.47
N PHE A 377 -23.14 34.94 20.09
CA PHE A 377 -24.13 35.16 19.03
C PHE A 377 -25.09 36.30 19.35
N ARG A 378 -25.39 36.48 20.64
CA ARG A 378 -26.33 37.49 21.07
C ARG A 378 -25.66 38.82 21.48
N LEU A 379 -24.44 38.78 22.03
CA LEU A 379 -23.83 39.97 22.62
C LEU A 379 -22.61 40.53 21.90
N ASP A 380 -22.11 39.85 20.87
CA ASP A 380 -20.98 40.32 20.07
C ASP A 380 -21.42 40.52 18.61
N GLU A 381 -20.64 41.32 17.82
CA GLU A 381 -20.93 41.55 16.40
C GLU A 381 -20.56 40.28 15.64
N CYS A 382 -21.56 39.60 15.08
CA CYS A 382 -21.39 38.32 14.40
C CYS A 382 -21.76 38.44 12.92
N PRO A 383 -21.10 37.71 12.01
CA PRO A 383 -19.99 36.76 12.27
C PRO A 383 -18.67 37.47 12.59
N ARG A 384 -17.84 36.84 13.43
CA ARG A 384 -16.52 37.41 13.73
C ARG A 384 -15.54 37.24 12.58
N GLY A 385 -15.69 36.15 11.81
CA GLY A 385 -14.79 35.88 10.71
C GLY A 385 -13.43 35.39 11.20
N LEU A 386 -12.36 35.99 10.70
CA LEU A 386 -11.01 35.61 11.05
C LEU A 386 -10.72 35.85 12.54
N TYR A 387 -11.20 37.01 13.10
CA TYR A 387 -10.99 37.32 14.51
C TYR A 387 -11.48 36.21 15.43
N SER A 388 -10.57 35.79 16.32
CA SER A 388 -10.73 34.74 17.33
C SER A 388 -10.87 33.33 16.71
N GLY A 389 -10.57 33.20 15.42
CA GLY A 389 -10.44 31.93 14.73
C GLY A 389 -8.96 31.55 14.79
N ALA A 390 -8.45 30.91 13.73
CA ALA A 390 -7.04 30.52 13.70
C ALA A 390 -6.42 30.64 12.33
N VAL A 391 -5.11 30.86 12.29
CA VAL A 391 -4.32 30.83 11.08
C VAL A 391 -3.57 29.51 11.19
N VAL A 392 -3.63 28.69 10.13
CA VAL A 392 -3.12 27.33 10.19
C VAL A 392 -2.08 27.00 9.13
N MET A 393 -1.22 26.02 9.46
CA MET A 393 -0.20 25.42 8.62
C MET A 393 -0.28 23.92 8.79
N LEU A 394 -0.48 23.16 7.71
CA LEU A 394 -0.63 21.70 7.76
C LEU A 394 0.44 21.00 6.94
N SER A 395 0.84 19.77 7.30
CA SER A 395 1.84 19.03 6.55
C SER A 395 1.32 17.67 6.13
N ALA A 396 1.91 17.12 5.05
CA ALA A 396 1.50 15.85 4.46
C ALA A 396 1.65 14.66 5.41
N ASP A 397 2.56 14.78 6.39
CA ASP A 397 2.73 13.67 7.34
C ASP A 397 1.95 13.86 8.64
N GLY A 398 0.93 14.68 8.61
CA GLY A 398 0.03 14.79 9.76
C GLY A 398 0.20 15.96 10.70
N GLY A 399 1.11 16.85 10.37
CA GLY A 399 1.31 18.06 11.17
C GLY A 399 0.19 19.08 11.07
N LEU A 400 -0.03 19.86 12.13
CA LEU A 400 -1.02 20.96 12.16
CA LEU A 400 -1.02 20.95 12.16
C LEU A 400 -0.53 21.99 13.16
N ASP A 401 -0.49 23.25 12.75
CA ASP A 401 -0.07 24.33 13.63
C ASP A 401 -1.13 25.38 13.53
N ALA A 402 -1.84 25.66 14.61
CA ALA A 402 -2.96 26.60 14.63
C ALA A 402 -2.76 27.74 15.64
N ALA A 403 -2.60 28.95 15.16
CA ALA A 403 -2.38 30.14 15.99
C ALA A 403 -3.68 30.88 16.18
N LEU A 404 -4.02 31.28 17.40
CA LEU A 404 -5.25 32.03 17.65
C LEU A 404 -5.18 33.43 17.01
N THR A 405 -6.19 33.80 16.21
CA THR A 405 -6.17 35.07 15.49
C THR A 405 -6.66 36.21 16.35
N LEU A 406 -5.75 36.72 17.17
CA LEU A 406 -5.93 37.88 18.01
C LEU A 406 -4.78 38.86 17.70
N ARG A 407 -4.90 40.15 18.11
CA ARG A 407 -3.86 41.17 17.91
C ARG A 407 -3.55 41.29 16.40
N ALA A 408 -4.62 41.39 15.62
CA ALA A 408 -4.56 41.40 14.18
C ALA A 408 -5.30 42.61 13.54
N ALA A 409 -4.92 42.94 12.32
CA ALA A 409 -5.51 44.00 11.51
C ALA A 409 -6.07 43.35 10.23
N TYR A 410 -7.18 43.87 9.72
CA TYR A 410 -7.82 43.26 8.55
C TYR A 410 -8.24 44.30 7.54
N GLN A 411 -8.28 43.90 6.28
CA GLN A 411 -8.79 44.76 5.22
C GLN A 411 -9.61 43.92 4.27
N VAL A 412 -10.90 44.27 4.14
CA VAL A 412 -11.85 43.65 3.22
C VAL A 412 -12.54 44.78 2.51
N GLY A 413 -12.37 44.87 1.19
CA GLY A 413 -12.92 45.97 0.42
C GLY A 413 -12.19 47.24 0.78
N GLY A 414 -12.95 48.29 1.01
CA GLY A 414 -12.38 49.54 1.48
C GLY A 414 -12.35 49.66 2.99
N ARG A 415 -12.69 48.59 3.71
CA ARG A 415 -12.77 48.62 5.16
C ARG A 415 -11.50 48.03 5.80
N THR A 416 -10.82 48.84 6.61
CA THR A 416 -9.66 48.43 7.38
C THR A 416 -10.01 48.52 8.85
N TRP A 417 -9.76 47.47 9.64
CA TRP A 417 -10.14 47.51 11.05
C TRP A 417 -9.24 46.65 11.93
N LEU A 418 -9.26 46.98 13.21
CA LEU A 418 -8.63 46.25 14.32
C LEU A 418 -9.76 45.65 15.18
N ARG A 419 -9.48 44.66 16.01
CA ARG A 419 -10.52 44.08 16.87
C ARG A 419 -9.89 43.45 18.08
N ALA A 420 -10.40 43.80 19.26
CA ALA A 420 -9.87 43.27 20.51
C ALA A 420 -11.01 43.01 21.50
N GLY A 421 -10.80 42.04 22.37
CA GLY A 421 -11.82 41.66 23.34
C GLY A 421 -11.28 41.47 24.74
N ALA A 422 -12.18 41.05 25.63
CA ALA A 422 -11.85 40.83 27.04
C ALA A 422 -12.75 39.76 27.62
N GLY A 423 -12.21 38.96 28.55
CA GLY A 423 -12.94 37.91 29.23
C GLY A 423 -13.73 38.46 30.39
N ILE A 424 -15.03 38.50 30.26
CA ILE A 424 -15.91 39.07 31.26
C ILE A 424 -16.40 38.04 32.24
N ILE A 425 -16.26 38.34 33.55
CA ILE A 425 -16.66 37.48 34.65
C ILE A 425 -17.64 38.25 35.57
N GLU A 426 -18.18 37.59 36.61
CA GLU A 426 -19.16 38.23 37.49
C GLU A 426 -18.68 39.55 38.11
N GLU A 427 -17.41 39.64 38.50
CA GLU A 427 -16.88 40.85 39.14
C GLU A 427 -16.38 41.91 38.14
N SER A 428 -16.57 41.70 36.82
CA SER A 428 -16.11 42.62 35.81
C SER A 428 -16.77 43.98 35.89
N GLU A 429 -15.94 45.01 35.66
CA GLU A 429 -16.32 46.42 35.62
C GLU A 429 -16.16 46.86 34.18
N PRO A 430 -17.25 47.27 33.50
CA PRO A 430 -17.15 47.64 32.09
C PRO A 430 -15.99 48.59 31.74
N GLU A 431 -15.70 49.56 32.60
CA GLU A 431 -14.62 50.51 32.35
C GLU A 431 -13.24 49.82 32.32
N ARG A 432 -13.00 48.86 33.23
CA ARG A 432 -11.73 48.14 33.25
C ARG A 432 -11.63 47.18 32.05
N GLU A 433 -12.75 46.57 31.63
CA GLU A 433 -12.74 45.70 30.46
C GLU A 433 -12.49 46.51 29.19
N PHE A 434 -13.01 47.74 29.12
CA PHE A 434 -12.80 48.60 27.96
C PHE A 434 -11.32 48.97 27.89
N GLU A 435 -10.72 49.35 29.04
CA GLU A 435 -9.32 49.71 29.11
C GLU A 435 -8.42 48.52 28.72
N GLU A 436 -8.84 47.30 29.08
CA GLU A 436 -8.10 46.09 28.72
C GLU A 436 -8.09 45.92 27.17
N THR A 437 -9.20 46.24 26.47
CA THR A 437 -9.22 46.17 25.01
C THR A 437 -8.25 47.23 24.43
N CYS A 438 -8.13 48.42 25.06
CA CYS A 438 -7.18 49.45 24.62
C CYS A 438 -5.73 48.95 24.78
N GLU A 439 -5.41 48.30 25.90
CA GLU A 439 -4.09 47.73 26.13
C GLU A 439 -3.76 46.69 25.03
N LYS A 440 -4.71 45.85 24.67
CA LYS A 440 -4.51 44.84 23.63
C LYS A 440 -4.41 45.50 22.24
N LEU A 441 -5.19 46.55 21.98
CA LEU A 441 -5.14 47.29 20.71
C LEU A 441 -3.76 47.97 20.55
N SER A 442 -3.10 48.36 21.66
CA SER A 442 -1.78 48.98 21.65
C SER A 442 -0.67 48.07 21.10
N THR A 443 -0.96 46.78 20.87
CA THR A 443 -0.04 45.86 20.21
C THR A 443 0.20 46.33 18.76
N LEU A 444 -0.82 46.99 18.13
CA LEU A 444 -0.74 47.43 16.74
C LEU A 444 -0.90 48.92 16.51
N THR A 445 -1.72 49.63 17.33
CA THR A 445 -2.04 51.04 17.08
C THR A 445 -0.84 51.99 16.95
N PRO A 446 0.33 51.82 17.65
CA PRO A 446 1.45 52.73 17.42
C PRO A 446 2.26 52.36 16.17
N TYR A 447 1.91 51.28 15.45
CA TYR A 447 2.75 50.79 14.36
C TYR A 447 2.05 50.66 12.99
N LEU A 448 1.01 51.45 12.73
CA LEU A 448 0.30 51.38 11.45
C LEU A 448 0.97 52.27 10.40
N VAL A 449 1.47 51.66 9.32
CA VAL A 449 2.10 52.41 8.23
C VAL A 449 1.05 52.63 7.16
N ALA A 450 0.79 53.89 6.80
CA ALA A 450 -0.22 54.21 5.78
C ALA A 450 0.23 53.75 4.38
N ARG A 451 -0.74 53.42 3.55
CA ARG A 451 -0.51 53.00 2.17
C ARG A 451 -0.05 54.18 1.30
N ALA B 12 38.75 -45.67 22.58
CA ALA B 12 38.08 -45.67 23.89
C ALA B 12 37.12 -44.49 24.03
N VAL B 13 37.44 -43.35 23.42
CA VAL B 13 36.59 -42.16 23.49
C VAL B 13 36.32 -41.63 22.06
N SER B 14 35.04 -41.42 21.72
CA SER B 14 34.65 -40.89 20.42
C SER B 14 33.82 -39.62 20.58
N THR B 15 34.03 -38.62 19.69
CA THR B 15 33.28 -37.36 19.75
C THR B 15 32.45 -37.17 18.47
N ALA B 16 31.23 -36.67 18.61
CA ALA B 16 30.34 -36.45 17.47
C ALA B 16 30.69 -35.21 16.64
N SER B 17 31.63 -34.35 17.11
CA SER B 17 31.96 -33.09 16.42
C SER B 17 33.25 -33.14 15.56
N SER B 18 33.69 -34.32 15.10
CA SER B 18 34.89 -34.40 14.26
C SER B 18 34.62 -33.95 12.82
N SER B 19 35.53 -33.14 12.20
CA SER B 19 35.47 -32.71 10.79
C SER B 19 35.22 -33.91 9.86
N ILE B 20 34.35 -33.74 8.87
CA ILE B 20 34.00 -34.81 7.94
C ILE B 20 34.28 -34.36 6.53
N PRO B 21 35.13 -35.09 5.77
CA PRO B 21 35.43 -34.66 4.40
C PRO B 21 34.17 -34.64 3.54
N MET B 22 34.10 -33.68 2.63
CA MET B 22 32.97 -33.57 1.72
C MET B 22 33.17 -34.49 0.52
N PRO B 23 32.23 -35.42 0.26
CA PRO B 23 32.39 -36.32 -0.90
C PRO B 23 32.30 -35.54 -2.22
N ALA B 24 32.96 -36.05 -3.26
CA ALA B 24 33.10 -35.44 -4.57
C ALA B 24 31.82 -34.86 -5.27
N GLY B 25 30.73 -35.62 -5.47
CA GLY B 25 29.56 -35.08 -6.18
C GLY B 25 28.54 -34.33 -5.33
N VAL B 26 28.88 -34.01 -4.08
CA VAL B 26 27.93 -33.39 -3.17
C VAL B 26 28.09 -31.88 -3.17
N ASN B 27 27.02 -31.19 -3.45
CA ASN B 27 26.97 -29.74 -3.49
C ASN B 27 26.66 -29.18 -2.09
N PRO B 28 27.47 -28.22 -1.60
CA PRO B 28 27.28 -27.72 -0.23
C PRO B 28 25.93 -27.10 0.05
N ALA B 29 25.35 -26.35 -0.90
CA ALA B 29 24.04 -25.71 -0.70
C ALA B 29 22.94 -26.75 -0.54
N ASP B 30 23.02 -27.85 -1.29
CA ASP B 30 22.05 -28.95 -1.20
C ASP B 30 22.20 -29.70 0.12
N LEU B 31 23.43 -30.04 0.50
CA LEU B 31 23.65 -30.77 1.75
C LEU B 31 23.22 -29.93 2.97
N ALA B 32 23.62 -28.65 3.01
CA ALA B 32 23.28 -27.77 4.12
C ALA B 32 21.78 -27.57 4.27
N ALA B 33 21.06 -27.36 3.15
CA ALA B 33 19.61 -27.16 3.21
C ALA B 33 18.91 -28.46 3.62
N GLU B 34 19.40 -29.62 3.17
CA GLU B 34 18.83 -30.92 3.57
C GLU B 34 19.07 -31.15 5.06
N LEU B 35 20.25 -30.77 5.57
CA LEU B 35 20.57 -30.87 6.98
C LEU B 35 19.63 -30.00 7.79
N ALA B 36 19.36 -28.76 7.34
CA ALA B 36 18.42 -27.87 8.03
C ALA B 36 17.04 -28.50 8.13
N ALA B 37 16.57 -29.14 7.04
CA ALA B 37 15.28 -29.78 7.02
C ALA B 37 15.23 -31.00 7.95
N VAL B 38 16.25 -31.87 7.92
CA VAL B 38 16.26 -33.10 8.71
C VAL B 38 16.51 -32.84 10.20
N VAL B 39 17.57 -32.10 10.53
CA VAL B 39 18.02 -31.79 11.89
C VAL B 39 16.93 -31.05 12.69
N THR B 40 16.02 -30.31 12.02
CA THR B 40 14.98 -29.59 12.74
C THR B 40 13.56 -30.17 12.55
N GLU B 41 13.39 -31.19 11.70
CA GLU B 41 12.07 -31.80 11.53
C GLU B 41 11.79 -32.71 12.71
N SER B 42 12.76 -33.58 13.01
CA SER B 42 12.71 -34.52 14.11
C SER B 42 12.73 -33.85 15.49
N VAL B 43 13.08 -32.57 15.59
CA VAL B 43 13.21 -31.89 16.88
C VAL B 43 12.28 -30.62 16.96
N ASP B 44 11.73 -30.16 15.84
CA ASP B 44 10.89 -28.95 15.74
C ASP B 44 11.63 -27.75 16.36
N GLU B 45 12.87 -27.49 15.92
CA GLU B 45 13.63 -26.38 16.47
C GLU B 45 13.95 -25.36 15.37
N ASP B 46 14.14 -24.14 15.81
CA ASP B 46 14.40 -23.04 14.92
C ASP B 46 15.84 -23.09 14.40
N TYR B 47 16.10 -22.42 13.28
CA TYR B 47 17.43 -22.43 12.67
C TYR B 47 17.61 -21.27 11.72
N LEU B 48 18.86 -21.00 11.39
CA LEU B 48 19.22 -20.04 10.38
C LEU B 48 20.42 -20.59 9.64
N LEU B 49 20.29 -20.76 8.33
CA LEU B 49 21.35 -21.19 7.44
C LEU B 49 21.85 -19.96 6.71
N TYR B 50 23.14 -19.64 6.85
CA TYR B 50 23.72 -18.45 6.25
C TYR B 50 24.89 -18.81 5.39
N GLU B 51 24.85 -18.49 4.11
CA GLU B 51 25.96 -18.72 3.20
C GLU B 51 26.84 -17.48 3.20
N CYS B 52 28.12 -17.66 3.50
CA CYS B 52 29.07 -16.58 3.52
C CYS B 52 30.45 -17.07 3.01
N ASP B 53 30.89 -16.59 1.83
CA ASP B 53 32.21 -16.86 1.22
C ASP B 53 32.60 -18.37 1.17
N GLY B 54 31.75 -19.18 0.56
CA GLY B 54 31.98 -20.62 0.43
C GLY B 54 31.60 -21.46 1.62
N GLN B 55 31.18 -20.83 2.73
CA GLN B 55 30.77 -21.58 3.91
C GLN B 55 29.27 -21.48 4.12
N TRP B 56 28.58 -22.62 4.22
CA TRP B 56 27.15 -22.62 4.54
C TRP B 56 27.06 -22.92 6.03
N VAL B 57 26.77 -21.91 6.83
CA VAL B 57 26.73 -22.05 8.27
C VAL B 57 25.33 -22.31 8.74
N LEU B 58 25.07 -23.53 9.25
CA LEU B 58 23.76 -23.86 9.79
C LEU B 58 23.79 -23.66 11.31
N ALA B 59 23.09 -22.64 11.77
CA ALA B 59 22.96 -22.33 13.19
C ALA B 59 21.66 -22.96 13.64
N ALA B 60 21.72 -24.14 14.29
CA ALA B 60 20.51 -24.88 14.64
C ALA B 60 20.23 -24.86 16.13
N GLY B 61 18.97 -24.61 16.47
CA GLY B 61 18.52 -24.55 17.86
C GLY B 61 18.84 -23.21 18.47
N VAL B 62 17.96 -22.72 19.34
CA VAL B 62 18.15 -21.43 19.98
C VAL B 62 18.62 -21.62 21.42
N GLN B 63 19.88 -21.31 21.70
CA GLN B 63 20.42 -21.40 23.06
C GLN B 63 20.01 -20.16 23.84
N ALA B 64 20.12 -18.97 23.22
CA ALA B 64 19.72 -17.71 23.81
C ALA B 64 19.24 -16.79 22.71
N MET B 65 18.17 -16.05 22.95
CA MET B 65 17.58 -15.19 21.94
C MET B 65 17.48 -13.77 22.45
N VAL B 66 17.82 -12.80 21.59
CA VAL B 66 17.67 -11.39 21.87
C VAL B 66 16.58 -10.88 20.96
N GLU B 67 15.49 -10.39 21.55
CA GLU B 67 14.38 -9.87 20.77
C GLU B 67 14.29 -8.38 20.97
N LEU B 68 14.52 -7.61 19.92
CA LEU B 68 14.44 -6.15 20.03
C LEU B 68 13.20 -5.68 19.33
N ASP B 69 12.25 -5.16 20.09
CA ASP B 69 11.04 -4.57 19.55
C ASP B 69 11.13 -3.05 19.72
N SER B 70 10.21 -2.30 19.12
CA SER B 70 10.21 -0.85 19.21
C SER B 70 10.03 -0.35 20.65
N ASP B 71 9.30 -1.13 21.47
CA ASP B 71 8.96 -0.75 22.84
C ASP B 71 9.72 -1.50 23.94
N GLU B 72 10.41 -2.62 23.64
CA GLU B 72 11.16 -3.32 24.68
C GLU B 72 12.19 -4.32 24.10
N LEU B 73 13.12 -4.73 24.96
CA LEU B 73 14.17 -5.68 24.66
C LEU B 73 14.01 -6.90 25.56
N ARG B 74 13.96 -8.09 24.97
CA ARG B 74 13.83 -9.31 25.73
C ARG B 74 15.02 -10.22 25.49
N VAL B 75 15.45 -10.91 26.54
CA VAL B 75 16.53 -11.89 26.43
C VAL B 75 15.96 -13.18 26.96
N ILE B 76 15.89 -14.19 26.10
CA ILE B 76 15.28 -15.47 26.48
C ILE B 76 16.34 -16.56 26.51
N ARG B 77 16.50 -17.22 27.66
CA ARG B 77 17.50 -18.26 27.82
C ARG B 77 17.07 -19.25 28.89
N ASP B 78 17.12 -20.56 28.60
CA ASP B 78 16.80 -21.66 29.52
C ASP B 78 15.38 -21.52 30.10
N GLY B 79 14.44 -21.09 29.26
CA GLY B 79 13.05 -20.91 29.68
C GLY B 79 12.81 -19.69 30.57
N VAL B 80 13.74 -18.73 30.55
CA VAL B 80 13.62 -17.52 31.35
C VAL B 80 13.64 -16.31 30.42
N THR B 81 12.60 -15.45 30.51
CA THR B 81 12.54 -14.23 29.71
C THR B 81 12.80 -13.03 30.57
N ARG B 82 13.82 -12.25 30.21
CA ARG B 82 14.13 -11.03 30.92
C ARG B 82 13.71 -9.85 30.08
N ARG B 83 12.70 -9.10 30.52
CA ARG B 83 12.19 -7.95 29.79
C ARG B 83 12.89 -6.69 30.26
N GLN B 84 13.01 -5.73 29.36
CA GLN B 84 13.70 -4.50 29.68
C GLN B 84 13.25 -3.38 28.77
N GLN B 85 13.02 -2.20 29.32
CA GLN B 85 12.71 -1.02 28.51
C GLN B 85 14.04 -0.49 27.99
N TRP B 86 14.02 0.16 26.81
CA TRP B 86 15.24 0.71 26.26
C TRP B 86 15.00 2.07 25.68
N SER B 87 16.03 2.90 25.66
CA SER B 87 15.96 4.25 25.11
C SER B 87 17.21 4.55 24.27
N GLY B 88 17.14 5.59 23.44
CA GLY B 88 18.26 5.97 22.60
C GLY B 88 18.35 5.18 21.31
N ARG B 89 19.58 4.96 20.85
CA ARG B 89 19.83 4.24 19.60
C ARG B 89 19.53 2.75 19.71
N PRO B 90 18.77 2.21 18.74
CA PRO B 90 18.48 0.76 18.77
C PRO B 90 19.74 -0.09 18.62
N GLY B 91 20.74 0.41 17.90
CA GLY B 91 22.01 -0.28 17.73
C GLY B 91 22.75 -0.43 19.05
N ALA B 92 22.69 0.59 19.92
CA ALA B 92 23.35 0.51 21.22
C ALA B 92 22.64 -0.53 22.11
N ALA B 93 21.30 -0.57 22.05
CA ALA B 93 20.55 -1.53 22.86
C ALA B 93 20.81 -2.97 22.36
N LEU B 94 20.76 -3.18 21.05
CA LEU B 94 20.98 -4.49 20.45
C LEU B 94 22.43 -4.95 20.66
N GLY B 95 23.36 -4.05 20.43
CA GLY B 95 24.78 -4.31 20.58
C GLY B 95 25.17 -4.78 21.96
N GLU B 96 24.64 -4.12 22.99
CA GLU B 96 24.95 -4.48 24.37
C GLU B 96 24.47 -5.91 24.68
N ALA B 97 23.26 -6.27 24.22
CA ALA B 97 22.72 -7.60 24.50
C ALA B 97 23.43 -8.69 23.66
N VAL B 98 23.80 -8.37 22.42
CA VAL B 98 24.47 -9.34 21.55
C VAL B 98 25.94 -9.54 21.99
N ASP B 99 26.62 -8.48 22.50
CA ASP B 99 27.98 -8.63 23.03
C ASP B 99 27.98 -9.62 24.22
N ARG B 100 26.90 -9.62 25.03
CA ARG B 100 26.78 -10.56 26.14
C ARG B 100 26.64 -11.99 25.61
N LEU B 101 25.84 -12.21 24.55
CA LEU B 101 25.70 -13.54 23.92
C LEU B 101 27.06 -14.06 23.46
N LEU B 102 27.86 -13.17 22.86
CA LEU B 102 29.15 -13.51 22.30
C LEU B 102 30.26 -13.73 23.33
N LEU B 103 30.00 -13.49 24.62
CA LEU B 103 30.96 -13.85 25.67
C LEU B 103 30.93 -15.37 25.92
N GLU B 104 29.83 -16.05 25.58
CA GLU B 104 29.66 -17.49 25.80
C GLU B 104 29.79 -18.31 24.52
N THR B 105 29.55 -17.70 23.34
CA THR B 105 29.60 -18.40 22.05
C THR B 105 30.40 -17.55 21.03
N ASP B 106 30.99 -18.20 20.02
CA ASP B 106 31.80 -17.48 19.04
C ASP B 106 30.97 -16.76 17.97
N GLN B 107 29.73 -17.20 17.70
CA GLN B 107 28.91 -16.57 16.66
C GLN B 107 27.44 -16.39 17.05
N ALA B 108 26.82 -15.32 16.55
CA ALA B 108 25.40 -15.01 16.74
C ALA B 108 24.77 -14.73 15.37
N PHE B 109 23.51 -15.11 15.19
CA PHE B 109 22.83 -14.99 13.90
C PHE B 109 21.45 -14.41 14.05
N GLY B 110 20.93 -13.80 13.00
CA GLY B 110 19.57 -13.30 13.04
C GLY B 110 19.21 -12.40 11.91
N TRP B 111 18.18 -11.62 12.13
CA TRP B 111 17.72 -10.67 11.13
C TRP B 111 17.46 -9.33 11.78
N VAL B 112 17.51 -8.30 10.97
CA VAL B 112 17.27 -6.93 11.37
C VAL B 112 16.22 -6.38 10.39
N ALA B 113 15.12 -5.82 10.91
CA ALA B 113 14.06 -5.31 10.07
C ALA B 113 14.43 -3.96 9.46
N PHE B 114 13.75 -3.55 8.37
CA PHE B 114 13.92 -2.22 7.78
C PHE B 114 13.70 -1.12 8.85
N GLU B 115 12.73 -1.36 9.74
CA GLU B 115 12.30 -0.45 10.80
C GLU B 115 13.42 -0.16 11.83
N PHE B 116 14.46 -0.99 11.89
CA PHE B 116 15.61 -0.73 12.75
C PHE B 116 16.34 0.58 12.33
N GLY B 117 16.28 0.92 11.04
CA GLY B 117 16.95 2.09 10.49
C GLY B 117 16.20 3.41 10.50
N VAL B 118 14.98 3.47 11.08
CA VAL B 118 14.21 4.72 11.04
C VAL B 118 14.54 5.66 12.22
N HIS B 119 15.08 5.14 13.34
CA HIS B 119 15.39 5.94 14.53
C HIS B 119 16.43 7.00 14.23
N ARG B 120 17.43 6.68 13.40
CA ARG B 120 18.47 7.63 12.97
C ARG B 120 17.87 8.85 12.25
N TYR B 121 16.64 8.74 11.71
CA TYR B 121 15.99 9.83 11.00
C TYR B 121 14.79 10.41 11.75
N GLY B 122 14.65 10.13 13.04
CA GLY B 122 13.57 10.66 13.86
C GLY B 122 12.19 10.23 13.43
N LEU B 123 12.05 8.98 12.95
CA LEU B 123 10.74 8.50 12.49
C LEU B 123 10.18 7.35 13.32
N GLN B 124 10.80 7.02 14.49
CA GLN B 124 10.39 5.88 15.32
C GLN B 124 9.01 6.00 15.90
N GLN B 125 8.52 7.24 16.15
CA GLN B 125 7.18 7.40 16.71
C GLN B 125 6.08 7.00 15.69
N ARG B 126 6.42 6.83 14.41
CA ARG B 126 5.46 6.34 13.41
C ARG B 126 5.31 4.82 13.43
N LEU B 127 6.17 4.10 14.17
CA LEU B 127 6.05 2.65 14.27
C LEU B 127 4.91 2.29 15.22
N ALA B 128 4.11 1.31 14.82
CA ALA B 128 3.05 0.76 15.65
C ALA B 128 3.67 0.12 16.93
N PRO B 129 2.90 -0.03 18.02
CA PRO B 129 3.46 -0.70 19.22
C PRO B 129 3.94 -2.12 18.91
N HIS B 130 4.98 -2.57 19.62
CA HIS B 130 5.55 -3.92 19.50
C HIS B 130 6.06 -4.21 18.09
N THR B 131 6.57 -3.20 17.39
CA THR B 131 7.11 -3.42 16.05
C THR B 131 8.45 -4.14 16.17
N PRO B 132 8.57 -5.33 15.56
CA PRO B 132 9.87 -6.04 15.61
C PRO B 132 10.97 -5.25 14.90
N LEU B 133 12.14 -5.13 15.57
CA LEU B 133 13.29 -4.44 14.98
C LEU B 133 14.40 -5.44 14.67
N ALA B 134 14.61 -6.45 15.53
CA ALA B 134 15.69 -7.42 15.32
C ALA B 134 15.49 -8.68 16.16
N ARG B 135 16.00 -9.79 15.68
CA ARG B 135 16.01 -11.07 16.38
C ARG B 135 17.39 -11.64 16.20
N VAL B 136 18.17 -11.80 17.27
CA VAL B 136 19.52 -12.33 17.16
C VAL B 136 19.69 -13.42 18.18
N PHE B 137 20.16 -14.59 17.78
CA PHE B 137 20.30 -15.71 18.71
C PHE B 137 21.67 -16.35 18.65
N SER B 138 22.02 -17.04 19.72
CA SER B 138 23.22 -17.85 19.73
C SER B 138 22.73 -19.29 19.58
N PRO B 139 23.30 -20.04 18.64
CA PRO B 139 22.80 -21.38 18.38
C PRO B 139 23.24 -22.44 19.39
N ARG B 140 22.48 -23.54 19.46
CA ARG B 140 22.88 -24.68 20.28
C ARG B 140 23.98 -25.47 19.56
N THR B 141 23.88 -25.57 18.24
CA THR B 141 24.81 -26.30 17.40
C THR B 141 25.07 -25.55 16.11
N ARG B 142 26.29 -25.66 15.59
CA ARG B 142 26.62 -25.12 14.29
C ARG B 142 27.22 -26.17 13.43
N ILE B 143 26.80 -26.22 12.18
CA ILE B 143 27.37 -27.13 11.21
C ILE B 143 27.81 -26.30 10.03
N MET B 144 29.10 -26.28 9.72
CA MET B 144 29.59 -25.51 8.58
C MET B 144 29.86 -26.43 7.42
N VAL B 145 29.15 -26.23 6.34
CA VAL B 145 29.30 -27.04 5.15
C VAL B 145 30.01 -26.25 4.04
N SER B 146 31.11 -26.75 3.51
CA SER B 146 31.86 -26.13 2.42
C SER B 146 32.20 -27.21 1.38
N GLU B 147 32.78 -26.82 0.23
CA GLU B 147 33.19 -27.78 -0.79
C GLU B 147 34.22 -28.76 -0.25
N LYS B 148 35.03 -28.36 0.74
CA LYS B 148 36.09 -29.18 1.29
C LYS B 148 35.60 -30.14 2.40
N GLU B 149 34.83 -29.63 3.37
CA GLU B 149 34.44 -30.45 4.51
C GLU B 149 33.21 -29.92 5.26
N ILE B 150 32.75 -30.71 6.23
CA ILE B 150 31.67 -30.42 7.16
C ILE B 150 32.30 -30.28 8.54
N ARG B 151 32.17 -29.11 9.17
CA ARG B 151 32.73 -28.89 10.49
C ARG B 151 31.60 -28.82 11.49
N LEU B 152 31.78 -29.42 12.67
CA LEU B 152 30.73 -29.47 13.67
C LEU B 152 31.15 -28.76 14.95
N PHE B 153 30.26 -27.91 15.48
CA PHE B 153 30.48 -27.14 16.70
C PHE B 153 29.35 -27.43 17.67
N ASP B 154 29.66 -28.00 18.85
CA ASP B 154 28.69 -28.38 19.89
C ASP B 154 27.59 -29.31 19.36
N ALA B 155 27.97 -30.28 18.52
CA ALA B 155 27.04 -31.22 17.91
C ALA B 155 26.84 -32.47 18.74
N GLY B 156 25.61 -32.93 18.78
CA GLY B 156 25.29 -34.19 19.41
C GLY B 156 25.40 -35.35 18.42
N ILE B 157 25.15 -36.57 18.91
CA ILE B 157 25.15 -37.77 18.09
C ILE B 157 24.07 -37.67 17.00
N ARG B 158 22.91 -37.10 17.33
CA ARG B 158 21.78 -36.90 16.43
C ARG B 158 22.19 -36.13 15.15
N HIS B 159 23.02 -35.07 15.28
CA HIS B 159 23.47 -34.29 14.13
C HIS B 159 24.44 -35.09 13.25
N ARG B 160 25.32 -35.90 13.88
CA ARG B 160 26.26 -36.72 13.13
C ARG B 160 25.54 -37.87 12.38
N GLU B 161 24.49 -38.43 12.99
CA GLU B 161 23.71 -39.49 12.33
C GLU B 161 22.96 -38.93 11.14
N ALA B 162 22.48 -37.68 11.23
CA ALA B 162 21.79 -37.00 10.15
C ALA B 162 22.76 -36.79 8.97
N ILE B 163 24.01 -36.39 9.26
CA ILE B 163 25.02 -36.19 8.21
C ILE B 163 25.35 -37.53 7.56
N ASP B 164 25.55 -38.56 8.37
CA ASP B 164 25.87 -39.89 7.88
C ASP B 164 24.75 -40.46 7.00
N ARG B 165 23.47 -40.26 7.37
CA ARG B 165 22.37 -40.79 6.58
C ARG B 165 22.28 -40.04 5.24
N LEU B 166 22.54 -38.72 5.24
CA LEU B 166 22.50 -37.94 4.01
C LEU B 166 23.67 -38.29 3.09
N LEU B 167 24.84 -38.57 3.66
CA LEU B 167 25.99 -38.96 2.83
C LEU B 167 25.82 -40.37 2.26
N ALA B 168 25.07 -41.24 2.94
CA ALA B 168 24.86 -42.61 2.48
C ALA B 168 23.74 -42.70 1.42
N THR B 169 22.59 -42.05 1.68
CA THR B 169 21.46 -42.13 0.77
C THR B 169 21.46 -41.05 -0.32
N GLY B 170 22.14 -39.94 -0.08
CA GLY B 170 22.13 -38.83 -1.02
C GLY B 170 21.01 -37.86 -0.68
N VAL B 171 21.10 -36.61 -1.14
CA VAL B 171 20.06 -35.61 -0.83
C VAL B 171 18.77 -35.95 -1.62
N ARG B 172 17.61 -35.48 -1.15
CA ARG B 172 16.35 -35.69 -1.86
C ARG B 172 16.41 -35.03 -3.23
N GLU B 173 15.71 -35.62 -4.21
CA GLU B 173 15.59 -35.00 -5.52
C GLU B 173 14.65 -33.80 -5.36
N VAL B 174 14.97 -32.67 -5.98
CA VAL B 174 14.10 -31.51 -5.87
C VAL B 174 12.88 -31.77 -6.73
N PRO B 175 11.67 -31.74 -6.12
CA PRO B 175 10.46 -31.97 -6.91
C PRO B 175 10.16 -30.82 -7.88
N GLN B 176 9.09 -31.01 -8.66
CA GLN B 176 8.52 -30.08 -9.60
C GLN B 176 8.24 -28.71 -8.97
N SER B 177 8.39 -27.62 -9.71
CA SER B 177 8.07 -26.30 -9.17
C SER B 177 6.66 -25.88 -9.65
N ARG B 178 6.03 -24.96 -8.92
CA ARG B 178 4.70 -24.50 -9.24
C ARG B 178 4.74 -22.99 -9.54
N SER B 179 4.11 -22.58 -10.63
CA SER B 179 4.15 -21.20 -11.10
C SER B 179 3.26 -20.25 -10.28
N VAL B 180 3.62 -18.96 -10.31
CA VAL B 180 2.88 -17.87 -9.70
C VAL B 180 2.78 -16.71 -10.69
N ASP B 181 1.63 -16.04 -10.71
CA ASP B 181 1.44 -14.89 -11.59
C ASP B 181 1.85 -13.60 -10.85
N VAL B 182 2.74 -12.79 -11.43
CA VAL B 182 3.15 -11.53 -10.80
C VAL B 182 2.72 -10.30 -11.63
N SER B 183 1.94 -10.48 -12.69
CA SER B 183 1.53 -9.42 -13.60
C SER B 183 0.43 -8.49 -13.04
N ASP B 184 -0.31 -8.94 -12.01
CA ASP B 184 -1.36 -8.08 -11.43
C ASP B 184 -0.72 -7.01 -10.53
N ASP B 185 -1.40 -5.86 -10.37
CA ASP B 185 -0.89 -4.76 -9.55
C ASP B 185 -1.96 -4.34 -8.49
N PRO B 186 -2.29 -5.19 -7.51
CA PRO B 186 -3.34 -4.81 -6.53
C PRO B 186 -2.91 -3.70 -5.55
N SER B 187 -1.59 -3.51 -5.31
CA SER B 187 -1.18 -2.43 -4.41
C SER B 187 -0.99 -1.05 -5.12
N GLY B 188 -1.28 -0.99 -6.41
CA GLY B 188 -1.17 0.24 -7.18
C GLY B 188 0.25 0.76 -7.27
N PHE B 189 1.21 -0.15 -7.48
CA PHE B 189 2.63 0.19 -7.63
C PHE B 189 2.85 1.26 -8.71
N ARG B 190 2.24 1.09 -9.91
CA ARG B 190 2.43 2.06 -10.98
C ARG B 190 1.93 3.45 -10.59
N ARG B 191 0.83 3.51 -9.83
CA ARG B 191 0.23 4.74 -9.35
C ARG B 191 1.15 5.39 -8.31
N ARG B 192 1.67 4.60 -7.36
CA ARG B 192 2.57 5.12 -6.35
C ARG B 192 3.90 5.60 -6.96
N VAL B 193 4.35 4.99 -8.08
CA VAL B 193 5.57 5.45 -8.76
C VAL B 193 5.34 6.84 -9.35
N ALA B 194 4.17 7.06 -9.97
CA ALA B 194 3.85 8.36 -10.56
C ALA B 194 3.80 9.47 -9.47
N VAL B 195 3.30 9.14 -8.27
CA VAL B 195 3.27 10.08 -7.15
C VAL B 195 4.72 10.43 -6.74
N ALA B 196 5.59 9.41 -6.61
CA ALA B 196 6.99 9.63 -6.24
C ALA B 196 7.74 10.47 -7.31
N VAL B 197 7.48 10.22 -8.60
CA VAL B 197 8.12 10.97 -9.67
C VAL B 197 7.73 12.47 -9.58
N ASP B 198 6.45 12.78 -9.26
CA ASP B 198 6.03 14.16 -9.10
C ASP B 198 6.66 14.81 -7.85
N GLU B 199 6.87 14.03 -6.77
CA GLU B 199 7.52 14.55 -5.57
C GLU B 199 9.01 14.88 -5.85
N ILE B 200 9.66 14.07 -6.68
CA ILE B 200 11.06 14.27 -7.06
C ILE B 200 11.15 15.50 -7.99
N ALA B 201 10.21 15.64 -8.93
CA ALA B 201 10.17 16.80 -9.83
C ALA B 201 9.96 18.10 -9.02
N ALA B 202 9.17 18.03 -7.94
CA ALA B 202 8.96 19.20 -7.05
C ALA B 202 10.19 19.49 -6.13
N GLY B 203 11.22 18.65 -6.19
CA GLY B 203 12.45 18.82 -5.44
C GLY B 203 12.44 18.35 -4.01
N ARG B 204 11.53 17.43 -3.63
CA ARG B 204 11.44 16.97 -2.25
C ARG B 204 12.58 16.03 -1.89
N TYR B 205 13.02 15.23 -2.86
CA TYR B 205 14.13 14.29 -2.72
C TYR B 205 14.59 13.85 -4.16
N HIS B 206 15.64 13.02 -4.28
CA HIS B 206 16.16 12.61 -5.59
C HIS B 206 15.85 11.17 -5.93
N LYS B 207 15.72 10.32 -4.92
CA LYS B 207 15.43 8.92 -5.17
C LYS B 207 14.66 8.29 -4.03
N VAL B 208 13.75 7.38 -4.36
CA VAL B 208 13.03 6.58 -3.38
C VAL B 208 12.84 5.17 -3.97
N ILE B 209 13.04 4.14 -3.16
CA ILE B 209 12.79 2.77 -3.59
C ILE B 209 11.37 2.43 -3.15
N LEU B 210 10.50 2.14 -4.11
CA LEU B 210 9.14 1.68 -3.79
C LEU B 210 9.04 0.20 -4.15
N SER B 211 8.17 -0.54 -3.48
CA SER B 211 8.08 -1.98 -3.67
C SER B 211 6.64 -2.47 -3.71
N ARG B 212 6.47 -3.77 -4.03
CA ARG B 212 5.16 -4.39 -4.04
C ARG B 212 5.28 -5.84 -3.58
N CYS B 213 4.27 -6.31 -2.84
CA CYS B 213 4.20 -7.68 -2.38
C CYS B 213 3.49 -8.50 -3.45
N VAL B 214 3.85 -9.77 -3.54
CA VAL B 214 3.16 -10.70 -4.43
C VAL B 214 2.79 -11.89 -3.57
N GLU B 215 1.50 -12.12 -3.36
CA GLU B 215 1.07 -13.24 -2.55
C GLU B 215 1.24 -14.56 -3.31
N VAL B 216 1.80 -15.58 -2.66
CA VAL B 216 1.92 -16.91 -3.23
C VAL B 216 0.68 -17.67 -2.74
N PRO B 217 -0.21 -18.09 -3.65
CA PRO B 217 -1.48 -18.69 -3.20
C PRO B 217 -1.40 -20.12 -2.67
N PHE B 218 -0.21 -20.62 -2.40
CA PHE B 218 -0.04 -21.97 -1.87
C PHE B 218 1.15 -21.95 -0.92
N ALA B 219 1.19 -22.89 0.04
CA ALA B 219 2.31 -22.98 0.95
C ALA B 219 3.51 -23.60 0.20
N ILE B 220 4.73 -23.11 0.47
CA ILE B 220 5.91 -23.66 -0.18
C ILE B 220 6.79 -24.42 0.83
N ASP B 221 7.65 -25.30 0.31
CA ASP B 221 8.62 -26.00 1.12
C ASP B 221 9.86 -25.13 1.06
N PHE B 222 10.23 -24.49 2.17
CA PHE B 222 11.33 -23.53 2.17
C PHE B 222 12.70 -24.19 1.87
N PRO B 223 13.15 -25.29 2.52
CA PRO B 223 14.46 -25.86 2.15
C PRO B 223 14.55 -26.33 0.68
N LEU B 224 13.49 -26.95 0.13
CA LEU B 224 13.53 -27.42 -1.25
C LEU B 224 13.53 -26.25 -2.24
N THR B 225 12.74 -25.19 -1.96
CA THR B 225 12.71 -23.98 -2.79
C THR B 225 14.07 -23.31 -2.75
N TYR B 226 14.70 -23.27 -1.55
CA TYR B 226 16.03 -22.69 -1.39
C TYR B 226 17.03 -23.41 -2.32
N ARG B 227 17.03 -24.74 -2.31
CA ARG B 227 17.92 -25.54 -3.15
C ARG B 227 17.70 -25.29 -4.64
N LEU B 228 16.44 -25.28 -5.09
CA LEU B 228 16.13 -25.09 -6.49
C LEU B 228 16.61 -23.70 -6.98
N GLY B 229 16.28 -22.65 -6.25
CA GLY B 229 16.67 -21.31 -6.62
C GLY B 229 18.15 -21.06 -6.50
N ARG B 230 18.80 -21.70 -5.51
CA ARG B 230 20.24 -21.47 -5.31
C ARG B 230 21.05 -21.95 -6.54
N ARG B 231 20.55 -22.99 -7.23
CA ARG B 231 21.16 -23.52 -8.44
C ARG B 231 21.11 -22.55 -9.62
N HIS B 232 20.18 -21.61 -9.60
CA HIS B 232 19.99 -20.67 -10.68
C HIS B 232 20.38 -19.24 -10.32
N ASN B 233 21.13 -19.04 -9.23
CA ASN B 233 21.47 -17.69 -8.79
C ASN B 233 22.94 -17.60 -8.38
N THR B 234 23.49 -16.38 -8.33
CA THR B 234 24.88 -16.17 -7.91
C THR B 234 24.88 -15.01 -6.93
N PRO B 235 24.32 -15.20 -5.73
CA PRO B 235 24.22 -14.06 -4.80
C PRO B 235 25.51 -13.84 -4.00
N VAL B 236 25.64 -12.67 -3.36
CA VAL B 236 26.81 -12.39 -2.51
C VAL B 236 26.70 -13.21 -1.19
N ARG B 237 25.48 -13.38 -0.71
CA ARG B 237 25.12 -14.16 0.48
C ARG B 237 23.78 -14.84 0.18
N SER B 238 23.44 -15.87 0.93
CA SER B 238 22.12 -16.47 0.82
C SER B 238 21.70 -16.97 2.21
N PHE B 239 20.40 -17.18 2.41
CA PHE B 239 19.93 -17.61 3.71
C PHE B 239 18.64 -18.42 3.60
N LEU B 240 18.38 -19.20 4.64
CA LEU B 240 17.20 -20.04 4.81
C LEU B 240 16.96 -20.13 6.30
N LEU B 241 15.78 -19.70 6.78
CA LEU B 241 15.55 -19.70 8.22
C LEU B 241 14.13 -20.04 8.60
N GLN B 242 13.99 -20.44 9.86
CA GLN B 242 12.75 -20.64 10.56
C GLN B 242 13.01 -20.13 11.95
N LEU B 243 12.56 -18.93 12.25
CA LEU B 243 12.85 -18.30 13.52
C LEU B 243 11.56 -17.73 14.07
N GLY B 244 11.05 -18.32 15.14
CA GLY B 244 9.80 -17.91 15.76
C GLY B 244 8.64 -18.10 14.81
N GLY B 245 7.94 -17.01 14.54
CA GLY B 245 6.80 -17.06 13.63
C GLY B 245 7.12 -16.90 12.16
N ILE B 246 8.40 -16.67 11.77
CA ILE B 246 8.68 -16.46 10.35
C ILE B 246 9.62 -17.51 9.75
N ARG B 247 9.28 -17.90 8.52
CA ARG B 247 10.08 -18.70 7.61
C ARG B 247 10.54 -17.76 6.51
N ALA B 248 11.80 -17.82 6.11
CA ALA B 248 12.30 -16.96 5.05
C ALA B 248 13.46 -17.61 4.32
N LEU B 249 13.65 -17.23 3.08
CA LEU B 249 14.78 -17.66 2.26
C LEU B 249 15.11 -16.51 1.32
N GLY B 250 16.37 -16.38 0.90
CA GLY B 250 16.74 -15.31 -0.01
C GLY B 250 18.12 -15.43 -0.60
N TYR B 251 18.31 -14.75 -1.73
CA TYR B 251 19.57 -14.70 -2.47
C TYR B 251 20.00 -13.25 -2.48
N SER B 252 20.61 -12.82 -1.37
CA SER B 252 21.02 -11.42 -1.19
C SER B 252 21.94 -10.94 -2.31
N PRO B 253 21.51 -9.91 -3.03
CA PRO B 253 22.34 -9.40 -4.13
C PRO B 253 23.53 -8.54 -3.65
N GLU B 254 23.48 -8.02 -2.41
CA GLU B 254 24.57 -7.20 -1.93
C GLU B 254 24.67 -7.23 -0.40
N LEU B 255 25.82 -6.85 0.11
CA LEU B 255 26.06 -6.63 1.50
C LEU B 255 25.66 -5.24 1.84
N VAL B 256 24.91 -5.05 2.91
CA VAL B 256 24.68 -3.74 3.51
C VAL B 256 26.02 -3.27 4.09
N THR B 257 26.68 -4.16 4.88
CA THR B 257 27.94 -3.88 5.51
C THR B 257 28.65 -5.14 5.95
N ALA B 258 29.96 -5.10 5.87
CA ALA B 258 30.81 -6.11 6.42
C ALA B 258 31.82 -5.36 7.27
N VAL B 259 31.92 -5.73 8.54
CA VAL B 259 32.89 -5.17 9.45
C VAL B 259 33.83 -6.32 9.81
N ARG B 260 35.13 -6.18 9.53
CA ARG B 260 36.07 -7.22 9.89
C ARG B 260 36.66 -6.95 11.28
N ALA B 261 37.24 -7.99 11.91
CA ALA B 261 37.87 -7.86 13.23
C ALA B 261 39.02 -6.84 13.19
N ASP B 262 39.72 -6.72 12.06
CA ASP B 262 40.83 -5.75 11.93
C ASP B 262 40.34 -4.28 11.74
N GLY B 263 39.03 -4.07 11.67
CA GLY B 263 38.49 -2.73 11.55
C GLY B 263 38.08 -2.29 10.16
N VAL B 264 38.33 -3.08 9.13
CA VAL B 264 37.92 -2.70 7.76
C VAL B 264 36.41 -2.84 7.62
N VAL B 265 35.75 -1.79 7.10
CA VAL B 265 34.32 -1.74 6.84
C VAL B 265 34.09 -1.64 5.32
N ILE B 266 33.13 -2.40 4.83
CA ILE B 266 32.77 -2.45 3.41
C ILE B 266 31.29 -2.23 3.23
N THR B 267 30.91 -1.50 2.19
CA THR B 267 29.53 -1.40 1.78
C THR B 267 29.53 -1.57 0.24
N GLU B 268 28.46 -2.16 -0.28
CA GLU B 268 28.40 -2.49 -1.70
C GLU B 268 27.12 -2.03 -2.39
N PRO B 269 26.96 -0.74 -2.71
CA PRO B 269 25.74 -0.29 -3.38
C PRO B 269 25.56 -0.85 -4.78
N LEU B 270 24.37 -1.32 -5.02
CA LEU B 270 23.85 -1.91 -6.24
C LEU B 270 22.70 -1.05 -6.71
N ALA B 271 22.83 -0.42 -7.88
CA ALA B 271 21.76 0.42 -8.41
C ALA B 271 21.88 0.44 -9.92
N GLY B 272 20.77 0.29 -10.62
CA GLY B 272 20.80 0.20 -12.08
C GLY B 272 20.64 -1.27 -12.41
N THR B 273 19.63 -1.62 -13.22
CA THR B 273 19.25 -3.00 -13.48
C THR B 273 18.88 -3.27 -14.93
N ARG B 274 19.27 -4.45 -15.39
CA ARG B 274 18.84 -5.07 -16.64
C ARG B 274 18.55 -6.53 -16.38
N ALA B 275 17.71 -7.14 -17.22
CA ALA B 275 17.41 -8.54 -17.09
C ALA B 275 18.65 -9.38 -17.45
N LEU B 276 18.69 -10.59 -16.92
CA LEU B 276 19.73 -11.58 -17.16
C LEU B 276 19.03 -12.95 -17.20
N GLY B 277 19.63 -13.95 -17.83
CA GLY B 277 19.03 -15.28 -17.89
C GLY B 277 18.08 -15.49 -19.04
N ARG B 278 18.11 -14.61 -20.05
CA ARG B 278 17.23 -14.79 -21.21
C ARG B 278 17.97 -15.30 -22.45
N GLY B 279 19.18 -15.83 -22.30
CA GLY B 279 19.96 -16.31 -23.43
C GLY B 279 21.22 -15.48 -23.57
N PRO B 280 22.32 -16.11 -23.96
CA PRO B 280 23.60 -15.39 -24.03
C PRO B 280 23.61 -14.13 -24.92
N ALA B 281 23.06 -14.18 -26.13
CA ALA B 281 23.11 -13.00 -27.02
C ALA B 281 22.26 -11.84 -26.49
N ILE B 282 21.07 -12.14 -25.97
CA ILE B 282 20.19 -11.10 -25.45
C ILE B 282 20.82 -10.52 -24.17
N ASP B 283 21.42 -11.38 -23.32
CA ASP B 283 22.07 -10.91 -22.09
C ASP B 283 23.28 -10.00 -22.36
N ARG B 284 24.08 -10.29 -23.40
CA ARG B 284 25.24 -9.45 -23.70
C ARG B 284 24.79 -8.08 -24.26
N LEU B 285 23.64 -8.04 -24.98
CA LEU B 285 23.11 -6.76 -25.43
C LEU B 285 22.58 -5.94 -24.24
N ALA B 286 21.94 -6.62 -23.28
CA ALA B 286 21.43 -5.97 -22.07
C ALA B 286 22.58 -5.47 -21.20
N ARG B 287 23.72 -6.19 -21.17
CA ARG B 287 24.90 -5.78 -20.41
C ARG B 287 25.48 -4.47 -20.99
N ASP B 288 25.62 -4.42 -22.33
CA ASP B 288 26.12 -3.20 -23.00
C ASP B 288 25.16 -2.04 -22.81
N ASP B 289 23.86 -2.32 -22.80
CA ASP B 289 22.84 -1.29 -22.58
C ASP B 289 22.94 -0.77 -21.16
N LEU B 290 23.09 -1.66 -20.16
CA LEU B 290 23.25 -1.30 -18.76
C LEU B 290 24.49 -0.40 -18.50
N GLU B 291 25.61 -0.71 -19.14
CA GLU B 291 26.85 0.03 -18.97
C GLU B 291 26.85 1.40 -19.66
N SER B 292 25.94 1.65 -20.60
CA SER B 292 25.92 2.91 -21.34
C SER B 292 24.59 3.68 -21.23
N ASN B 293 23.62 3.15 -20.52
CA ASN B 293 22.31 3.79 -20.39
C ASN B 293 22.36 4.94 -19.37
N SER B 294 21.96 6.14 -19.80
CA SER B 294 21.95 7.32 -18.99
C SER B 294 21.15 7.15 -17.70
N LYS B 295 19.94 6.62 -17.78
CA LYS B 295 19.10 6.47 -16.60
C LYS B 295 19.73 5.49 -15.57
N GLU B 296 20.32 4.38 -16.04
CA GLU B 296 20.96 3.42 -15.14
C GLU B 296 22.28 3.96 -14.53
N ILE B 297 23.05 4.72 -15.32
CA ILE B 297 24.29 5.32 -14.84
C ILE B 297 23.98 6.40 -13.77
N VAL B 298 23.00 7.29 -14.01
CA VAL B 298 22.62 8.32 -13.02
C VAL B 298 22.14 7.65 -11.73
N GLU B 299 21.31 6.62 -11.87
CA GLU B 299 20.76 5.87 -10.75
C GLU B 299 21.91 5.26 -9.90
N HIS B 300 22.95 4.74 -10.56
CA HIS B 300 24.10 4.18 -9.84
C HIS B 300 24.97 5.26 -9.19
N ALA B 301 25.37 6.25 -9.99
CA ALA B 301 26.25 7.32 -9.57
C ALA B 301 25.73 8.05 -8.33
N ILE B 302 24.41 8.36 -8.26
CA ILE B 302 23.89 9.08 -7.11
C ILE B 302 23.87 8.20 -5.85
N SER B 303 23.69 6.87 -5.99
CA SER B 303 23.77 5.96 -4.86
C SER B 303 25.19 5.87 -4.32
N VAL B 304 26.20 5.85 -5.20
CA VAL B 304 27.61 5.78 -4.78
C VAL B 304 27.96 7.02 -3.98
N ARG B 305 27.54 8.20 -4.47
CA ARG B 305 27.81 9.47 -3.80
C ARG B 305 27.17 9.46 -2.39
N SER B 306 25.94 8.97 -2.27
CA SER B 306 25.28 8.86 -0.97
CA SER B 306 25.27 8.86 -0.98
C SER B 306 25.98 7.85 -0.05
N SER B 307 26.36 6.64 -0.56
CA SER B 307 27.02 5.64 0.29
C SER B 307 28.37 6.12 0.81
N LEU B 308 29.14 6.79 -0.05
CA LEU B 308 30.43 7.29 0.34
C LEU B 308 30.29 8.33 1.45
N GLU B 309 29.23 9.17 1.40
CA GLU B 309 29.00 10.17 2.42
C GLU B 309 28.60 9.50 3.77
N GLU B 310 27.73 8.48 3.71
CA GLU B 310 27.27 7.73 4.88
C GLU B 310 28.40 6.97 5.58
N ILE B 311 29.27 6.28 4.82
CA ILE B 311 30.35 5.51 5.42
C ILE B 311 31.40 6.44 6.10
N THR B 312 31.50 7.71 5.65
CA THR B 312 32.41 8.71 6.22
C THR B 312 32.05 9.05 7.69
N ASP B 313 30.76 8.89 8.06
CA ASP B 313 30.27 9.17 9.40
C ASP B 313 30.89 8.27 10.47
N ILE B 314 31.19 7.01 10.14
CA ILE B 314 31.77 6.09 11.12
C ILE B 314 33.23 5.72 10.84
N ALA B 315 33.86 6.36 9.85
CA ALA B 315 35.20 5.99 9.46
C ALA B 315 36.27 6.90 10.02
N GLU B 316 37.50 6.37 10.14
CA GLU B 316 38.67 7.18 10.47
C GLU B 316 38.87 8.24 9.39
N PRO B 317 39.21 9.48 9.74
CA PRO B 317 39.40 10.51 8.71
C PRO B 317 40.38 10.07 7.60
N GLY B 318 39.98 10.29 6.36
CA GLY B 318 40.73 9.98 5.16
C GLY B 318 40.77 8.51 4.77
N SER B 319 39.91 7.67 5.36
CA SER B 319 39.96 6.23 5.06
C SER B 319 38.86 5.79 4.11
N ALA B 320 37.79 6.58 3.91
CA ALA B 320 36.69 6.18 3.03
C ALA B 320 37.10 6.34 1.57
N ALA B 321 36.80 5.34 0.74
CA ALA B 321 37.14 5.38 -0.68
C ALA B 321 36.30 4.42 -1.49
N VAL B 322 36.02 4.75 -2.76
CA VAL B 322 35.37 3.83 -3.70
C VAL B 322 36.48 3.03 -4.33
N ILE B 323 36.58 1.73 -4.05
CA ILE B 323 37.69 0.93 -4.58
C ILE B 323 37.29 0.13 -5.85
N ASP B 324 36.02 0.03 -6.14
CA ASP B 324 35.54 -0.62 -7.35
C ASP B 324 34.36 0.21 -7.80
N PHE B 325 34.43 0.83 -8.99
CA PHE B 325 33.37 1.74 -9.40
C PHE B 325 32.61 1.30 -10.65
N MET B 326 31.28 1.20 -10.51
CA MET B 326 30.32 0.98 -11.58
C MET B 326 30.67 -0.22 -12.47
N THR B 327 30.75 -1.41 -11.88
CA THR B 327 31.01 -2.63 -12.66
C THR B 327 29.76 -3.50 -12.65
N VAL B 328 29.55 -4.29 -13.71
CA VAL B 328 28.40 -5.18 -13.80
C VAL B 328 28.54 -6.35 -12.86
N ARG B 329 27.53 -6.57 -12.03
CA ARG B 329 27.41 -7.67 -11.07
C ARG B 329 26.22 -8.55 -11.52
N GLU B 330 26.46 -9.82 -11.80
CA GLU B 330 25.41 -10.72 -12.27
C GLU B 330 24.70 -11.38 -11.09
N ARG B 331 23.36 -11.27 -11.07
CA ARG B 331 22.55 -11.77 -9.96
C ARG B 331 21.32 -12.59 -10.44
N GLY B 332 21.58 -13.67 -11.17
CA GLY B 332 20.55 -14.60 -11.65
C GLY B 332 19.60 -14.06 -12.70
N SER B 333 18.45 -13.54 -12.28
CA SER B 333 17.48 -12.99 -13.25
C SER B 333 17.77 -11.52 -13.59
N VAL B 334 18.72 -10.88 -12.93
CA VAL B 334 19.05 -9.48 -13.16
C VAL B 334 20.57 -9.28 -13.08
N GLN B 335 21.05 -8.20 -13.69
CA GLN B 335 22.43 -7.77 -13.64
C GLN B 335 22.39 -6.30 -13.24
N HIS B 336 23.29 -5.91 -12.33
CA HIS B 336 23.27 -4.55 -11.82
C HIS B 336 24.61 -3.85 -11.98
N LEU B 337 24.59 -2.55 -11.82
CA LEU B 337 25.81 -1.78 -11.69
C LEU B 337 26.11 -1.80 -10.17
N GLY B 338 27.34 -2.13 -9.82
CA GLY B 338 27.75 -2.20 -8.43
C GLY B 338 29.06 -1.49 -8.18
N SER B 339 29.20 -0.95 -6.98
CA SER B 339 30.43 -0.30 -6.54
C SER B 339 30.83 -0.86 -5.16
N THR B 340 32.11 -0.85 -4.83
CA THR B 340 32.59 -1.29 -3.52
C THR B 340 33.19 -0.08 -2.81
N ILE B 341 32.66 0.24 -1.64
CA ILE B 341 33.16 1.34 -0.82
C ILE B 341 33.81 0.77 0.43
N ARG B 342 35.01 1.22 0.73
CA ARG B 342 35.78 0.71 1.85
C ARG B 342 36.15 1.84 2.80
N ALA B 343 36.31 1.54 4.09
CA ALA B 343 36.73 2.50 5.12
C ALA B 343 37.32 1.74 6.34
N ARG B 344 37.97 2.45 7.27
CA ARG B 344 38.42 1.86 8.52
C ARG B 344 37.50 2.36 9.61
N LEU B 345 37.01 1.47 10.45
CA LEU B 345 36.11 1.82 11.54
C LEU B 345 36.84 2.71 12.54
N ASP B 346 36.29 3.91 12.79
CA ASP B 346 36.92 4.84 13.71
C ASP B 346 36.87 4.28 15.14
N PRO B 347 37.94 4.49 15.96
CA PRO B 347 37.95 3.96 17.34
C PRO B 347 36.75 4.40 18.20
N SER B 348 36.16 5.59 17.93
CA SER B 348 34.99 6.06 18.67
C SER B 348 33.66 5.43 18.16
N SER B 349 33.72 4.60 17.13
CA SER B 349 32.56 3.94 16.58
C SER B 349 32.63 2.41 16.85
N ASP B 350 31.55 1.70 16.60
CA ASP B 350 31.48 0.26 16.81
C ASP B 350 30.69 -0.40 15.67
N ARG B 351 30.68 -1.74 15.59
CA ARG B 351 30.03 -2.46 14.48
C ARG B 351 28.52 -2.17 14.38
N MET B 352 27.84 -1.92 15.51
CA MET B 352 26.41 -1.61 15.47
C MET B 352 26.18 -0.19 14.98
N ALA B 353 27.07 0.75 15.34
CA ALA B 353 26.98 2.12 14.81
C ALA B 353 27.24 2.14 13.33
N ALA B 354 28.15 1.27 12.85
CA ALA B 354 28.44 1.17 11.43
C ALA B 354 27.20 0.65 10.69
N LEU B 355 26.53 -0.37 11.24
CA LEU B 355 25.30 -0.90 10.67
C LEU B 355 24.22 0.19 10.63
N GLU B 356 24.03 0.93 11.74
CA GLU B 356 23.06 2.02 11.83
C GLU B 356 23.33 3.13 10.81
N ALA B 357 24.61 3.51 10.63
CA ALA B 357 24.98 4.55 9.66
C ALA B 357 24.68 4.14 8.22
N LEU B 358 24.77 2.85 7.92
CA LEU B 358 24.51 2.36 6.56
C LEU B 358 23.08 1.80 6.40
N PHE B 359 22.23 1.95 7.45
CA PHE B 359 20.87 1.42 7.53
C PHE B 359 19.81 2.50 7.50
N PRO B 360 18.70 2.26 6.80
CA PRO B 360 18.49 1.15 5.83
C PRO B 360 19.44 1.38 4.65
N ALA B 361 19.81 0.31 3.93
CA ALA B 361 20.74 0.44 2.79
C ALA B 361 20.25 1.51 1.79
N VAL B 362 21.14 2.40 1.32
CA VAL B 362 20.72 3.44 0.36
C VAL B 362 20.11 2.82 -0.91
N THR B 363 20.53 1.62 -1.27
CA THR B 363 20.00 0.97 -2.46
C THR B 363 18.58 0.43 -2.27
N ALA B 364 18.07 0.38 -1.03
CA ALA B 364 16.70 -0.04 -0.76
C ALA B 364 15.87 1.06 -0.03
N SER B 365 16.39 2.30 0.13
CA SER B 365 15.60 3.37 0.80
C SER B 365 15.46 4.60 -0.15
N GLY B 366 16.45 5.47 -0.21
CA GLY B 366 16.38 6.65 -1.05
C GLY B 366 17.42 7.68 -0.71
N ILE B 367 17.39 8.79 -1.43
CA ILE B 367 18.36 9.87 -1.32
C ILE B 367 17.66 11.22 -1.36
N PRO B 368 17.89 12.10 -0.38
CA PRO B 368 18.61 11.87 0.90
C PRO B 368 17.89 10.81 1.74
N LYS B 369 18.63 10.09 2.57
CA LYS B 369 18.08 9.01 3.39
C LYS B 369 16.87 9.42 4.21
N ALA B 370 16.94 10.55 4.94
CA ALA B 370 15.84 10.99 5.78
C ALA B 370 14.53 11.17 4.99
N ALA B 371 14.59 11.85 3.82
CA ALA B 371 13.41 12.10 2.98
C ALA B 371 12.93 10.83 2.30
N GLY B 372 13.86 9.96 1.90
CA GLY B 372 13.52 8.70 1.26
C GLY B 372 12.81 7.74 2.18
N VAL B 373 13.32 7.58 3.42
CA VAL B 373 12.69 6.72 4.44
C VAL B 373 11.31 7.27 4.80
N GLU B 374 11.19 8.61 4.91
CA GLU B 374 9.91 9.22 5.23
C GLU B 374 8.91 8.98 4.08
N ALA B 375 9.36 9.11 2.81
CA ALA B 375 8.50 8.87 1.65
C ALA B 375 8.01 7.41 1.64
N ILE B 376 8.85 6.46 2.08
CA ILE B 376 8.46 5.04 2.13
C ILE B 376 7.30 4.85 3.14
N PHE B 377 7.28 5.58 4.26
CA PHE B 377 6.17 5.50 5.22
C PHE B 377 4.83 5.93 4.58
N ARG B 378 4.89 6.86 3.61
CA ARG B 378 3.70 7.36 2.95
C ARG B 378 3.35 6.62 1.66
N LEU B 379 4.34 6.17 0.89
CA LEU B 379 4.08 5.60 -0.43
C LEU B 379 4.31 4.09 -0.55
N ASP B 380 4.67 3.42 0.54
CA ASP B 380 4.86 1.96 0.53
C ASP B 380 3.99 1.30 1.60
N GLU B 381 3.76 -0.01 1.47
CA GLU B 381 3.03 -0.80 2.47
C GLU B 381 3.98 -1.01 3.67
N CYS B 382 3.67 -0.39 4.81
CA CYS B 382 4.53 -0.45 5.98
C CYS B 382 3.82 -1.18 7.14
N PRO B 383 4.55 -1.88 8.03
CA PRO B 383 6.02 -2.04 8.06
C PRO B 383 6.52 -3.00 6.99
N ARG B 384 7.74 -2.78 6.50
CA ARG B 384 8.36 -3.66 5.53
C ARG B 384 8.82 -4.98 6.17
N GLY B 385 9.21 -4.93 7.45
CA GLY B 385 9.68 -6.10 8.18
C GLY B 385 11.05 -6.52 7.72
N LEU B 386 11.19 -7.82 7.41
CA LEU B 386 12.45 -8.37 6.95
C LEU B 386 12.89 -7.77 5.61
N TYR B 387 11.95 -7.54 4.67
CA TYR B 387 12.25 -6.97 3.35
C TYR B 387 13.00 -5.65 3.46
N SER B 388 14.12 -5.57 2.77
CA SER B 388 15.04 -4.45 2.70
C SER B 388 15.76 -4.16 4.06
N GLY B 389 15.67 -5.11 4.99
CA GLY B 389 16.44 -5.11 6.21
C GLY B 389 17.70 -5.93 5.94
N ALA B 390 18.19 -6.66 6.95
CA ALA B 390 19.37 -7.48 6.76
C ALA B 390 19.33 -8.81 7.52
N VAL B 391 20.03 -9.82 6.99
CA VAL B 391 20.26 -11.08 7.67
C VAL B 391 21.72 -10.98 8.13
N VAL B 392 21.97 -11.18 9.42
CA VAL B 392 23.28 -10.90 9.99
C VAL B 392 23.94 -12.10 10.67
N MET B 393 25.27 -12.04 10.70
CA MET B 393 26.13 -12.99 11.37
C MET B 393 27.18 -12.16 12.11
N LEU B 394 27.28 -12.34 13.42
CA LEU B 394 28.23 -11.60 14.24
C LEU B 394 29.21 -12.54 14.90
N SER B 395 30.44 -12.08 15.04
CA SER B 395 31.50 -12.89 15.62
C SER B 395 32.01 -12.30 16.92
N ALA B 396 32.45 -13.15 17.85
CA ALA B 396 32.97 -12.71 19.13
C ALA B 396 34.19 -11.79 18.98
N ASP B 397 34.95 -11.87 17.86
CA ASP B 397 36.11 -11.00 17.69
C ASP B 397 35.76 -9.60 17.07
N GLY B 398 34.48 -9.24 16.99
CA GLY B 398 34.06 -7.93 16.46
C GLY B 398 33.55 -7.91 15.05
N GLY B 399 33.55 -9.05 14.37
CA GLY B 399 33.06 -9.13 13.00
C GLY B 399 31.54 -8.98 12.89
N LEU B 400 31.11 -8.45 11.75
CA LEU B 400 29.71 -8.29 11.41
C LEU B 400 29.56 -8.51 9.92
N ASP B 401 28.62 -9.35 9.53
CA ASP B 401 28.33 -9.58 8.13
C ASP B 401 26.86 -9.39 7.94
N ALA B 402 26.45 -8.35 7.21
CA ALA B 402 25.03 -8.02 7.05
C ALA B 402 24.64 -8.04 5.59
N ALA B 403 23.82 -9.01 5.18
CA ALA B 403 23.35 -9.16 3.81
C ALA B 403 22.02 -8.48 3.64
N LEU B 404 21.86 -7.71 2.58
CA LEU B 404 20.60 -7.00 2.32
C LEU B 404 19.51 -8.00 2.00
N THR B 405 18.36 -7.92 2.71
CA THR B 405 17.28 -8.87 2.51
C THR B 405 16.42 -8.45 1.33
N LEU B 406 16.90 -8.82 0.15
CA LEU B 406 16.21 -8.66 -1.12
C LEU B 406 16.22 -10.00 -1.81
N ARG B 407 15.33 -10.21 -2.83
CA ARG B 407 15.24 -11.47 -3.58
C ARG B 407 14.92 -12.60 -2.62
N ALA B 408 13.92 -12.37 -1.76
CA ALA B 408 13.53 -13.27 -0.69
C ALA B 408 12.02 -13.60 -0.67
N ALA B 409 11.68 -14.74 -0.07
CA ALA B 409 10.32 -15.25 0.11
C ALA B 409 10.05 -15.35 1.62
N TYR B 410 8.82 -15.10 2.05
CA TYR B 410 8.50 -15.09 3.48
C TYR B 410 7.23 -15.83 3.77
N GLN B 411 7.13 -16.40 4.97
CA GLN B 411 5.91 -17.04 5.42
C GLN B 411 5.70 -16.71 6.87
N VAL B 412 4.57 -16.05 7.18
CA VAL B 412 4.13 -15.72 8.54
C VAL B 412 2.69 -16.15 8.63
N GLY B 413 2.41 -17.13 9.48
CA GLY B 413 1.08 -17.69 9.62
C GLY B 413 0.75 -18.46 8.35
N GLY B 414 -0.43 -18.23 7.83
CA GLY B 414 -0.83 -18.83 6.56
C GLY B 414 -0.50 -17.94 5.36
N ARG B 415 0.24 -16.86 5.56
CA ARG B 415 0.56 -15.94 4.47
C ARG B 415 1.98 -16.19 3.93
N THR B 416 2.07 -16.48 2.63
CA THR B 416 3.34 -16.65 1.94
C THR B 416 3.44 -15.55 0.88
N TRP B 417 4.56 -14.83 0.83
CA TRP B 417 4.69 -13.75 -0.14
C TRP B 417 6.12 -13.49 -0.58
N LEU B 418 6.23 -12.85 -1.74
CA LEU B 418 7.45 -12.33 -2.35
C LEU B 418 7.38 -10.80 -2.29
N ARG B 419 8.49 -10.10 -2.46
CA ARG B 419 8.47 -8.64 -2.47
C ARG B 419 9.65 -8.11 -3.23
N ALA B 420 9.39 -7.19 -4.16
CA ALA B 420 10.43 -6.59 -4.97
C ALA B 420 10.12 -5.12 -5.22
N GLY B 421 11.16 -4.34 -5.44
CA GLY B 421 11.00 -2.91 -5.67
C GLY B 421 11.86 -2.36 -6.77
N ALA B 422 11.85 -1.04 -6.90
CA ALA B 422 12.63 -0.35 -7.92
C ALA B 422 12.99 1.06 -7.44
N GLY B 423 14.22 1.48 -7.78
CA GLY B 423 14.73 2.80 -7.43
C GLY B 423 14.11 3.81 -8.38
N ILE B 424 13.36 4.74 -7.83
CA ILE B 424 12.65 5.73 -8.63
C ILE B 424 13.33 7.05 -8.59
N ILE B 425 13.69 7.57 -9.77
CA ILE B 425 14.33 8.87 -9.94
C ILE B 425 13.44 9.77 -10.82
N GLU B 426 13.83 11.03 -11.06
CA GLU B 426 13.01 11.97 -11.83
C GLU B 426 12.63 11.44 -13.23
N GLU B 427 13.56 10.76 -13.93
CA GLU B 427 13.25 10.25 -15.28
C GLU B 427 12.51 8.90 -15.30
N SER B 428 12.16 8.35 -14.13
CA SER B 428 11.48 7.05 -14.08
C SER B 428 10.09 7.05 -14.72
N GLU B 429 9.71 5.91 -15.31
CA GLU B 429 8.40 5.70 -15.92
C GLU B 429 7.73 4.52 -15.21
N PRO B 430 6.47 4.68 -14.78
CA PRO B 430 5.78 3.61 -14.03
C PRO B 430 5.79 2.23 -14.71
N GLU B 431 5.62 2.16 -16.04
CA GLU B 431 5.60 0.87 -16.74
C GLU B 431 6.96 0.16 -16.70
N ARG B 432 8.06 0.89 -16.94
CA ARG B 432 9.40 0.30 -16.90
C ARG B 432 9.75 -0.14 -15.46
N GLU B 433 9.39 0.69 -14.45
CA GLU B 433 9.69 0.33 -13.08
C GLU B 433 8.89 -0.91 -12.66
N PHE B 434 7.64 -1.06 -13.13
CA PHE B 434 6.85 -2.26 -12.81
C PHE B 434 7.52 -3.50 -13.43
N GLU B 435 7.97 -3.40 -14.70
CA GLU B 435 8.66 -4.49 -15.37
C GLU B 435 9.98 -4.85 -14.65
N GLU B 436 10.67 -3.84 -14.10
CA GLU B 436 11.89 -4.08 -13.35
C GLU B 436 11.60 -4.93 -12.08
N THR B 437 10.45 -4.71 -11.42
CA THR B 437 10.08 -5.53 -10.26
C THR B 437 9.83 -6.98 -10.73
N CYS B 438 9.25 -7.18 -11.93
CA CYS B 438 9.03 -8.52 -12.49
C CYS B 438 10.38 -9.23 -12.74
N GLU B 439 11.35 -8.51 -13.30
CA GLU B 439 12.70 -9.03 -13.53
C GLU B 439 13.34 -9.50 -12.20
N LYS B 440 13.20 -8.70 -11.14
CA LYS B 440 13.76 -9.05 -9.83
C LYS B 440 12.98 -10.21 -9.19
N LEU B 441 11.66 -10.27 -9.37
CA LEU B 441 10.83 -11.37 -8.87
C LEU B 441 11.21 -12.70 -9.55
N SER B 442 11.67 -12.64 -10.81
CA SER B 442 12.10 -13.82 -11.58
C SER B 442 13.31 -14.55 -10.96
N THR B 443 13.96 -13.97 -9.96
CA THR B 443 15.03 -14.62 -9.21
C THR B 443 14.44 -15.86 -8.46
N LEU B 444 13.16 -15.81 -8.06
CA LEU B 444 12.48 -16.85 -7.29
C LEU B 444 11.25 -17.47 -7.93
N THR B 445 10.45 -16.69 -8.67
CA THR B 445 9.16 -17.19 -9.22
C THR B 445 9.24 -18.48 -10.05
N PRO B 446 10.31 -18.81 -10.83
CA PRO B 446 10.32 -20.10 -11.53
C PRO B 446 10.74 -21.28 -10.64
N TYR B 447 11.07 -21.02 -9.35
CA TYR B 447 11.66 -22.06 -8.52
C TYR B 447 10.90 -22.34 -7.21
N LEU B 448 9.59 -22.09 -7.16
CA LEU B 448 8.82 -22.32 -5.94
C LEU B 448 8.35 -23.77 -5.83
N VAL B 449 8.81 -24.50 -4.82
CA VAL B 449 8.38 -25.89 -4.62
C VAL B 449 7.25 -25.89 -3.60
N ALA B 450 6.08 -26.44 -3.96
CA ALA B 450 4.94 -26.48 -3.07
C ALA B 450 5.17 -27.43 -1.88
N ARG B 451 4.55 -27.12 -0.74
CA ARG B 451 4.62 -27.91 0.49
C ARG B 451 3.86 -29.21 0.39
N SER C 17 -13.78 -27.92 26.88
CA SER C 17 -14.96 -28.57 27.44
C SER C 17 -14.70 -29.10 28.88
N SER C 18 -14.78 -28.19 29.87
CA SER C 18 -14.57 -28.50 31.31
C SER C 18 -15.75 -27.92 32.15
N SER C 19 -15.93 -28.33 33.45
CA SER C 19 -17.06 -27.76 34.21
C SER C 19 -16.80 -27.57 35.72
N ILE C 20 -17.10 -26.37 36.23
CA ILE C 20 -16.91 -26.01 37.63
C ILE C 20 -18.22 -25.54 38.22
N PRO C 21 -18.70 -26.15 39.33
CA PRO C 21 -19.97 -25.68 39.92
C PRO C 21 -19.91 -24.22 40.40
N MET C 22 -21.04 -23.52 40.34
CA MET C 22 -21.12 -22.12 40.76
C MET C 22 -21.09 -22.03 42.29
N PRO C 23 -20.26 -21.16 42.90
CA PRO C 23 -20.19 -21.12 44.37
C PRO C 23 -21.39 -20.45 45.03
N ALA C 24 -21.71 -20.89 46.26
CA ALA C 24 -22.82 -20.36 47.04
C ALA C 24 -22.58 -18.89 47.37
N GLY C 25 -23.60 -18.09 47.14
CA GLY C 25 -23.52 -16.66 47.41
C GLY C 25 -23.05 -15.80 46.27
N VAL C 26 -22.56 -16.41 45.18
CA VAL C 26 -22.06 -15.63 44.04
C VAL C 26 -23.12 -15.49 42.95
N ASN C 27 -23.31 -14.26 42.43
CA ASN C 27 -24.24 -14.05 41.32
C ASN C 27 -23.48 -14.24 40.02
N PRO C 28 -24.06 -14.97 39.04
CA PRO C 28 -23.36 -15.17 37.76
C PRO C 28 -22.89 -13.87 37.09
N ALA C 29 -23.68 -12.77 37.15
CA ALA C 29 -23.28 -11.50 36.53
C ALA C 29 -22.03 -10.94 37.20
N ASP C 30 -21.95 -11.07 38.52
CA ASP C 30 -20.80 -10.60 39.27
C ASP C 30 -19.56 -11.43 38.90
N LEU C 31 -19.67 -12.77 38.92
CA LEU C 31 -18.54 -13.64 38.60
C LEU C 31 -18.03 -13.43 37.17
N ALA C 32 -18.91 -13.39 36.18
CA ALA C 32 -18.52 -13.20 34.78
C ALA C 32 -17.78 -11.86 34.55
N ALA C 33 -18.27 -10.75 35.16
CA ALA C 33 -17.62 -9.45 34.98
C ALA C 33 -16.28 -9.40 35.71
N GLU C 34 -16.17 -10.07 36.86
CA GLU C 34 -14.90 -10.18 37.57
C GLU C 34 -13.90 -11.03 36.79
N LEU C 35 -14.39 -12.11 36.15
CA LEU C 35 -13.54 -12.95 35.31
C LEU C 35 -13.00 -12.15 34.14
N ALA C 36 -13.85 -11.32 33.50
CA ALA C 36 -13.40 -10.48 32.39
C ALA C 36 -12.27 -9.54 32.83
N ALA C 37 -12.40 -8.98 34.03
CA ALA C 37 -11.37 -8.08 34.58
C ALA C 37 -10.09 -8.82 34.94
N VAL C 38 -10.17 -9.99 35.59
CA VAL C 38 -8.97 -10.71 36.03
C VAL C 38 -8.24 -11.38 34.86
N VAL C 39 -8.97 -12.15 34.04
CA VAL C 39 -8.44 -12.91 32.91
C VAL C 39 -7.71 -11.99 31.90
N THR C 40 -8.14 -10.72 31.77
CA THR C 40 -7.53 -9.82 30.80
C THR C 40 -6.69 -8.70 31.44
N GLU C 41 -6.48 -8.70 32.77
CA GLU C 41 -5.62 -7.70 33.40
C GLU C 41 -4.18 -8.21 33.35
N SER C 42 -3.99 -9.47 33.75
CA SER C 42 -2.71 -10.15 33.79
C SER C 42 -2.09 -10.33 32.40
N VAL C 43 -2.87 -10.22 31.30
CA VAL C 43 -2.33 -10.44 29.96
C VAL C 43 -2.64 -9.28 28.98
N ASP C 44 -3.44 -8.28 29.40
CA ASP C 44 -3.84 -7.12 28.59
C ASP C 44 -4.41 -7.56 27.24
N GLU C 45 -5.50 -8.34 27.27
CA GLU C 45 -6.08 -8.84 26.03
C GLU C 45 -7.53 -8.38 25.87
N ASP C 46 -8.00 -8.30 24.63
CA ASP C 46 -9.36 -7.91 24.33
C ASP C 46 -10.38 -8.98 24.70
N TYR C 47 -11.65 -8.60 24.87
CA TYR C 47 -12.70 -9.54 25.25
C TYR C 47 -14.09 -8.97 24.95
N LEU C 48 -15.08 -9.86 24.93
CA LEU C 48 -16.47 -9.50 24.77
C LEU C 48 -17.27 -10.43 25.67
N LEU C 49 -17.98 -9.87 26.66
CA LEU C 49 -18.86 -10.56 27.59
C LEU C 49 -20.30 -10.29 27.18
N TYR C 50 -21.08 -11.34 26.95
CA TYR C 50 -22.46 -11.19 26.49
C TYR C 50 -23.43 -11.99 27.32
N GLU C 51 -24.48 -11.35 27.81
CA GLU C 51 -25.52 -12.03 28.56
C GLU C 51 -26.71 -12.32 27.66
N CYS C 52 -27.22 -13.54 27.73
CA CYS C 52 -28.30 -14.01 26.90
C CYS C 52 -28.96 -15.25 27.55
N ASP C 53 -30.28 -15.19 27.80
CA ASP C 53 -31.08 -16.30 28.33
C ASP C 53 -30.48 -16.97 29.59
N GLY C 54 -29.96 -16.16 30.51
CA GLY C 54 -29.39 -16.68 31.75
C GLY C 54 -27.95 -17.14 31.65
N GLN C 55 -27.34 -17.04 30.46
CA GLN C 55 -25.95 -17.39 30.21
C GLN C 55 -25.12 -16.16 29.91
N TRP C 56 -23.96 -16.08 30.53
CA TRP C 56 -22.96 -15.08 30.21
C TRP C 56 -21.88 -15.82 29.47
N VAL C 57 -21.48 -15.31 28.32
CA VAL C 57 -20.42 -15.93 27.55
C VAL C 57 -19.30 -14.93 27.49
N LEU C 58 -18.17 -15.30 28.05
CA LEU C 58 -17.00 -14.45 27.99
C LEU C 58 -16.09 -14.95 26.87
N ALA C 59 -16.01 -14.21 25.78
CA ALA C 59 -15.11 -14.50 24.66
C ALA C 59 -13.82 -13.74 24.94
N ALA C 60 -12.77 -14.40 25.44
CA ALA C 60 -11.53 -13.70 25.83
C ALA C 60 -10.35 -14.00 24.92
N GLY C 61 -9.62 -12.96 24.56
CA GLY C 61 -8.45 -13.08 23.71
C GLY C 61 -8.83 -13.10 22.25
N VAL C 62 -8.02 -12.47 21.41
CA VAL C 62 -8.30 -12.39 20.00
C VAL C 62 -7.41 -13.36 19.23
N GLN C 63 -8.01 -14.44 18.72
CA GLN C 63 -7.28 -15.39 17.91
C GLN C 63 -7.15 -14.84 16.48
N ALA C 64 -8.24 -14.27 15.95
CA ALA C 64 -8.26 -13.60 14.65
C ALA C 64 -9.31 -12.50 14.66
N MET C 65 -9.01 -11.36 14.06
CA MET C 65 -9.89 -10.21 14.07
C MET C 65 -10.18 -9.74 12.66
N VAL C 66 -11.44 -9.42 12.39
CA VAL C 66 -11.86 -8.84 11.14
C VAL C 66 -12.28 -7.42 11.43
N GLU C 67 -11.61 -6.44 10.81
CA GLU C 67 -11.92 -5.04 10.99
C GLU C 67 -12.48 -4.49 9.71
N LEU C 68 -13.77 -4.13 9.68
CA LEU C 68 -14.36 -3.57 8.48
C LEU C 68 -14.53 -2.07 8.66
N ASP C 69 -13.74 -1.30 7.94
CA ASP C 69 -13.83 0.14 7.92
C ASP C 69 -14.52 0.54 6.62
N SER C 70 -14.89 1.81 6.47
CA SER C 70 -15.54 2.29 5.26
C SER C 70 -14.66 2.23 4.03
N ASP C 71 -13.34 2.33 4.20
CA ASP C 71 -12.36 2.39 3.12
C ASP C 71 -11.59 1.09 2.89
N GLU C 72 -11.49 0.24 3.92
CA GLU C 72 -10.69 -0.98 3.80
C GLU C 72 -11.09 -2.05 4.83
N LEU C 73 -10.84 -3.31 4.46
CA LEU C 73 -11.08 -4.47 5.31
C LEU C 73 -9.73 -5.04 5.76
N ARG C 74 -9.55 -5.25 7.06
CA ARG C 74 -8.32 -5.80 7.59
C ARG C 74 -8.57 -7.13 8.30
N VAL C 75 -7.67 -8.10 8.12
CA VAL C 75 -7.77 -9.38 8.81
C VAL C 75 -6.50 -9.54 9.61
N ILE C 76 -6.58 -9.45 10.92
CA ILE C 76 -5.41 -9.54 11.78
C ILE C 76 -5.38 -10.92 12.43
N ARG C 77 -4.42 -11.75 12.02
CA ARG C 77 -4.25 -13.09 12.53
C ARG C 77 -2.78 -13.39 12.59
N ASP C 78 -2.29 -13.85 13.75
CA ASP C 78 -0.87 -14.13 13.96
C ASP C 78 -0.02 -12.86 13.74
N GLY C 79 -0.53 -11.73 14.20
CA GLY C 79 0.15 -10.45 14.07
C GLY C 79 -0.07 -9.78 12.73
N VAL C 80 0.38 -10.43 11.64
CA VAL C 80 0.28 -9.91 10.27
C VAL C 80 -1.13 -9.43 9.92
N THR C 81 -1.22 -8.22 9.36
CA THR C 81 -2.46 -7.56 8.97
C THR C 81 -2.66 -7.67 7.46
N ARG C 82 -3.75 -8.30 7.03
CA ARG C 82 -4.04 -8.47 5.60
C ARG C 82 -5.02 -7.39 5.10
N ARG C 83 -4.47 -6.22 4.73
CA ARG C 83 -5.27 -5.11 4.19
C ARG C 83 -5.93 -5.51 2.89
N GLN C 84 -7.09 -4.95 2.61
CA GLN C 84 -7.82 -5.27 1.38
C GLN C 84 -8.83 -4.20 1.06
N GLN C 85 -8.90 -3.78 -0.19
CA GLN C 85 -9.92 -2.81 -0.61
C GLN C 85 -11.21 -3.59 -0.85
N TRP C 86 -12.37 -2.94 -0.65
CA TRP C 86 -13.64 -3.61 -0.88
C TRP C 86 -14.63 -2.69 -1.55
N SER C 87 -15.57 -3.28 -2.29
CA SER C 87 -16.61 -2.53 -2.98
C SER C 87 -17.97 -3.24 -2.84
N GLY C 88 -19.04 -2.51 -3.11
CA GLY C 88 -20.39 -3.05 -3.03
C GLY C 88 -20.97 -2.94 -1.64
N ARG C 89 -21.85 -3.88 -1.30
CA ARG C 89 -22.49 -3.94 0.02
C ARG C 89 -21.44 -4.27 1.12
N PRO C 90 -21.51 -3.60 2.29
CA PRO C 90 -20.53 -3.90 3.36
C PRO C 90 -20.69 -5.30 3.97
N GLY C 91 -21.92 -5.80 3.98
CA GLY C 91 -22.24 -7.11 4.50
C GLY C 91 -21.61 -8.25 3.73
N ALA C 92 -21.50 -8.11 2.41
CA ALA C 92 -20.87 -9.15 1.60
C ALA C 92 -19.38 -9.23 1.89
N ALA C 93 -18.73 -8.08 2.08
CA ALA C 93 -17.31 -8.05 2.40
C ALA C 93 -17.05 -8.62 3.81
N LEU C 94 -17.86 -8.23 4.80
CA LEU C 94 -17.72 -8.71 6.16
C LEU C 94 -18.03 -10.21 6.23
N GLY C 95 -19.11 -10.61 5.57
CA GLY C 95 -19.56 -12.00 5.54
C GLY C 95 -18.52 -12.96 5.01
N GLU C 96 -17.84 -12.59 3.93
CA GLU C 96 -16.80 -13.43 3.35
C GLU C 96 -15.64 -13.64 4.33
N ALA C 97 -15.23 -12.58 5.03
CA ALA C 97 -14.12 -12.69 5.98
C ALA C 97 -14.54 -13.44 7.27
N VAL C 98 -15.78 -13.25 7.72
CA VAL C 98 -16.27 -13.90 8.93
C VAL C 98 -16.54 -15.40 8.66
N ASP C 99 -16.93 -15.76 7.43
CA ASP C 99 -17.09 -17.18 7.06
C ASP C 99 -15.74 -17.90 7.16
N ARG C 100 -14.64 -17.20 6.82
CA ARG C 100 -13.29 -17.73 6.92
C ARG C 100 -12.87 -17.94 8.38
N LEU C 101 -13.36 -17.11 9.30
CA LEU C 101 -13.08 -17.28 10.74
C LEU C 101 -13.80 -18.51 11.29
N LEU C 102 -15.04 -18.73 10.85
CA LEU C 102 -15.89 -19.80 11.33
C LEU C 102 -15.55 -21.19 10.74
N LEU C 103 -14.57 -21.27 9.83
CA LEU C 103 -14.07 -22.56 9.38
C LEU C 103 -13.14 -23.16 10.47
N GLU C 104 -12.55 -22.32 11.34
CA GLU C 104 -11.63 -22.76 12.37
C GLU C 104 -12.26 -22.79 13.77
N THR C 105 -13.30 -22.00 14.00
CA THR C 105 -13.95 -21.88 15.31
C THR C 105 -15.49 -21.94 15.16
N ASP C 106 -16.19 -22.39 16.22
CA ASP C 106 -17.64 -22.51 16.16
C ASP C 106 -18.38 -21.17 16.39
N GLN C 107 -17.75 -20.21 17.08
CA GLN C 107 -18.40 -18.93 17.36
C GLN C 107 -17.49 -17.71 17.13
N ALA C 108 -18.07 -16.62 16.66
CA ALA C 108 -17.42 -15.33 16.44
C ALA C 108 -18.24 -14.24 17.12
N PHE C 109 -17.59 -13.22 17.63
CA PHE C 109 -18.27 -12.17 18.39
C PHE C 109 -17.79 -10.80 17.95
N GLY C 110 -18.62 -9.78 18.18
CA GLY C 110 -18.20 -8.43 17.88
C GLY C 110 -19.30 -7.41 17.94
N TRP C 111 -19.07 -6.30 17.27
CA TRP C 111 -20.04 -5.23 17.20
C TRP C 111 -20.12 -4.72 15.77
N VAL C 112 -21.26 -4.13 15.45
CA VAL C 112 -21.54 -3.54 14.16
C VAL C 112 -22.00 -2.10 14.42
N ALA C 113 -21.42 -1.13 13.71
CA ALA C 113 -21.74 0.29 13.92
C ALA C 113 -23.05 0.68 13.26
N PHE C 114 -23.66 1.78 13.72
CA PHE C 114 -24.83 2.37 13.07
C PHE C 114 -24.54 2.63 11.56
N GLU C 115 -23.30 3.04 11.25
CA GLU C 115 -22.86 3.38 9.89
C GLU C 115 -22.83 2.19 8.93
N PHE C 116 -22.87 0.95 9.45
CA PHE C 116 -22.89 -0.25 8.61
C PHE C 116 -24.10 -0.28 7.68
N GLY C 117 -25.24 0.20 8.13
CA GLY C 117 -26.45 0.17 7.33
C GLY C 117 -26.81 1.48 6.66
N VAL C 118 -25.80 2.32 6.30
CA VAL C 118 -26.14 3.59 5.62
C VAL C 118 -26.03 3.44 4.09
N HIS C 119 -25.32 2.39 3.61
CA HIS C 119 -25.12 2.13 2.19
CA HIS C 119 -25.13 2.09 2.19
C HIS C 119 -26.47 1.86 1.48
N ARG C 120 -27.40 1.14 2.13
CA ARG C 120 -28.68 0.84 1.49
C ARG C 120 -29.54 2.12 1.28
N TYR C 121 -29.14 3.27 1.85
CA TYR C 121 -29.84 4.54 1.64
C TYR C 121 -29.03 5.56 0.84
N GLY C 122 -27.98 5.11 0.14
CA GLY C 122 -27.14 5.98 -0.67
C GLY C 122 -26.43 7.07 0.10
N LEU C 123 -26.01 6.77 1.33
CA LEU C 123 -25.35 7.76 2.18
C LEU C 123 -23.90 7.42 2.51
N GLN C 124 -23.33 6.36 1.91
CA GLN C 124 -21.97 5.93 2.21
C GLN C 124 -20.90 6.96 1.84
N GLN C 125 -21.13 7.80 0.83
CA GLN C 125 -20.18 8.82 0.43
C GLN C 125 -20.03 9.92 1.53
N ARG C 126 -20.97 10.01 2.48
CA ARG C 126 -20.87 10.95 3.61
C ARG C 126 -19.98 10.43 4.72
N LEU C 127 -19.54 9.16 4.68
CA LEU C 127 -18.67 8.63 5.70
C LEU C 127 -17.27 9.13 5.48
N ALA C 128 -16.65 9.64 6.55
CA ALA C 128 -15.27 10.09 6.49
C ALA C 128 -14.35 8.89 6.27
N PRO C 129 -13.12 9.10 5.73
CA PRO C 129 -12.19 7.97 5.60
C PRO C 129 -11.96 7.24 6.91
N HIS C 130 -11.72 5.94 6.78
CA HIS C 130 -11.57 4.92 7.82
C HIS C 130 -12.63 5.04 8.95
N THR C 131 -13.93 5.12 8.57
CA THR C 131 -14.99 5.10 9.58
C THR C 131 -15.24 3.64 9.96
N PRO C 132 -15.21 3.29 11.25
CA PRO C 132 -15.47 1.89 11.63
C PRO C 132 -16.90 1.44 11.31
N LEU C 133 -17.03 0.27 10.68
CA LEU C 133 -18.32 -0.31 10.36
C LEU C 133 -18.58 -1.56 11.22
N ALA C 134 -17.55 -2.38 11.47
CA ALA C 134 -17.71 -3.61 12.26
C ALA C 134 -16.39 -4.16 12.74
N ARG C 135 -16.42 -4.88 13.86
CA ARG C 135 -15.28 -5.58 14.43
C ARG C 135 -15.77 -6.94 14.84
N VAL C 136 -15.27 -8.01 14.23
CA VAL C 136 -15.72 -9.36 14.57
C VAL C 136 -14.47 -10.23 14.78
N PHE C 137 -14.39 -10.93 15.90
CA PHE C 137 -13.24 -11.76 16.19
C PHE C 137 -13.61 -13.17 16.59
N SER C 138 -12.65 -14.07 16.46
CA SER C 138 -12.78 -15.42 16.97
C SER C 138 -11.94 -15.45 18.25
N PRO C 139 -12.53 -15.85 19.38
CA PRO C 139 -11.78 -15.80 20.65
C PRO C 139 -10.80 -16.95 20.87
N ARG C 140 -9.78 -16.69 21.67
CA ARG C 140 -8.83 -17.73 22.05
C ARG C 140 -9.48 -18.65 23.06
N THR C 141 -10.25 -18.08 24.02
CA THR C 141 -10.91 -18.81 25.09
C THR C 141 -12.37 -18.36 25.28
N ARG C 142 -13.25 -19.29 25.65
CA ARG C 142 -14.61 -18.96 26.02
C ARG C 142 -14.91 -19.50 27.39
N ILE C 143 -15.54 -18.70 28.23
CA ILE C 143 -15.95 -19.14 29.55
C ILE C 143 -17.44 -18.85 29.65
N MET C 144 -18.25 -19.89 29.85
CA MET C 144 -19.70 -19.72 29.96
C MET C 144 -20.11 -19.80 31.40
N VAL C 145 -20.70 -18.73 31.90
CA VAL C 145 -21.13 -18.64 33.27
C VAL C 145 -22.65 -18.63 33.34
N SER C 146 -23.19 -19.48 34.17
CA SER C 146 -24.63 -19.54 34.43
C SER C 146 -24.85 -19.74 35.95
N GLU C 147 -26.12 -19.72 36.42
CA GLU C 147 -26.40 -19.93 37.85
C GLU C 147 -25.92 -21.31 38.32
N LYS C 148 -25.90 -22.30 37.41
CA LYS C 148 -25.53 -23.65 37.74
C LYS C 148 -24.01 -23.91 37.72
N GLU C 149 -23.30 -23.45 36.67
CA GLU C 149 -21.88 -23.77 36.54
C GLU C 149 -21.11 -22.82 35.61
N ILE C 150 -19.78 -23.03 35.55
CA ILE C 150 -18.82 -22.38 34.69
C ILE C 150 -18.27 -23.42 33.72
N ARG C 151 -18.45 -23.23 32.43
CA ARG C 151 -17.94 -24.15 31.41
C ARG C 151 -16.75 -23.48 30.70
N LEU C 152 -15.68 -24.25 30.44
CA LEU C 152 -14.48 -23.69 29.85
C LEU C 152 -14.18 -24.27 28.48
N PHE C 153 -13.88 -23.41 27.51
CA PHE C 153 -13.56 -23.80 26.14
C PHE C 153 -12.18 -23.23 25.81
N ASP C 154 -11.17 -24.08 25.58
CA ASP C 154 -9.81 -23.70 25.22
C ASP C 154 -9.17 -22.75 26.24
N ALA C 155 -9.33 -23.04 27.54
CA ALA C 155 -8.77 -22.18 28.58
C ALA C 155 -7.39 -22.69 29.05
N GLY C 156 -6.35 -21.86 28.89
CA GLY C 156 -4.97 -22.20 29.25
C GLY C 156 -4.62 -22.00 30.69
N ILE C 157 -3.35 -22.17 31.05
CA ILE C 157 -2.84 -22.03 32.40
C ILE C 157 -3.21 -20.65 33.01
N ARG C 158 -2.98 -19.58 32.25
CA ARG C 158 -3.23 -18.23 32.72
C ARG C 158 -4.70 -17.98 33.11
N HIS C 159 -5.63 -18.49 32.30
CA HIS C 159 -7.05 -18.33 32.57
C HIS C 159 -7.49 -19.12 33.78
N ARG C 160 -6.91 -20.29 33.99
CA ARG C 160 -7.27 -21.12 35.11
C ARG C 160 -6.69 -20.49 36.39
N GLU C 161 -5.45 -19.98 36.36
CA GLU C 161 -4.86 -19.30 37.53
C GLU C 161 -5.67 -18.03 37.91
N ALA C 162 -6.48 -17.50 37.00
CA ALA C 162 -7.32 -16.35 37.24
C ALA C 162 -8.67 -16.78 37.84
N ILE C 163 -9.29 -17.85 37.31
CA ILE C 163 -10.57 -18.37 37.81
C ILE C 163 -10.36 -18.86 39.24
N ASP C 164 -9.28 -19.62 39.47
CA ASP C 164 -8.98 -20.18 40.78
C ASP C 164 -8.75 -19.08 41.81
N ARG C 165 -8.04 -17.99 41.47
CA ARG C 165 -7.80 -16.92 42.43
C ARG C 165 -9.11 -16.18 42.76
N LEU C 166 -9.99 -16.01 41.77
CA LEU C 166 -11.27 -15.34 42.01
C LEU C 166 -12.22 -16.22 42.81
N LEU C 167 -12.17 -17.55 42.61
CA LEU C 167 -13.01 -18.46 43.39
C LEU C 167 -12.50 -18.59 44.83
N ALA C 168 -11.19 -18.38 45.07
CA ALA C 168 -10.63 -18.49 46.40
C ALA C 168 -10.82 -17.20 47.20
N THR C 169 -10.55 -16.03 46.59
CA THR C 169 -10.65 -14.75 47.29
C THR C 169 -12.06 -14.14 47.26
N GLY C 170 -12.85 -14.52 46.27
CA GLY C 170 -14.19 -13.97 46.11
C GLY C 170 -14.17 -12.76 45.21
N VAL C 171 -15.36 -12.36 44.76
CA VAL C 171 -15.47 -11.19 43.92
C VAL C 171 -15.24 -9.91 44.74
N ARG C 172 -14.70 -8.88 44.10
CA ARG C 172 -14.45 -7.60 44.77
C ARG C 172 -15.75 -6.98 45.19
N GLU C 173 -15.73 -6.21 46.29
CA GLU C 173 -16.94 -5.48 46.67
C GLU C 173 -17.02 -4.29 45.72
N VAL C 174 -18.22 -3.98 45.22
CA VAL C 174 -18.37 -2.85 44.31
C VAL C 174 -18.22 -1.57 45.11
N PRO C 175 -17.25 -0.73 44.75
CA PRO C 175 -17.09 0.55 45.48
C PRO C 175 -18.26 1.52 45.24
N GLN C 176 -18.33 2.61 46.03
CA GLN C 176 -19.40 3.60 45.86
C GLN C 176 -19.28 4.28 44.49
N SER C 177 -20.41 4.46 43.82
CA SER C 177 -20.42 5.13 42.53
C SER C 177 -20.13 6.63 42.69
N ARG C 178 -19.71 7.25 41.58
CA ARG C 178 -19.43 8.67 41.53
C ARG C 178 -20.44 9.31 40.60
N SER C 179 -21.09 10.36 41.08
CA SER C 179 -22.14 11.05 40.35
C SER C 179 -21.62 11.87 39.17
N VAL C 180 -22.49 12.03 38.16
CA VAL C 180 -22.25 12.85 36.99
C VAL C 180 -23.47 13.75 36.77
N ASP C 181 -23.25 15.01 36.43
CA ASP C 181 -24.33 15.92 36.12
C ASP C 181 -24.68 15.81 34.63
N VAL C 182 -25.96 15.56 34.31
CA VAL C 182 -26.41 15.47 32.91
C VAL C 182 -27.37 16.62 32.53
N SER C 183 -27.56 17.61 33.40
CA SER C 183 -28.50 18.71 33.17
C SER C 183 -27.99 19.77 32.17
N ASP C 184 -26.68 19.82 31.89
CA ASP C 184 -26.15 20.80 30.92
C ASP C 184 -26.40 20.29 29.49
N ASP C 185 -26.50 21.20 28.52
CA ASP C 185 -26.72 20.82 27.12
C ASP C 185 -25.65 21.43 26.18
N PRO C 186 -24.37 21.00 26.29
CA PRO C 186 -23.32 21.62 25.46
C PRO C 186 -23.43 21.29 23.95
N SER C 187 -24.01 20.13 23.56
CA SER C 187 -24.16 19.78 22.15
C SER C 187 -25.42 20.44 21.49
N GLY C 188 -26.18 21.23 22.25
CA GLY C 188 -27.35 21.91 21.72
C GLY C 188 -28.43 20.95 21.28
N PHE C 189 -28.69 19.91 22.08
CA PHE C 189 -29.75 18.93 21.81
C PHE C 189 -31.10 19.60 21.66
N ARG C 190 -31.46 20.53 22.53
CA ARG C 190 -32.73 21.24 22.44
C ARG C 190 -32.85 22.00 21.12
N ARG C 191 -31.76 22.63 20.68
CA ARG C 191 -31.76 23.39 19.43
C ARG C 191 -31.89 22.46 18.23
N ARG C 192 -31.25 21.29 18.30
CA ARG C 192 -31.29 20.30 17.22
C ARG C 192 -32.68 19.66 17.14
N VAL C 193 -33.37 19.47 18.28
CA VAL C 193 -34.74 18.97 18.31
C VAL C 193 -35.66 19.97 17.64
N ALA C 194 -35.50 21.29 17.93
CA ALA C 194 -36.36 22.31 17.31
C ALA C 194 -36.20 22.32 15.79
N VAL C 195 -34.99 22.09 15.30
CA VAL C 195 -34.75 22.05 13.86
C VAL C 195 -35.50 20.83 13.26
N ALA C 196 -35.39 19.66 13.91
CA ALA C 196 -36.09 18.44 13.48
C ALA C 196 -37.62 18.61 13.52
N VAL C 197 -38.16 19.27 14.53
CA VAL C 197 -39.61 19.49 14.64
C VAL C 197 -40.09 20.36 13.46
N ASP C 198 -39.32 21.39 13.06
CA ASP C 198 -39.70 22.21 11.92
C ASP C 198 -39.60 21.42 10.61
N GLU C 199 -38.64 20.50 10.50
CA GLU C 199 -38.51 19.67 9.29
C GLU C 199 -39.69 18.69 9.18
N ILE C 200 -40.16 18.17 10.32
CA ILE C 200 -41.29 17.26 10.34
C ILE C 200 -42.57 18.02 10.01
N ALA C 201 -42.73 19.25 10.55
CA ALA C 201 -43.88 20.11 10.25
C ALA C 201 -43.94 20.44 8.76
N ALA C 202 -42.77 20.62 8.13
CA ALA C 202 -42.70 20.90 6.69
C ALA C 202 -42.93 19.62 5.82
N GLY C 203 -43.09 18.46 6.45
CA GLY C 203 -43.36 17.19 5.79
C GLY C 203 -42.16 16.44 5.21
N ARG C 204 -40.94 16.74 5.68
CA ARG C 204 -39.75 16.07 5.16
C ARG C 204 -39.65 14.61 5.62
N TYR C 205 -40.21 14.29 6.80
CA TYR C 205 -40.28 12.95 7.41
C TYR C 205 -41.25 13.02 8.62
N HIS C 206 -41.59 11.86 9.20
N HIS C 206 -41.60 11.87 9.21
CA HIS C 206 -42.53 11.72 10.31
CA HIS C 206 -42.55 11.83 10.32
C HIS C 206 -41.84 11.68 11.68
C HIS C 206 -41.85 11.68 11.70
N LYS C 207 -40.69 11.02 11.75
CA LYS C 207 -39.99 10.82 13.00
C LYS C 207 -38.50 10.69 12.80
N VAL C 208 -37.72 11.17 13.77
CA VAL C 208 -36.28 11.01 13.78
C VAL C 208 -35.84 10.83 15.23
N ILE C 209 -34.93 9.90 15.49
CA ILE C 209 -34.38 9.73 16.83
C ILE C 209 -33.09 10.56 16.88
N LEU C 210 -33.06 11.54 17.76
CA LEU C 210 -31.87 12.36 17.98
C LEU C 210 -31.33 12.03 19.35
N SER C 211 -30.03 12.24 19.54
CA SER C 211 -29.37 11.88 20.79
C SER C 211 -28.37 12.92 21.26
N ARG C 212 -27.88 12.75 22.49
CA ARG C 212 -26.84 13.61 23.01
C ARG C 212 -25.83 12.81 23.78
N CYS C 213 -24.58 13.21 23.65
CA CYS C 213 -23.50 12.65 24.38
C CYS C 213 -23.36 13.39 25.71
N VAL C 214 -22.92 12.68 26.74
CA VAL C 214 -22.62 13.26 28.03
C VAL C 214 -21.22 12.82 28.34
N GLU C 215 -20.27 13.75 28.40
CA GLU C 215 -18.89 13.41 28.70
C GLU C 215 -18.75 13.07 30.20
N VAL C 216 -18.06 11.97 30.52
CA VAL C 216 -17.87 11.57 31.91
C VAL C 216 -16.53 12.15 32.31
N PRO C 217 -16.52 13.07 33.31
CA PRO C 217 -15.27 13.79 33.63
C PRO C 217 -14.20 13.00 34.34
N PHE C 218 -14.34 11.70 34.44
CA PHE C 218 -13.36 10.83 35.07
C PHE C 218 -13.36 9.47 34.34
N ALA C 219 -12.25 8.76 34.35
CA ALA C 219 -12.22 7.42 33.74
C ALA C 219 -13.03 6.46 34.63
N ILE C 220 -13.78 5.54 34.00
CA ILE C 220 -14.57 4.58 34.76
C ILE C 220 -14.02 3.18 34.63
N ASP C 221 -14.27 2.39 35.66
CA ASP C 221 -13.90 0.98 35.70
C ASP C 221 -15.07 0.26 35.06
N PHE C 222 -14.91 -0.17 33.82
CA PHE C 222 -16.00 -0.77 33.07
C PHE C 222 -16.57 -2.06 33.74
N PRO C 223 -15.77 -3.06 34.15
CA PRO C 223 -16.36 -4.25 34.79
C PRO C 223 -17.11 -3.93 36.10
N LEU C 224 -16.58 -3.03 36.97
CA LEU C 224 -17.27 -2.71 38.23
C LEU C 224 -18.55 -1.92 37.95
N THR C 225 -18.52 -1.00 36.96
CA THR C 225 -19.70 -0.23 36.59
C THR C 225 -20.76 -1.16 36.00
N TYR C 226 -20.34 -2.15 35.21
CA TYR C 226 -21.24 -3.15 34.63
C TYR C 226 -21.97 -3.88 35.75
N ARG C 227 -21.23 -4.35 36.77
CA ARG C 227 -21.82 -5.07 37.90
C ARG C 227 -22.81 -4.20 38.67
N LEU C 228 -22.45 -2.94 38.97
CA LEU C 228 -23.32 -2.06 39.75
C LEU C 228 -24.61 -1.76 38.97
N GLY C 229 -24.46 -1.38 37.70
CA GLY C 229 -25.59 -1.07 36.82
C GLY C 229 -26.51 -2.27 36.59
N ARG C 230 -25.94 -3.44 36.32
CA ARG C 230 -26.66 -4.69 36.07
C ARG C 230 -27.59 -5.08 37.27
N ARG C 231 -27.19 -4.76 38.52
CA ARG C 231 -27.99 -5.02 39.72
C ARG C 231 -29.29 -4.24 39.76
N HIS C 232 -29.34 -3.07 39.10
CA HIS C 232 -30.55 -2.27 39.06
C HIS C 232 -31.15 -2.23 37.63
N ASN C 233 -30.83 -3.21 36.76
CA ASN C 233 -31.32 -3.26 35.38
C ASN C 233 -31.51 -4.71 34.89
N THR C 234 -32.70 -5.05 34.35
CA THR C 234 -32.99 -6.36 33.79
C THR C 234 -33.25 -6.20 32.25
N PRO C 235 -32.20 -6.38 31.43
CA PRO C 235 -32.31 -6.14 29.96
C PRO C 235 -32.55 -7.40 29.13
N VAL C 236 -32.82 -7.26 27.81
CA VAL C 236 -33.01 -8.40 26.90
C VAL C 236 -31.65 -9.13 26.67
N ARG C 237 -30.59 -8.34 26.56
CA ARG C 237 -29.19 -8.72 26.42
C ARG C 237 -28.35 -7.70 27.20
N SER C 238 -27.15 -8.07 27.61
CA SER C 238 -26.22 -7.11 28.22
C SER C 238 -24.82 -7.43 27.77
N PHE C 239 -23.95 -6.44 27.82
CA PHE C 239 -22.60 -6.64 27.34
C PHE C 239 -21.62 -5.76 28.06
N LEU C 240 -20.38 -6.20 27.99
CA LEU C 240 -19.21 -5.56 28.54
C LEU C 240 -18.11 -6.01 27.63
N LEU C 241 -17.41 -5.08 26.99
CA LEU C 241 -16.36 -5.45 26.07
C LEU C 241 -15.20 -4.46 26.09
N GLN C 242 -14.06 -4.90 25.58
CA GLN C 242 -12.86 -4.14 25.29
C GLN C 242 -12.40 -4.72 23.99
N LEU C 243 -12.79 -4.10 22.87
CA LEU C 243 -12.57 -4.68 21.54
C LEU C 243 -12.43 -3.69 20.41
N GLY C 244 -11.30 -3.76 19.72
CA GLY C 244 -11.01 -2.92 18.56
C GLY C 244 -11.08 -1.43 18.79
N GLY C 245 -10.32 -0.94 19.77
CA GLY C 245 -10.21 0.47 20.14
C GLY C 245 -11.22 1.00 21.14
N ILE C 246 -12.30 0.23 21.38
CA ILE C 246 -13.35 0.71 22.26
C ILE C 246 -13.63 -0.19 23.46
N ARG C 247 -13.95 0.46 24.58
CA ARG C 247 -14.49 -0.16 25.81
C ARG C 247 -15.94 0.21 25.84
N ALA C 248 -16.84 -0.74 26.07
CA ALA C 248 -18.25 -0.40 26.15
C ALA C 248 -18.98 -1.35 27.08
N LEU C 249 -20.06 -0.87 27.64
CA LEU C 249 -20.95 -1.68 28.45
C LEU C 249 -22.33 -1.21 28.16
N GLY C 250 -23.31 -2.08 28.29
CA GLY C 250 -24.68 -1.69 28.04
C GLY C 250 -25.70 -2.73 28.43
N TYR C 251 -26.89 -2.26 28.66
CA TYR C 251 -28.02 -3.10 28.97
C TYR C 251 -29.01 -2.89 27.81
N SER C 252 -28.85 -3.70 26.75
CA SER C 252 -29.69 -3.64 25.55
C SER C 252 -31.16 -3.82 25.91
N PRO C 253 -32.00 -2.90 25.43
CA PRO C 253 -33.43 -3.02 25.69
C PRO C 253 -34.19 -3.60 24.49
N GLU C 254 -33.51 -4.24 23.52
CA GLU C 254 -34.17 -4.78 22.34
C GLU C 254 -33.24 -5.56 21.45
N LEU C 255 -33.77 -6.54 20.76
CA LEU C 255 -33.03 -7.39 19.84
C LEU C 255 -33.29 -6.89 18.45
N VAL C 256 -32.23 -6.60 17.65
CA VAL C 256 -32.48 -6.15 16.28
C VAL C 256 -32.87 -7.36 15.40
N THR C 257 -32.25 -8.57 15.58
CA THR C 257 -32.63 -9.77 14.81
C THR C 257 -31.91 -11.08 15.29
N ALA C 258 -32.45 -12.22 14.88
CA ALA C 258 -31.90 -13.54 15.07
C ALA C 258 -32.12 -14.31 13.76
N VAL C 259 -31.06 -14.91 13.22
CA VAL C 259 -31.13 -15.68 11.99
C VAL C 259 -30.68 -17.09 12.33
N ARG C 260 -31.59 -18.06 12.29
CA ARG C 260 -31.27 -19.42 12.68
C ARG C 260 -30.63 -20.20 11.55
N ALA C 261 -29.95 -21.31 11.90
CA ALA C 261 -29.29 -22.19 10.93
C ALA C 261 -30.29 -22.73 9.91
N ASP C 262 -31.55 -22.99 10.34
CA ASP C 262 -32.57 -23.50 9.43
C ASP C 262 -33.15 -22.43 8.46
N GLY C 263 -32.73 -21.18 8.58
CA GLY C 263 -33.23 -20.12 7.70
C GLY C 263 -34.29 -19.20 8.29
N VAL C 264 -34.73 -19.44 9.55
CA VAL C 264 -35.76 -18.62 10.17
C VAL C 264 -35.18 -17.32 10.71
N VAL C 265 -35.70 -16.19 10.22
CA VAL C 265 -35.29 -14.87 10.67
C VAL C 265 -36.38 -14.34 11.61
N ILE C 266 -36.01 -13.92 12.81
CA ILE C 266 -36.97 -13.35 13.76
C ILE C 266 -36.45 -12.02 14.26
N THR C 267 -37.34 -11.05 14.34
CA THR C 267 -37.03 -9.76 14.94
C THR C 267 -38.14 -9.52 15.95
N GLU C 268 -37.79 -8.89 17.09
CA GLU C 268 -38.78 -8.66 18.14
C GLU C 268 -38.79 -7.23 18.59
N PRO C 269 -39.49 -6.36 17.85
CA PRO C 269 -39.55 -4.96 18.27
C PRO C 269 -40.27 -4.85 19.62
N LEU C 270 -39.69 -4.09 20.54
CA LEU C 270 -40.28 -3.85 21.85
C LEU C 270 -40.48 -2.38 21.96
N ALA C 271 -41.71 -1.95 22.11
CA ALA C 271 -42.04 -0.55 22.19
C ALA C 271 -43.25 -0.47 23.07
N GLY C 272 -43.02 0.15 24.22
CA GLY C 272 -43.96 0.29 25.32
C GLY C 272 -43.33 -0.38 26.52
N THR C 273 -43.26 0.32 27.67
CA THR C 273 -42.67 -0.29 28.87
C THR C 273 -43.37 0.16 30.16
N ARG C 274 -43.37 -0.73 31.16
CA ARG C 274 -43.89 -0.49 32.50
C ARG C 274 -42.98 -1.20 33.49
N ALA C 275 -43.02 -0.79 34.76
CA ALA C 275 -42.19 -1.44 35.77
C ALA C 275 -42.71 -2.85 36.06
N LEU C 276 -41.80 -3.72 36.47
CA LEU C 276 -42.06 -5.11 36.88
C LEU C 276 -41.14 -5.40 38.07
N GLY C 277 -41.54 -6.34 38.91
CA GLY C 277 -40.77 -6.71 40.09
C GLY C 277 -41.12 -5.92 41.33
N ARG C 278 -42.28 -5.25 41.35
CA ARG C 278 -42.70 -4.46 42.52
C ARG C 278 -43.80 -5.14 43.34
N GLY C 279 -44.06 -6.42 43.13
CA GLY C 279 -45.12 -7.12 43.85
C GLY C 279 -46.16 -7.61 42.88
N PRO C 280 -46.71 -8.81 43.10
CA PRO C 280 -47.64 -9.38 42.11
C PRO C 280 -48.87 -8.53 41.77
N ALA C 281 -49.59 -7.97 42.77
CA ALA C 281 -50.80 -7.18 42.48
C ALA C 281 -50.48 -5.87 41.77
N ILE C 282 -49.39 -5.19 42.17
CA ILE C 282 -49.02 -3.93 41.55
C ILE C 282 -48.51 -4.22 40.11
N ASP C 283 -47.79 -5.33 39.89
CA ASP C 283 -47.33 -5.69 38.55
C ASP C 283 -48.50 -6.00 37.62
N ARG C 284 -49.56 -6.62 38.15
CA ARG C 284 -50.77 -6.97 37.39
C ARG C 284 -51.52 -5.70 36.96
N LEU C 285 -51.52 -4.65 37.81
CA LEU C 285 -52.15 -3.37 37.46
C LEU C 285 -51.30 -2.62 36.42
N ALA C 286 -49.97 -2.73 36.54
CA ALA C 286 -49.02 -2.13 35.60
C ALA C 286 -49.13 -2.77 34.21
N ARG C 287 -49.39 -4.09 34.18
CA ARG C 287 -49.60 -4.87 32.96
C ARG C 287 -50.84 -4.37 32.21
N ASP C 288 -51.94 -4.13 32.93
CA ASP C 288 -53.17 -3.63 32.32
C ASP C 288 -52.98 -2.21 31.74
N ASP C 289 -52.26 -1.32 32.44
CA ASP C 289 -52.05 0.03 31.90
C ASP C 289 -51.11 -0.01 30.68
N LEU C 290 -50.18 -0.97 30.63
CA LEU C 290 -49.27 -1.17 29.52
C LEU C 290 -50.04 -1.61 28.26
N GLU C 291 -50.92 -2.60 28.41
CA GLU C 291 -51.71 -3.14 27.30
C GLU C 291 -52.74 -2.18 26.74
N SER C 292 -53.10 -1.12 27.47
CA SER C 292 -54.17 -0.23 27.03
C SER C 292 -53.75 1.22 26.84
N ASN C 293 -52.46 1.56 27.04
CA ASN C 293 -52.02 2.94 26.88
C ASN C 293 -51.88 3.34 25.42
N SER C 294 -52.63 4.39 25.01
CA SER C 294 -52.64 4.90 23.64
C SER C 294 -51.26 5.27 23.13
N LYS C 295 -50.46 6.00 23.93
CA LYS C 295 -49.14 6.43 23.49
C LYS C 295 -48.22 5.23 23.23
N GLU C 296 -48.26 4.20 24.11
CA GLU C 296 -47.40 3.02 23.95
C GLU C 296 -47.88 2.16 22.76
N ILE C 297 -49.21 2.02 22.59
CA ILE C 297 -49.79 1.24 21.49
C ILE C 297 -49.43 1.88 20.12
N VAL C 298 -49.54 3.22 19.97
CA VAL C 298 -49.20 3.88 18.72
C VAL C 298 -47.75 3.64 18.36
N GLU C 299 -46.85 3.84 19.33
CA GLU C 299 -45.42 3.64 19.14
C GLU C 299 -45.12 2.19 18.74
N HIS C 300 -45.79 1.23 19.39
CA HIS C 300 -45.58 -0.18 19.05
C HIS C 300 -46.04 -0.48 17.61
N ALA C 301 -47.30 -0.14 17.24
CA ALA C 301 -47.84 -0.42 15.90
C ALA C 301 -46.98 0.19 14.78
N ILE C 302 -46.51 1.45 14.94
CA ILE C 302 -45.69 2.08 13.89
C ILE C 302 -44.34 1.34 13.74
N SER C 303 -43.79 0.82 14.84
CA SER C 303 -42.53 0.06 14.79
C SER C 303 -42.73 -1.27 14.10
N VAL C 304 -43.84 -1.95 14.39
CA VAL C 304 -44.17 -3.23 13.80
C VAL C 304 -44.34 -3.07 12.30
N ARG C 305 -45.06 -2.02 11.86
CA ARG C 305 -45.28 -1.75 10.44
C ARG C 305 -43.93 -1.54 9.73
N SER C 306 -43.04 -0.76 10.32
CA SER C 306 -41.71 -0.52 9.78
C SER C 306 -40.88 -1.81 9.71
N SER C 307 -40.85 -2.55 10.80
CA SER C 307 -40.04 -3.76 10.89
C SER C 307 -40.50 -4.80 9.89
N LEU C 308 -41.82 -5.02 9.77
CA LEU C 308 -42.40 -5.99 8.85
C LEU C 308 -42.03 -5.67 7.40
N GLU C 309 -41.97 -4.37 7.06
CA GLU C 309 -41.63 -3.93 5.72
C GLU C 309 -40.20 -4.35 5.33
N GLU C 310 -39.20 -4.08 6.18
CA GLU C 310 -37.80 -4.43 5.92
C GLU C 310 -37.58 -5.94 5.77
N ILE C 311 -38.01 -6.73 6.76
CA ILE C 311 -37.84 -8.18 6.73
C ILE C 311 -38.44 -8.82 5.46
N THR C 312 -39.42 -8.14 4.79
CA THR C 312 -40.07 -8.65 3.60
C THR C 312 -39.10 -8.78 2.38
N ASP C 313 -38.13 -7.85 2.20
CA ASP C 313 -37.24 -7.92 1.03
C ASP C 313 -36.19 -9.05 1.15
N ILE C 314 -35.59 -9.21 2.35
CA ILE C 314 -34.61 -10.26 2.65
C ILE C 314 -35.26 -11.67 2.77
N ALA C 315 -36.57 -11.72 2.88
N ALA C 315 -36.62 -11.75 2.81
CA ALA C 315 -37.33 -12.96 2.87
CA ALA C 315 -37.36 -13.01 2.99
C ALA C 315 -38.15 -12.99 1.60
C ALA C 315 -37.86 -13.69 1.69
N GLU C 316 -38.71 -14.16 1.22
N GLU C 316 -38.15 -15.02 1.78
CA GLU C 316 -39.60 -14.23 0.08
CA GLU C 316 -38.67 -15.87 0.70
C GLU C 316 -40.89 -13.43 0.44
C GLU C 316 -40.12 -15.47 0.38
N PRO C 317 -41.49 -12.71 -0.51
N PRO C 317 -40.60 -15.73 -0.86
CA PRO C 317 -42.70 -11.94 -0.19
CA PRO C 317 -41.96 -15.32 -1.21
C PRO C 317 -43.91 -12.85 0.04
C PRO C 317 -43.03 -15.85 -0.28
N GLY C 318 -44.10 -13.27 1.30
N GLY C 318 -43.83 -14.94 0.26
CA GLY C 318 -45.17 -14.18 1.68
CA GLY C 318 -44.92 -15.26 1.18
C GLY C 318 -44.90 -14.88 3.00
C GLY C 318 -44.47 -15.91 2.46
N SER C 319 -43.61 -15.21 3.26
CA SER C 319 -43.14 -15.82 4.51
C SER C 319 -43.12 -14.84 5.68
N ALA C 320 -43.12 -13.52 5.41
CA ALA C 320 -43.11 -12.53 6.49
C ALA C 320 -44.45 -12.45 7.20
N ALA C 321 -44.42 -12.46 8.53
CA ALA C 321 -45.63 -12.45 9.33
C ALA C 321 -45.36 -11.99 10.73
N VAL C 322 -46.34 -11.36 11.33
CA VAL C 322 -46.29 -10.99 12.72
C VAL C 322 -46.98 -12.10 13.51
N ILE C 323 -46.29 -12.66 14.49
CA ILE C 323 -46.86 -13.63 15.44
C ILE C 323 -46.83 -12.93 16.85
N ASP C 324 -47.74 -13.32 17.77
CA ASP C 324 -47.79 -12.72 19.11
C ASP C 324 -47.80 -11.16 19.07
N PHE C 325 -48.69 -10.60 18.24
CA PHE C 325 -48.79 -9.16 18.11
C PHE C 325 -49.20 -8.46 19.41
N MET C 326 -48.39 -7.47 19.83
CA MET C 326 -48.64 -6.58 20.95
C MET C 326 -48.97 -7.35 22.27
N THR C 327 -48.08 -8.26 22.69
CA THR C 327 -48.27 -9.04 23.91
C THR C 327 -47.26 -8.62 24.97
N VAL C 328 -47.60 -8.83 26.24
CA VAL C 328 -46.72 -8.46 27.33
C VAL C 328 -45.59 -9.47 27.46
N ARG C 329 -44.37 -8.93 27.41
CA ARG C 329 -43.10 -9.63 27.51
C ARG C 329 -42.41 -9.23 28.80
N GLU C 330 -42.06 -10.20 29.62
CA GLU C 330 -41.36 -9.93 30.86
C GLU C 330 -39.82 -9.87 30.67
N ARG C 331 -39.23 -8.69 30.97
CA ARG C 331 -37.77 -8.46 30.92
C ARG C 331 -37.26 -7.99 32.32
N GLY C 332 -37.59 -8.76 33.37
CA GLY C 332 -37.15 -8.54 34.74
C GLY C 332 -37.64 -7.30 35.47
N SER C 333 -36.84 -6.22 35.39
CA SER C 333 -37.17 -4.93 36.03
C SER C 333 -38.23 -4.16 35.21
N VAL C 334 -38.35 -4.43 33.91
CA VAL C 334 -39.34 -3.77 33.07
C VAL C 334 -40.10 -4.80 32.26
N GLN C 335 -41.42 -4.64 32.16
CA GLN C 335 -42.24 -5.48 31.31
C GLN C 335 -42.58 -4.64 30.09
N HIS C 336 -42.53 -5.25 28.92
CA HIS C 336 -42.74 -4.51 27.68
C HIS C 336 -43.86 -5.09 26.86
N LEU C 337 -44.35 -4.29 25.92
CA LEU C 337 -45.28 -4.69 24.91
C LEU C 337 -44.38 -5.09 23.72
N GLY C 338 -44.61 -6.26 23.18
CA GLY C 338 -43.79 -6.77 22.10
C GLY C 338 -44.52 -7.58 21.07
N SER C 339 -43.96 -7.63 19.88
CA SER C 339 -44.43 -8.42 18.76
C SER C 339 -43.27 -9.21 18.20
N THR C 340 -43.56 -10.35 17.65
CA THR C 340 -42.54 -11.19 17.05
C THR C 340 -42.79 -11.22 15.58
N ILE C 341 -41.81 -10.85 14.79
CA ILE C 341 -41.92 -10.87 13.34
C ILE C 341 -41.03 -11.96 12.83
N ARG C 342 -41.61 -12.86 12.08
CA ARG C 342 -40.96 -14.03 11.55
C ARG C 342 -40.96 -14.00 10.05
N ALA C 343 -39.93 -14.55 9.45
CA ALA C 343 -39.78 -14.70 8.02
C ALA C 343 -38.77 -15.81 7.74
N ARG C 344 -38.74 -16.32 6.51
CA ARG C 344 -37.75 -17.32 6.12
C ARG C 344 -36.77 -16.62 5.21
N LEU C 345 -35.47 -16.77 5.45
CA LEU C 345 -34.44 -16.12 4.66
C LEU C 345 -34.49 -16.65 3.23
N ASP C 346 -34.61 -15.74 2.25
CA ASP C 346 -34.67 -16.15 0.85
C ASP C 346 -33.32 -16.72 0.40
N PRO C 347 -33.30 -17.76 -0.46
CA PRO C 347 -32.02 -18.35 -0.89
C PRO C 347 -31.06 -17.36 -1.54
N SER C 348 -31.55 -16.29 -2.18
CA SER C 348 -30.65 -15.29 -2.78
C SER C 348 -30.13 -14.25 -1.75
N SER C 349 -30.53 -14.38 -0.49
CA SER C 349 -30.08 -13.50 0.58
C SER C 349 -29.19 -14.30 1.57
N ASP C 350 -28.51 -13.62 2.49
CA ASP C 350 -27.65 -14.27 3.47
C ASP C 350 -27.79 -13.58 4.85
N ARG C 351 -27.22 -14.14 5.94
CA ARG C 351 -27.36 -13.58 7.29
C ARG C 351 -26.82 -12.16 7.42
N MET C 352 -25.81 -11.80 6.62
CA MET C 352 -25.26 -10.45 6.66
C MET C 352 -26.17 -9.47 5.94
N ALA C 353 -26.83 -9.89 4.86
CA ALA C 353 -27.82 -9.07 4.18
C ALA C 353 -29.03 -8.85 5.10
N ALA C 354 -29.38 -9.83 5.96
CA ALA C 354 -30.45 -9.68 6.95
C ALA C 354 -30.04 -8.65 8.02
N LEU C 355 -28.73 -8.57 8.32
CA LEU C 355 -28.12 -7.56 9.20
C LEU C 355 -28.01 -6.19 8.46
N GLU C 356 -28.75 -6.01 7.36
CA GLU C 356 -28.79 -4.80 6.57
C GLU C 356 -30.26 -4.43 6.38
N ALA C 357 -31.14 -5.40 6.06
CA ALA C 357 -32.57 -5.13 5.94
C ALA C 357 -33.16 -4.58 7.26
N LEU C 358 -32.82 -5.19 8.40
CA LEU C 358 -33.29 -4.68 9.68
C LEU C 358 -32.38 -3.54 10.24
N PHE C 359 -31.34 -3.11 9.48
CA PHE C 359 -30.37 -2.10 9.93
C PHE C 359 -30.37 -0.74 9.12
N PRO C 360 -30.14 0.39 9.81
CA PRO C 360 -30.11 0.51 11.27
C PRO C 360 -31.50 0.28 11.81
N ALA C 361 -31.64 -0.11 13.09
CA ALA C 361 -32.96 -0.34 13.67
C ALA C 361 -33.88 0.87 13.41
N VAL C 362 -34.97 0.66 12.67
CA VAL C 362 -35.91 1.73 12.31
C VAL C 362 -36.37 2.48 13.57
N THR C 363 -36.46 1.77 14.70
CA THR C 363 -36.82 2.30 16.00
C THR C 363 -35.75 3.21 16.57
N ALA C 364 -34.51 3.15 16.09
CA ALA C 364 -33.45 4.05 16.54
C ALA C 364 -33.01 5.03 15.42
N SER C 365 -33.73 5.07 14.30
CA SER C 365 -33.42 5.93 13.19
C SER C 365 -34.55 6.94 12.95
N GLY C 366 -35.64 6.51 12.32
CA GLY C 366 -36.76 7.37 12.04
C GLY C 366 -37.68 6.79 10.99
N ILE C 367 -38.68 7.57 10.62
CA ILE C 367 -39.69 7.20 9.66
C ILE C 367 -39.93 8.33 8.69
N PRO C 368 -39.87 8.11 7.36
CA PRO C 368 -39.36 6.89 6.68
C PRO C 368 -37.87 6.71 7.01
N LYS C 369 -37.43 5.48 6.99
CA LYS C 369 -36.06 5.09 7.35
C LYS C 369 -34.97 5.91 6.62
N ALA C 370 -35.05 6.03 5.28
CA ALA C 370 -34.03 6.76 4.54
C ALA C 370 -33.94 8.24 4.96
N ALA C 371 -35.08 8.93 5.12
CA ALA C 371 -35.06 10.33 5.51
C ALA C 371 -34.58 10.50 6.97
N GLY C 372 -34.92 9.54 7.82
CA GLY C 372 -34.50 9.56 9.20
C GLY C 372 -33.00 9.42 9.35
N VAL C 373 -32.39 8.46 8.60
CA VAL C 373 -30.94 8.25 8.63
C VAL C 373 -30.22 9.48 8.09
N GLU C 374 -30.74 10.07 7.00
CA GLU C 374 -30.15 11.28 6.43
C GLU C 374 -30.23 12.44 7.43
N ALA C 375 -31.37 12.62 8.11
CA ALA C 375 -31.52 13.69 9.10
C ALA C 375 -30.51 13.51 10.25
N ILE C 376 -30.21 12.25 10.66
CA ILE C 376 -29.26 11.97 11.73
C ILE C 376 -27.84 12.44 11.32
N PHE C 377 -27.47 12.32 10.03
CA PHE C 377 -26.18 12.82 9.53
C PHE C 377 -26.05 14.34 9.69
N ARG C 378 -27.16 15.06 9.62
CA ARG C 378 -27.16 16.50 9.74
C ARG C 378 -27.40 16.99 11.16
N LEU C 379 -28.22 16.29 11.95
CA LEU C 379 -28.68 16.81 13.23
C LEU C 379 -28.19 16.04 14.45
N ASP C 380 -27.34 15.04 14.28
CA ASP C 380 -26.80 14.29 15.39
C ASP C 380 -25.29 14.22 15.29
N GLU C 381 -24.59 13.92 16.44
CA GLU C 381 -23.15 13.75 16.43
C GLU C 381 -22.83 12.52 15.63
N CYS C 382 -22.09 12.69 14.55
CA CYS C 382 -21.73 11.57 13.70
C CYS C 382 -20.21 11.45 13.60
N PRO C 383 -19.67 10.22 13.53
CA PRO C 383 -20.39 8.94 13.45
C PRO C 383 -20.94 8.50 14.81
N ARG C 384 -22.08 7.77 14.80
CA ARG C 384 -22.71 7.23 16.02
C ARG C 384 -21.88 6.06 16.58
N GLY C 385 -21.19 5.32 15.72
CA GLY C 385 -20.35 4.22 16.14
C GLY C 385 -21.19 3.11 16.69
N LEU C 386 -20.91 2.68 17.92
CA LEU C 386 -21.69 1.63 18.56
C LEU C 386 -23.06 2.14 19.01
N TYR C 387 -23.26 3.46 19.21
CA TYR C 387 -24.58 3.95 19.60
C TYR C 387 -25.59 3.67 18.48
N SER C 388 -26.63 2.88 18.79
CA SER C 388 -27.69 2.39 17.89
C SER C 388 -27.16 1.43 16.81
N GLY C 389 -26.00 0.82 17.07
CA GLY C 389 -25.47 -0.28 16.29
C GLY C 389 -25.89 -1.56 16.99
N ALA C 390 -25.09 -2.63 16.84
CA ALA C 390 -25.43 -3.90 17.45
C ALA C 390 -24.22 -4.64 18.00
N VAL C 391 -24.43 -5.49 19.00
CA VAL C 391 -23.46 -6.39 19.56
C VAL C 391 -23.91 -7.77 19.02
N VAL C 392 -23.01 -8.49 18.34
CA VAL C 392 -23.39 -9.71 17.63
C VAL C 392 -22.60 -10.97 18.04
N MET C 393 -23.20 -12.13 17.77
CA MET C 393 -22.65 -13.47 17.97
C MET C 393 -23.01 -14.27 16.71
N LEU C 394 -22.01 -14.71 15.92
CA LEU C 394 -22.16 -15.48 14.69
C LEU C 394 -21.70 -16.93 14.89
N SER C 395 -22.47 -17.92 14.42
CA SER C 395 -22.16 -19.33 14.60
C SER C 395 -21.72 -19.97 13.29
N ALA C 396 -20.86 -20.99 13.39
CA ALA C 396 -20.37 -21.69 12.21
C ALA C 396 -21.48 -22.32 11.36
N ASP C 397 -22.64 -22.63 11.96
CA ASP C 397 -23.72 -23.25 11.20
C ASP C 397 -24.64 -22.21 10.47
N GLY C 398 -24.27 -20.93 10.46
CA GLY C 398 -25.07 -19.91 9.79
C GLY C 398 -25.90 -19.01 10.68
N GLY C 399 -25.87 -19.27 11.98
CA GLY C 399 -26.63 -18.48 12.95
C GLY C 399 -26.09 -17.07 13.15
N LEU C 400 -26.97 -16.16 13.55
CA LEU C 400 -26.66 -14.77 13.84
C LEU C 400 -27.55 -14.29 14.97
N ASP C 401 -26.97 -13.68 15.99
CA ASP C 401 -27.75 -13.07 17.06
C ASP C 401 -27.27 -11.65 17.23
N ALA C 402 -28.15 -10.65 17.07
CA ALA C 402 -27.76 -9.25 17.14
C ALA C 402 -28.61 -8.45 18.09
N ALA C 403 -28.01 -7.84 19.12
CA ALA C 403 -28.70 -7.01 20.10
C ALA C 403 -28.49 -5.53 19.78
N LEU C 404 -29.59 -4.73 19.74
CA LEU C 404 -29.48 -3.30 19.52
C LEU C 404 -28.79 -2.63 20.71
N THR C 405 -27.78 -1.80 20.48
CA THR C 405 -27.08 -1.07 21.54
C THR C 405 -27.65 0.30 21.71
N LEU C 406 -28.24 0.67 22.87
CA LEU C 406 -28.80 2.02 23.02
C LEU C 406 -28.51 2.73 24.37
N ARG C 407 -28.32 1.98 25.46
CA ARG C 407 -28.12 2.60 26.77
C ARG C 407 -26.83 2.09 27.23
N ALA C 408 -25.80 2.73 26.68
CA ALA C 408 -24.46 2.26 26.89
C ALA C 408 -23.46 3.38 27.26
N ALA C 409 -22.34 2.96 27.87
CA ALA C 409 -21.22 3.81 28.18
C ALA C 409 -20.05 3.42 27.29
N TYR C 410 -19.22 4.38 26.87
CA TYR C 410 -18.13 4.10 25.95
C TYR C 410 -16.84 4.77 26.34
N GLN C 411 -15.73 4.18 25.93
CA GLN C 411 -14.42 4.79 26.09
C GLN C 411 -13.57 4.48 24.87
N VAL C 412 -13.11 5.53 24.19
CA VAL C 412 -12.20 5.42 23.04
C VAL C 412 -11.09 6.38 23.31
N GLY C 413 -9.87 5.89 23.49
CA GLY C 413 -8.72 6.72 23.85
C GLY C 413 -8.95 7.28 25.25
N GLY C 414 -8.78 8.59 25.43
CA GLY C 414 -9.05 9.21 26.71
C GLY C 414 -10.46 9.78 26.79
N ARG C 415 -11.32 9.48 25.80
CA ARG C 415 -12.68 10.00 25.81
C ARG C 415 -13.67 8.99 26.39
N THR C 416 -14.35 9.36 27.52
CA THR C 416 -15.38 8.53 28.16
C THR C 416 -16.68 9.25 28.05
N TRP C 417 -17.73 8.57 27.55
CA TRP C 417 -19.02 9.24 27.40
C TRP C 417 -20.20 8.27 27.48
N LEU C 418 -21.36 8.86 27.76
CA LEU C 418 -22.69 8.23 27.74
C LEU C 418 -23.44 8.80 26.55
N ARG C 419 -24.47 8.08 26.06
CA ARG C 419 -25.27 8.57 24.96
C ARG C 419 -26.71 8.08 25.07
N ALA C 420 -27.66 8.99 24.93
CA ALA C 420 -29.07 8.64 24.98
C ALA C 420 -29.87 9.56 24.06
N GLY C 421 -30.97 9.04 23.55
CA GLY C 421 -31.80 9.80 22.61
C GLY C 421 -33.28 9.77 22.87
N ALA C 422 -34.03 10.37 21.95
CA ALA C 422 -35.47 10.47 22.05
C ALA C 422 -36.08 10.50 20.63
N GLY C 423 -37.24 9.88 20.49
CA GLY C 423 -37.97 9.87 19.22
C GLY C 423 -38.68 11.19 19.08
N ILE C 424 -38.35 11.94 18.04
CA ILE C 424 -38.93 13.26 17.82
C ILE C 424 -39.97 13.23 16.74
N ILE C 425 -41.16 13.69 17.09
CA ILE C 425 -42.29 13.74 16.18
C ILE C 425 -42.80 15.20 16.09
N GLU C 426 -43.82 15.47 15.27
CA GLU C 426 -44.33 16.82 15.07
C GLU C 426 -44.74 17.53 16.36
N GLU C 427 -45.35 16.80 17.31
CA GLU C 427 -45.81 17.44 18.56
C GLU C 427 -44.71 17.53 19.63
N SER C 428 -43.48 17.08 19.34
CA SER C 428 -42.38 17.11 20.30
C SER C 428 -42.02 18.54 20.74
N GLU C 429 -41.61 18.66 21.99
CA GLU C 429 -41.15 19.91 22.56
C GLU C 429 -39.71 19.69 23.03
N PRO C 430 -38.79 20.56 22.62
CA PRO C 430 -37.38 20.39 23.01
C PRO C 430 -37.13 20.17 24.51
N GLU C 431 -37.87 20.86 25.40
CA GLU C 431 -37.67 20.72 26.83
C GLU C 431 -38.09 19.33 27.33
N ARG C 432 -39.23 18.81 26.87
CA ARG C 432 -39.70 17.48 27.30
C ARG C 432 -38.79 16.38 26.74
N GLU C 433 -38.31 16.54 25.49
CA GLU C 433 -37.42 15.55 24.90
C GLU C 433 -36.08 15.53 25.61
N PHE C 434 -35.59 16.70 26.05
CA PHE C 434 -34.36 16.77 26.82
C PHE C 434 -34.54 16.04 28.17
N GLU C 435 -35.67 16.29 28.86
CA GLU C 435 -36.01 15.63 30.12
C GLU C 435 -36.06 14.11 29.92
N GLU C 436 -36.58 13.64 28.78
CA GLU C 436 -36.64 12.21 28.46
C GLU C 436 -35.21 11.60 28.31
N THR C 437 -34.24 12.35 27.73
CA THR C 437 -32.87 11.84 27.66
C THR C 437 -32.27 11.78 29.07
N CYS C 438 -32.65 12.71 30.00
CA CYS C 438 -32.18 12.67 31.40
C CYS C 438 -32.67 11.38 32.09
N GLU C 439 -33.94 11.02 31.86
CA GLU C 439 -34.54 9.82 32.43
C GLU C 439 -33.84 8.55 31.90
N LYS C 440 -33.53 8.51 30.59
CA LYS C 440 -32.84 7.34 30.02
C LYS C 440 -31.38 7.28 30.50
N LEU C 441 -30.72 8.43 30.62
CA LEU C 441 -29.35 8.48 31.15
C LEU C 441 -29.31 8.05 32.62
N SER C 442 -30.39 8.31 33.38
CA SER C 442 -30.50 7.93 34.80
C SER C 442 -30.43 6.44 35.05
N THR C 443 -30.43 5.62 34.01
CA THR C 443 -30.25 4.19 34.13
C THR C 443 -28.73 3.84 34.19
N LEU C 444 -27.83 4.81 33.92
CA LEU C 444 -26.39 4.60 33.96
C LEU C 444 -25.69 5.57 34.92
N THR C 445 -26.08 6.86 34.92
CA THR C 445 -25.43 7.91 35.73
C THR C 445 -25.35 7.65 37.26
N PRO C 446 -26.30 6.99 37.98
CA PRO C 446 -26.05 6.73 39.41
C PRO C 446 -25.18 5.49 39.65
N TYR C 447 -24.70 4.79 38.59
CA TYR C 447 -23.95 3.55 38.80
C TYR C 447 -22.51 3.55 38.26
N LEU C 448 -21.93 4.72 38.01
CA LEU C 448 -20.58 4.81 37.45
C LEU C 448 -19.51 4.66 38.51
N VAL C 449 -18.66 3.63 38.41
CA VAL C 449 -17.59 3.43 39.37
C VAL C 449 -16.30 3.96 38.75
N ALA C 450 -15.63 4.88 39.45
CA ALA C 450 -14.40 5.49 38.96
C ALA C 450 -13.26 4.51 38.91
N ARG C 451 -12.36 4.69 37.94
CA ARG C 451 -11.16 3.88 37.76
C ARG C 451 -10.11 4.29 38.78
N SER D 17 -15.78 -31.01 -33.22
CA SER D 17 -15.37 -30.45 -34.50
C SER D 17 -16.48 -29.57 -35.10
N SER D 18 -16.55 -28.29 -34.72
CA SER D 18 -17.55 -27.37 -35.27
C SER D 18 -16.99 -26.65 -36.51
N SER D 19 -17.87 -26.33 -37.48
CA SER D 19 -17.44 -25.67 -38.70
C SER D 19 -18.29 -24.44 -39.01
N ILE D 20 -17.65 -23.33 -39.38
CA ILE D 20 -18.31 -22.07 -39.71
C ILE D 20 -17.91 -21.66 -41.11
N PRO D 21 -18.87 -21.50 -42.04
CA PRO D 21 -18.50 -21.09 -43.40
C PRO D 21 -17.79 -19.74 -43.41
N MET D 22 -16.82 -19.58 -44.32
CA MET D 22 -16.08 -18.34 -44.43
C MET D 22 -16.86 -17.34 -45.29
N PRO D 23 -17.17 -16.16 -44.75
CA PRO D 23 -17.91 -15.18 -45.55
C PRO D 23 -17.09 -14.64 -46.72
N ALA D 24 -17.79 -14.23 -47.79
CA ALA D 24 -17.13 -13.66 -48.96
C ALA D 24 -16.51 -12.31 -48.58
N GLY D 25 -15.32 -12.07 -49.06
CA GLY D 25 -14.61 -10.83 -48.74
C GLY D 25 -13.70 -10.93 -47.53
N VAL D 26 -13.77 -12.03 -46.77
CA VAL D 26 -12.90 -12.21 -45.61
C VAL D 26 -11.68 -13.03 -46.01
N ASN D 27 -10.49 -12.46 -45.83
CA ASN D 27 -9.25 -13.13 -46.17
C ASN D 27 -8.77 -13.96 -44.99
N PRO D 28 -8.38 -15.23 -45.23
CA PRO D 28 -7.97 -16.10 -44.12
C PRO D 28 -6.78 -15.60 -43.29
N ALA D 29 -5.74 -15.03 -43.94
CA ALA D 29 -4.55 -14.56 -43.21
C ALA D 29 -4.93 -13.42 -42.27
N ASP D 30 -5.85 -12.54 -42.70
CA ASP D 30 -6.30 -11.42 -41.91
C ASP D 30 -7.15 -11.88 -40.75
N LEU D 31 -8.12 -12.77 -41.00
CA LEU D 31 -8.99 -13.26 -39.94
C LEU D 31 -8.19 -14.04 -38.88
N ALA D 32 -7.29 -14.93 -39.31
CA ALA D 32 -6.49 -15.73 -38.39
C ALA D 32 -5.57 -14.87 -37.53
N ALA D 33 -4.89 -13.87 -38.12
CA ALA D 33 -4.01 -12.98 -37.34
C ALA D 33 -4.82 -12.13 -36.38
N GLU D 34 -6.03 -11.68 -36.77
CA GLU D 34 -6.87 -10.88 -35.86
C GLU D 34 -7.40 -11.77 -34.73
N LEU D 35 -7.72 -13.04 -35.02
CA LEU D 35 -8.15 -13.99 -33.98
C LEU D 35 -7.02 -14.20 -32.99
N ALA D 36 -5.77 -14.33 -33.48
CA ALA D 36 -4.62 -14.49 -32.59
C ALA D 36 -4.47 -13.29 -31.64
N ALA D 37 -4.69 -12.07 -32.16
CA ALA D 37 -4.61 -10.87 -31.35
C ALA D 37 -5.74 -10.81 -30.29
N VAL D 38 -6.99 -11.10 -30.68
CA VAL D 38 -8.13 -11.04 -29.76
C VAL D 38 -8.19 -12.19 -28.74
N VAL D 39 -8.15 -13.47 -29.17
CA VAL D 39 -8.30 -14.62 -28.24
C VAL D 39 -7.12 -14.78 -27.26
N THR D 40 -6.05 -13.98 -27.39
CA THR D 40 -4.94 -14.05 -26.45
C THR D 40 -4.76 -12.73 -25.67
N GLU D 41 -5.42 -11.64 -26.10
CA GLU D 41 -5.31 -10.36 -25.41
C GLU D 41 -6.13 -10.41 -24.12
N SER D 42 -7.38 -10.88 -24.25
CA SER D 42 -8.34 -10.99 -23.14
C SER D 42 -7.93 -12.01 -22.07
N VAL D 43 -6.98 -12.91 -22.39
CA VAL D 43 -6.59 -13.94 -21.41
C VAL D 43 -5.05 -14.02 -21.18
N ASP D 44 -4.26 -13.20 -21.91
CA ASP D 44 -2.79 -13.15 -21.84
C ASP D 44 -2.20 -14.55 -22.00
N GLU D 45 -2.49 -15.21 -23.14
CA GLU D 45 -1.99 -16.54 -23.36
C GLU D 45 -1.12 -16.62 -24.62
N ASP D 46 -0.21 -17.59 -24.61
CA ASP D 46 0.71 -17.79 -25.72
C ASP D 46 0.00 -18.47 -26.91
N TYR D 47 0.60 -18.34 -28.10
CA TYR D 47 0.00 -18.92 -29.29
C TYR D 47 1.03 -19.07 -30.42
N LEU D 48 0.67 -19.86 -31.42
CA LEU D 48 1.45 -20.02 -32.62
C LEU D 48 0.47 -20.18 -33.76
N LEU D 49 0.54 -19.30 -34.75
CA LEU D 49 -0.25 -19.34 -35.95
C LEU D 49 0.65 -19.84 -37.06
N TYR D 50 0.27 -20.95 -37.71
CA TYR D 50 1.09 -21.59 -38.73
C TYR D 50 0.29 -21.75 -40.00
N GLU D 51 0.74 -21.16 -41.10
CA GLU D 51 0.07 -21.33 -42.38
C GLU D 51 0.68 -22.51 -43.11
N CYS D 52 -0.14 -23.48 -43.50
CA CYS D 52 0.34 -24.67 -44.19
C CYS D 52 -0.67 -25.08 -45.24
N ASP D 53 -0.29 -24.92 -46.51
CA ASP D 53 -1.07 -25.30 -47.69
C ASP D 53 -2.54 -24.80 -47.67
N GLY D 54 -2.74 -23.50 -47.49
CA GLY D 54 -4.08 -22.91 -47.48
C GLY D 54 -4.80 -22.96 -46.15
N GLN D 55 -4.20 -23.59 -45.14
CA GLN D 55 -4.80 -23.64 -43.82
C GLN D 55 -4.01 -22.78 -42.85
N TRP D 56 -4.66 -21.83 -42.20
CA TRP D 56 -4.01 -21.03 -41.16
C TRP D 56 -4.40 -21.67 -39.85
N VAL D 57 -3.48 -22.39 -39.22
CA VAL D 57 -3.76 -23.10 -37.99
C VAL D 57 -3.34 -22.27 -36.79
N LEU D 58 -4.31 -21.79 -36.01
CA LEU D 58 -4.03 -21.02 -34.80
C LEU D 58 -4.04 -21.96 -33.60
N ALA D 59 -2.87 -22.21 -33.05
CA ALA D 59 -2.72 -23.04 -31.85
C ALA D 59 -2.70 -22.08 -30.68
N ALA D 60 -3.81 -21.95 -29.95
CA ALA D 60 -3.90 -20.96 -28.86
C ALA D 60 -3.92 -21.59 -27.50
N GLY D 61 -3.14 -21.01 -26.59
CA GLY D 61 -3.05 -21.50 -25.23
C GLY D 61 -2.10 -22.67 -25.12
N VAL D 62 -1.37 -22.75 -24.02
CA VAL D 62 -0.41 -23.82 -23.83
C VAL D 62 -0.97 -24.84 -22.86
N GLN D 63 -1.34 -26.02 -23.36
CA GLN D 63 -1.84 -27.09 -22.51
C GLN D 63 -0.64 -27.78 -21.87
N ALA D 64 0.40 -28.06 -22.66
CA ALA D 64 1.64 -28.64 -22.15
C ALA D 64 2.79 -28.16 -23.00
N MET D 65 3.91 -27.84 -22.39
CA MET D 65 5.06 -27.29 -23.09
C MET D 65 6.29 -28.13 -22.82
N VAL D 66 7.06 -28.40 -23.86
CA VAL D 66 8.32 -29.08 -23.76
C VAL D 66 9.40 -28.07 -24.05
N GLU D 67 10.28 -27.81 -23.09
CA GLU D 67 11.37 -26.85 -23.27
C GLU D 67 12.67 -27.60 -23.28
N LEU D 68 13.37 -27.60 -24.42
CA LEU D 68 14.66 -28.27 -24.51
C LEU D 68 15.77 -27.23 -24.55
N ASP D 69 16.64 -27.25 -23.56
CA ASP D 69 17.81 -26.37 -23.50
C ASP D 69 19.08 -27.23 -23.64
N SER D 70 20.23 -26.59 -23.84
CA SER D 70 21.52 -27.28 -23.93
C SER D 70 21.87 -28.02 -22.65
N ASP D 71 21.30 -27.63 -21.50
CA ASP D 71 21.63 -28.24 -20.22
C ASP D 71 20.49 -29.03 -19.55
N GLU D 72 19.22 -28.84 -19.96
CA GLU D 72 18.13 -29.59 -19.34
C GLU D 72 16.84 -29.57 -20.19
N LEU D 73 15.92 -30.49 -19.84
CA LEU D 73 14.63 -30.63 -20.49
C LEU D 73 13.55 -30.40 -19.44
N ARG D 74 12.61 -29.50 -19.74
CA ARG D 74 11.52 -29.19 -18.84
C ARG D 74 10.18 -29.51 -19.50
N VAL D 75 9.25 -30.04 -18.72
CA VAL D 75 7.89 -30.30 -19.19
C VAL D 75 6.98 -29.51 -18.26
N ILE D 76 6.25 -28.55 -18.83
CA ILE D 76 5.40 -27.65 -18.06
C ILE D 76 3.93 -27.92 -18.38
N ARG D 77 3.14 -28.24 -17.36
CA ARG D 77 1.72 -28.54 -17.54
C ARG D 77 0.94 -28.15 -16.31
N ASP D 78 -0.16 -27.39 -16.50
CA ASP D 78 -1.07 -26.93 -15.44
C ASP D 78 -0.32 -26.15 -14.35
N GLY D 79 0.63 -25.32 -14.75
CA GLY D 79 1.42 -24.51 -13.82
C GLY D 79 2.47 -25.30 -13.04
N VAL D 80 2.81 -26.51 -13.49
CA VAL D 80 3.79 -27.36 -12.81
C VAL D 80 4.96 -27.67 -13.75
N THR D 81 6.20 -27.44 -13.31
CA THR D 81 7.38 -27.69 -14.13
C THR D 81 8.15 -28.90 -13.65
N ARG D 82 8.39 -29.86 -14.53
CA ARG D 82 9.20 -31.03 -14.18
C ARG D 82 10.52 -30.90 -14.93
N ARG D 83 11.63 -30.90 -14.20
CA ARG D 83 12.96 -30.73 -14.76
C ARG D 83 13.67 -32.07 -14.90
N GLN D 84 14.57 -32.15 -15.88
CA GLN D 84 15.27 -33.40 -16.15
C GLN D 84 16.57 -33.14 -16.88
N GLN D 85 17.63 -33.85 -16.49
CA GLN D 85 18.89 -33.76 -17.23
C GLN D 85 18.76 -34.68 -18.45
N TRP D 86 19.47 -34.38 -19.54
CA TRP D 86 19.41 -35.23 -20.73
C TRP D 86 20.79 -35.40 -21.34
N SER D 87 21.00 -36.54 -22.01
CA SER D 87 22.26 -36.84 -22.67
C SER D 87 22.01 -37.44 -24.07
N GLY D 88 23.04 -37.45 -24.90
CA GLY D 88 22.93 -37.99 -26.24
C GLY D 88 22.38 -37.01 -27.26
N ARG D 89 21.65 -37.54 -28.26
CA ARG D 89 21.07 -36.74 -29.33
C ARG D 89 19.93 -35.86 -28.84
N PRO D 90 19.96 -34.55 -29.17
CA PRO D 90 18.84 -33.68 -28.78
C PRO D 90 17.51 -34.07 -29.43
N GLY D 91 17.57 -34.65 -30.61
CA GLY D 91 16.40 -35.12 -31.36
C GLY D 91 15.71 -36.29 -30.69
N ALA D 92 16.48 -37.13 -30.00
CA ALA D 92 15.92 -38.25 -29.27
C ALA D 92 15.27 -37.76 -27.97
N ALA D 93 15.90 -36.77 -27.29
CA ALA D 93 15.33 -36.22 -26.05
C ALA D 93 14.03 -35.46 -26.35
N LEU D 94 14.03 -34.63 -27.40
CA LEU D 94 12.86 -33.86 -27.79
C LEU D 94 11.75 -34.77 -28.30
N GLY D 95 12.11 -35.73 -29.14
CA GLY D 95 11.18 -36.69 -29.73
C GLY D 95 10.42 -37.49 -28.70
N GLU D 96 11.11 -37.96 -27.67
CA GLU D 96 10.45 -38.74 -26.62
C GLU D 96 9.41 -37.91 -25.87
N ALA D 97 9.74 -36.65 -25.58
CA ALA D 97 8.80 -35.78 -24.84
C ALA D 97 7.64 -35.35 -25.74
N VAL D 98 7.89 -35.09 -27.03
CA VAL D 98 6.84 -34.66 -27.95
C VAL D 98 5.91 -35.83 -28.32
N ASP D 99 6.43 -37.06 -28.42
CA ASP D 99 5.58 -38.23 -28.66
C ASP D 99 4.57 -38.40 -27.51
N ARG D 100 4.97 -38.07 -26.27
CA ARG D 100 4.08 -38.12 -25.11
C ARG D 100 2.98 -37.09 -25.25
N LEU D 101 3.31 -35.86 -25.69
CA LEU D 101 2.31 -34.82 -25.91
C LEU D 101 1.27 -35.26 -26.95
N LEU D 102 1.74 -35.93 -28.01
CA LEU D 102 0.88 -36.36 -29.10
C LEU D 102 -0.01 -37.57 -28.77
N LEU D 103 0.17 -38.19 -27.58
CA LEU D 103 -0.74 -39.24 -27.14
C LEU D 103 -2.07 -38.63 -26.64
N GLU D 104 -2.07 -37.34 -26.24
CA GLU D 104 -3.24 -36.64 -25.72
C GLU D 104 -3.86 -35.69 -26.73
N THR D 105 -3.09 -35.21 -27.71
CA THR D 105 -3.56 -34.26 -28.70
C THR D 105 -3.10 -34.69 -30.12
N ASP D 106 -3.83 -34.27 -31.17
CA ASP D 106 -3.50 -34.66 -32.52
C ASP D 106 -2.35 -33.84 -33.13
N GLN D 107 -2.09 -32.61 -32.64
CA GLN D 107 -1.02 -31.77 -33.20
C GLN D 107 -0.21 -31.04 -32.13
N ALA D 108 1.09 -30.85 -32.40
CA ALA D 108 2.00 -30.10 -31.55
C ALA D 108 2.71 -29.05 -32.41
N PHE D 109 3.03 -27.90 -31.81
CA PHE D 109 3.62 -26.78 -32.55
C PHE D 109 4.78 -26.19 -31.79
N GLY D 110 5.69 -25.54 -32.51
CA GLY D 110 6.78 -24.84 -31.84
C GLY D 110 7.88 -24.39 -32.74
N TRP D 111 9.03 -24.14 -32.17
CA TRP D 111 10.20 -23.75 -32.92
C TRP D 111 11.41 -24.53 -32.45
N VAL D 112 12.37 -24.66 -33.35
CA VAL D 112 13.62 -25.34 -33.13
C VAL D 112 14.74 -24.33 -33.47
N ALA D 113 15.69 -24.12 -32.56
CA ALA D 113 16.76 -23.14 -32.79
C ALA D 113 17.87 -23.69 -33.69
N PHE D 114 18.68 -22.81 -34.33
CA PHE D 114 19.84 -23.23 -35.13
C PHE D 114 20.76 -24.16 -34.34
N GLU D 115 20.94 -23.86 -33.04
CA GLU D 115 21.81 -24.58 -32.10
C GLU D 115 21.39 -26.04 -31.88
N PHE D 116 20.15 -26.42 -32.21
CA PHE D 116 19.69 -27.80 -32.13
C PHE D 116 20.51 -28.72 -33.06
N GLY D 117 21.01 -28.15 -34.16
CA GLY D 117 21.79 -28.88 -35.13
C GLY D 117 23.30 -28.93 -34.96
N VAL D 118 23.86 -28.41 -33.83
CA VAL D 118 25.31 -28.41 -33.66
C VAL D 118 25.86 -29.69 -33.00
N HIS D 119 25.00 -30.46 -32.31
CA HIS D 119 25.39 -31.69 -31.61
C HIS D 119 25.89 -32.76 -32.58
N ARG D 120 25.24 -32.85 -33.75
CA ARG D 120 25.63 -33.77 -34.83
C ARG D 120 27.10 -33.57 -35.28
N TYR D 121 27.64 -32.37 -35.07
CA TYR D 121 28.98 -32.01 -35.50
C TYR D 121 29.97 -31.83 -34.36
N GLY D 122 29.65 -32.34 -33.17
CA GLY D 122 30.51 -32.28 -31.99
C GLY D 122 30.86 -30.87 -31.56
N LEU D 123 29.91 -29.93 -31.68
CA LEU D 123 30.13 -28.54 -31.32
C LEU D 123 29.27 -28.08 -30.13
N GLN D 124 28.51 -28.99 -29.48
CA GLN D 124 27.64 -28.67 -28.35
C GLN D 124 28.37 -28.13 -27.12
N GLN D 125 29.68 -28.44 -26.95
CA GLN D 125 30.46 -27.90 -25.82
C GLN D 125 30.72 -26.38 -25.99
N ARG D 126 30.55 -25.83 -27.21
CA ARG D 126 30.67 -24.39 -27.44
C ARG D 126 29.39 -23.62 -27.05
N LEU D 127 28.28 -24.31 -26.73
CA LEU D 127 27.05 -23.66 -26.32
C LEU D 127 27.12 -23.21 -24.84
N ALA D 128 26.86 -21.91 -24.62
CA ALA D 128 26.79 -21.31 -23.29
C ALA D 128 25.69 -21.98 -22.48
N PRO D 129 25.75 -21.93 -21.13
CA PRO D 129 24.67 -22.54 -20.34
C PRO D 129 23.29 -21.99 -20.68
N HIS D 130 22.27 -22.85 -20.56
CA HIS D 130 20.85 -22.54 -20.77
C HIS D 130 20.60 -22.02 -22.19
N THR D 131 21.32 -22.58 -23.18
CA THR D 131 21.08 -22.21 -24.58
C THR D 131 19.81 -22.88 -25.06
N PRO D 132 18.80 -22.12 -25.48
CA PRO D 132 17.55 -22.74 -25.96
C PRO D 132 17.77 -23.55 -27.24
N LEU D 133 17.21 -24.76 -27.28
CA LEU D 133 17.31 -25.62 -28.45
C LEU D 133 15.94 -25.77 -29.12
N ALA D 134 14.87 -25.91 -28.33
CA ALA D 134 13.53 -26.09 -28.91
C ALA D 134 12.42 -25.80 -27.89
N ARG D 135 11.25 -25.41 -28.39
CA ARG D 135 10.05 -25.18 -27.60
C ARG D 135 8.91 -25.78 -28.37
N VAL D 136 8.27 -26.83 -27.85
CA VAL D 136 7.17 -27.48 -28.56
C VAL D 136 6.02 -27.65 -27.60
N PHE D 137 4.81 -27.21 -27.99
CA PHE D 137 3.67 -27.29 -27.09
C PHE D 137 2.45 -27.93 -27.75
N SER D 138 1.55 -28.43 -26.91
CA SER D 138 0.26 -28.90 -27.37
C SER D 138 -0.73 -27.80 -26.98
N PRO D 139 -1.55 -27.35 -27.94
CA PRO D 139 -2.43 -26.22 -27.64
C PRO D 139 -3.68 -26.60 -26.85
N ARG D 140 -4.28 -25.61 -26.18
CA ARG D 140 -5.56 -25.81 -25.51
C ARG D 140 -6.68 -25.83 -26.55
N THR D 141 -6.56 -24.97 -27.57
CA THR D 141 -7.55 -24.82 -28.63
C THR D 141 -6.88 -24.63 -29.98
N ARG D 142 -7.51 -25.11 -31.03
CA ARG D 142 -7.04 -24.89 -32.39
C ARG D 142 -8.15 -24.34 -33.23
N ILE D 143 -7.85 -23.33 -34.02
CA ILE D 143 -8.81 -22.75 -34.94
C ILE D 143 -8.16 -22.78 -36.31
N MET D 144 -8.74 -23.51 -37.27
CA MET D 144 -8.18 -23.58 -38.61
C MET D 144 -8.98 -22.70 -39.54
N VAL D 145 -8.33 -21.71 -40.15
CA VAL D 145 -9.02 -20.81 -41.06
C VAL D 145 -8.53 -21.07 -42.48
N SER D 146 -9.47 -21.25 -43.41
CA SER D 146 -9.16 -21.41 -44.82
C SER D 146 -10.17 -20.57 -45.64
N GLU D 147 -9.94 -20.41 -46.96
CA GLU D 147 -10.88 -19.65 -47.79
C GLU D 147 -12.32 -20.21 -47.75
N LYS D 148 -12.44 -21.51 -47.47
CA LYS D 148 -13.73 -22.19 -47.41
C LYS D 148 -14.43 -22.07 -46.04
N GLU D 149 -13.71 -22.31 -44.93
CA GLU D 149 -14.34 -22.34 -43.62
C GLU D 149 -13.37 -22.16 -42.45
N ILE D 150 -13.94 -22.06 -41.25
CA ILE D 150 -13.29 -21.98 -39.96
C ILE D 150 -13.62 -23.25 -39.20
N ARG D 151 -12.61 -24.05 -38.84
CA ARG D 151 -12.84 -25.29 -38.10
C ARG D 151 -12.35 -25.09 -36.67
N LEU D 152 -13.10 -25.60 -35.69
CA LEU D 152 -12.75 -25.42 -34.29
C LEU D 152 -12.47 -26.74 -33.59
N PHE D 153 -11.35 -26.80 -32.87
CA PHE D 153 -10.93 -27.97 -32.11
C PHE D 153 -10.77 -27.60 -30.64
N ASP D 154 -11.57 -28.18 -29.73
CA ASP D 154 -11.55 -27.91 -28.27
C ASP D 154 -11.75 -26.41 -27.96
N ALA D 155 -12.68 -25.77 -28.67
CA ALA D 155 -12.93 -24.35 -28.49
C ALA D 155 -14.05 -24.06 -27.51
N GLY D 156 -13.80 -23.13 -26.62
CA GLY D 156 -14.80 -22.73 -25.64
C GLY D 156 -15.74 -21.65 -26.17
N ILE D 157 -16.65 -21.18 -25.32
CA ILE D 157 -17.61 -20.14 -25.66
C ILE D 157 -16.87 -18.85 -26.07
N ARG D 158 -15.80 -18.51 -25.33
CA ARG D 158 -14.99 -17.32 -25.56
C ARG D 158 -14.44 -17.26 -26.98
N HIS D 159 -13.95 -18.39 -27.53
CA HIS D 159 -13.40 -18.42 -28.89
C HIS D 159 -14.49 -18.25 -29.94
N ARG D 160 -15.67 -18.85 -29.71
CA ARG D 160 -16.80 -18.77 -30.64
C ARG D 160 -17.39 -17.35 -30.67
N GLU D 161 -17.35 -16.62 -29.53
CA GLU D 161 -17.81 -15.23 -29.47
C GLU D 161 -16.82 -14.29 -30.16
N ALA D 162 -15.52 -14.59 -30.07
CA ALA D 162 -14.46 -13.82 -30.71
C ALA D 162 -14.60 -13.92 -32.24
N ILE D 163 -14.90 -15.13 -32.75
CA ILE D 163 -15.09 -15.35 -34.18
C ILE D 163 -16.32 -14.57 -34.65
N ASP D 164 -17.41 -14.67 -33.89
CA ASP D 164 -18.66 -13.99 -34.22
C ASP D 164 -18.51 -12.47 -34.23
N ARG D 165 -17.76 -11.91 -33.26
CA ARG D 165 -17.56 -10.46 -33.21
C ARG D 165 -16.71 -9.99 -34.41
N LEU D 166 -15.69 -10.78 -34.80
CA LEU D 166 -14.86 -10.44 -35.95
C LEU D 166 -15.62 -10.56 -37.26
N LEU D 167 -16.51 -11.55 -37.37
CA LEU D 167 -17.31 -11.72 -38.59
C LEU D 167 -18.38 -10.62 -38.70
N ALA D 168 -18.85 -10.07 -37.57
CA ALA D 168 -19.86 -9.02 -37.58
C ALA D 168 -19.25 -7.63 -37.82
N THR D 169 -18.15 -7.29 -37.13
CA THR D 169 -17.53 -5.98 -37.25
C THR D 169 -16.49 -5.87 -38.36
N GLY D 170 -15.90 -6.99 -38.75
CA GLY D 170 -14.83 -6.99 -39.75
C GLY D 170 -13.47 -6.85 -39.08
N VAL D 171 -12.40 -7.18 -39.80
CA VAL D 171 -11.06 -7.09 -39.26
C VAL D 171 -10.61 -5.62 -39.21
N ARG D 172 -9.64 -5.30 -38.32
CA ARG D 172 -9.10 -3.94 -38.24
C ARG D 172 -8.41 -3.55 -39.54
N GLU D 173 -8.44 -2.26 -39.89
CA GLU D 173 -7.68 -1.80 -41.04
C GLU D 173 -6.20 -1.78 -40.64
N VAL D 174 -5.31 -2.23 -41.54
CA VAL D 174 -3.88 -2.23 -41.23
C VAL D 174 -3.40 -0.79 -41.29
N PRO D 175 -2.81 -0.28 -40.20
CA PRO D 175 -2.31 1.10 -40.23
C PRO D 175 -1.08 1.24 -41.13
N GLN D 176 -0.67 2.49 -41.32
CA GLN D 176 0.52 2.88 -42.05
C GLN D 176 1.77 2.23 -41.43
N SER D 177 2.75 1.91 -42.27
CA SER D 177 3.98 1.29 -41.82
C SER D 177 5.06 2.35 -41.50
N ARG D 178 6.08 1.97 -40.72
CA ARG D 178 7.15 2.86 -40.35
C ARG D 178 8.46 2.30 -40.87
N SER D 179 9.24 3.13 -41.57
CA SER D 179 10.46 2.70 -42.22
C SER D 179 11.61 2.46 -41.25
N VAL D 180 12.55 1.60 -41.67
CA VAL D 180 13.77 1.27 -40.94
C VAL D 180 14.94 1.32 -41.90
N ASP D 181 16.05 1.88 -41.47
CA ASP D 181 17.25 1.94 -42.29
C ASP D 181 18.09 0.66 -42.10
N VAL D 182 18.41 -0.02 -43.19
CA VAL D 182 19.24 -1.22 -43.13
C VAL D 182 20.60 -1.03 -43.82
N SER D 183 20.93 0.19 -44.29
CA SER D 183 22.13 0.48 -45.05
C SER D 183 23.40 0.54 -44.21
N ASP D 184 23.28 0.73 -42.89
CA ASP D 184 24.48 0.77 -42.04
C ASP D 184 25.00 -0.65 -41.79
N ASP D 185 26.31 -0.78 -41.49
CA ASP D 185 26.89 -2.09 -41.24
C ASP D 185 27.61 -2.12 -39.86
N PRO D 186 26.86 -2.03 -38.73
CA PRO D 186 27.54 -2.00 -37.42
C PRO D 186 28.18 -3.32 -37.01
N SER D 187 27.72 -4.46 -37.53
CA SER D 187 28.32 -5.76 -37.18
C SER D 187 29.51 -6.15 -38.10
N GLY D 188 29.90 -5.27 -39.02
CA GLY D 188 31.02 -5.51 -39.92
C GLY D 188 30.83 -6.71 -40.82
N PHE D 189 29.62 -6.86 -41.37
CA PHE D 189 29.25 -7.95 -42.26
C PHE D 189 30.18 -8.01 -43.47
N ARG D 190 30.47 -6.87 -44.11
CA ARG D 190 31.36 -6.86 -45.28
C ARG D 190 32.75 -7.38 -44.94
N ARG D 191 33.29 -6.98 -43.78
CA ARG D 191 34.61 -7.44 -43.36
C ARG D 191 34.56 -8.94 -43.08
N ARG D 192 33.50 -9.40 -42.40
CA ARG D 192 33.35 -10.81 -42.05
C ARG D 192 33.22 -11.69 -43.32
N VAL D 193 32.61 -11.15 -44.38
CA VAL D 193 32.50 -11.86 -45.65
C VAL D 193 33.89 -12.01 -46.26
N ALA D 194 34.72 -10.95 -46.22
CA ALA D 194 36.07 -11.04 -46.77
C ALA D 194 36.91 -12.07 -46.01
N VAL D 195 36.71 -12.22 -44.69
CA VAL D 195 37.42 -13.22 -43.90
C VAL D 195 36.99 -14.62 -44.36
N ALA D 196 35.69 -14.85 -44.54
CA ALA D 196 35.16 -16.14 -45.00
C ALA D 196 35.66 -16.48 -46.41
N VAL D 197 35.72 -15.50 -47.32
CA VAL D 197 36.21 -15.72 -48.67
C VAL D 197 37.69 -16.20 -48.64
N ASP D 198 38.52 -15.61 -47.75
CA ASP D 198 39.91 -16.03 -47.63
C ASP D 198 40.02 -17.44 -47.00
N GLU D 199 39.10 -17.80 -46.09
CA GLU D 199 39.10 -19.14 -45.50
C GLU D 199 38.70 -20.19 -46.55
N ILE D 200 37.79 -19.84 -47.47
CA ILE D 200 37.36 -20.73 -48.54
C ILE D 200 38.50 -20.88 -49.56
N ALA D 201 39.19 -19.77 -49.88
CA ALA D 201 40.34 -19.80 -50.80
C ALA D 201 41.44 -20.69 -50.24
N ALA D 202 41.64 -20.68 -48.90
CA ALA D 202 42.63 -21.55 -48.25
C ALA D 202 42.19 -23.03 -48.16
N GLY D 203 40.98 -23.35 -48.60
CA GLY D 203 40.43 -24.69 -48.64
C GLY D 203 39.82 -25.22 -47.36
N ARG D 204 39.45 -24.34 -46.41
CA ARG D 204 38.89 -24.78 -45.14
C ARG D 204 37.47 -25.33 -45.27
N TYR D 205 36.70 -24.78 -46.22
CA TYR D 205 35.33 -25.20 -46.54
C TYR D 205 34.93 -24.58 -47.91
N HIS D 206 33.74 -24.88 -48.43
CA HIS D 206 33.31 -24.39 -49.74
C HIS D 206 32.25 -23.30 -49.66
N LYS D 207 31.42 -23.35 -48.61
CA LYS D 207 30.38 -22.36 -48.44
C LYS D 207 30.04 -22.14 -46.98
N VAL D 208 29.72 -20.91 -46.62
CA VAL D 208 29.24 -20.58 -45.29
C VAL D 208 28.18 -19.48 -45.45
N ILE D 209 27.08 -19.58 -44.71
CA ILE D 209 26.06 -18.56 -44.72
C ILE D 209 26.37 -17.65 -43.54
N LEU D 210 26.66 -16.38 -43.82
CA LEU D 210 26.88 -15.39 -42.77
C LEU D 210 25.70 -14.44 -42.78
N SER D 211 25.39 -13.85 -41.63
CA SER D 211 24.22 -13.00 -41.49
C SER D 211 24.51 -11.74 -40.69
N ARG D 212 23.54 -10.83 -40.65
CA ARG D 212 23.63 -9.63 -39.86
C ARG D 212 22.26 -9.31 -39.24
N CYS D 213 22.27 -8.83 -38.00
CA CYS D 213 21.07 -8.39 -37.33
C CYS D 213 20.83 -6.94 -37.70
N VAL D 214 19.57 -6.52 -37.73
CA VAL D 214 19.20 -5.14 -37.95
C VAL D 214 18.26 -4.79 -36.82
N GLU D 215 18.67 -3.90 -35.92
CA GLU D 215 17.82 -3.52 -34.81
C GLU D 215 16.70 -2.60 -35.31
N VAL D 216 15.46 -2.84 -34.89
CA VAL D 216 14.33 -1.99 -35.23
C VAL D 216 14.20 -1.03 -34.04
N PRO D 217 14.40 0.28 -34.27
CA PRO D 217 14.42 1.23 -33.15
C PRO D 217 13.08 1.57 -32.51
N PHE D 218 12.05 0.81 -32.80
CA PHE D 218 10.73 1.02 -32.22
C PHE D 218 10.04 -0.34 -32.04
N ALA D 219 9.09 -0.42 -31.12
CA ALA D 219 8.34 -1.67 -30.93
C ALA D 219 7.32 -1.83 -32.06
N ILE D 220 7.10 -3.06 -32.55
CA ILE D 220 6.15 -3.29 -33.62
C ILE D 220 4.94 -4.09 -33.12
N ASP D 221 3.83 -3.97 -33.82
CA ASP D 221 2.66 -4.76 -33.53
C ASP D 221 2.81 -6.02 -34.40
N PHE D 222 3.03 -7.18 -33.78
CA PHE D 222 3.30 -8.40 -34.52
C PHE D 222 2.09 -8.88 -35.38
N PRO D 223 0.84 -9.02 -34.88
CA PRO D 223 -0.25 -9.46 -35.76
C PRO D 223 -0.51 -8.50 -36.94
N LEU D 224 -0.46 -7.16 -36.74
CA LEU D 224 -0.69 -6.22 -37.85
C LEU D 224 0.48 -6.26 -38.86
N THR D 225 1.74 -6.35 -38.39
CA THR D 225 2.90 -6.46 -39.27
C THR D 225 2.79 -7.77 -40.07
N TYR D 226 2.35 -8.86 -39.42
CA TYR D 226 2.18 -10.15 -40.09
C TYR D 226 1.20 -10.00 -41.27
N ARG D 227 0.05 -9.36 -41.05
CA ARG D 227 -0.96 -9.15 -42.07
C ARG D 227 -0.42 -8.31 -43.23
N LEU D 228 0.28 -7.21 -42.92
CA LEU D 228 0.80 -6.32 -43.96
C LEU D 228 1.87 -7.02 -44.82
N GLY D 229 2.83 -7.69 -44.19
CA GLY D 229 3.87 -8.39 -44.92
C GLY D 229 3.37 -9.61 -45.70
N ARG D 230 2.31 -10.28 -45.16
CA ARG D 230 1.79 -11.47 -45.83
C ARG D 230 1.20 -11.10 -47.19
N ARG D 231 0.58 -9.91 -47.30
CA ARG D 231 -0.01 -9.37 -48.52
C ARG D 231 1.00 -9.13 -49.63
N HIS D 232 2.29 -8.97 -49.28
CA HIS D 232 3.31 -8.66 -50.25
C HIS D 232 4.32 -9.78 -50.44
N ASN D 233 3.96 -11.01 -50.06
CA ASN D 233 4.89 -12.12 -50.13
C ASN D 233 4.20 -13.39 -50.59
N THR D 234 4.97 -14.37 -51.09
CA THR D 234 4.42 -15.66 -51.52
C THR D 234 5.29 -16.73 -50.88
N PRO D 235 5.18 -16.93 -49.55
CA PRO D 235 6.07 -17.91 -48.93
C PRO D 235 5.52 -19.33 -48.99
N VAL D 236 6.38 -20.32 -48.74
CA VAL D 236 5.94 -21.73 -48.72
C VAL D 236 5.13 -22.00 -47.43
N ARG D 237 5.52 -21.37 -46.34
CA ARG D 237 4.88 -21.39 -45.04
C ARG D 237 5.00 -19.98 -44.44
N SER D 238 4.16 -19.67 -43.46
CA SER D 238 4.29 -18.41 -42.74
C SER D 238 3.88 -18.66 -41.29
N PHE D 239 4.29 -17.77 -40.39
CA PHE D 239 4.00 -17.96 -38.98
C PHE D 239 3.95 -16.66 -38.22
N LEU D 240 3.27 -16.67 -37.08
CA LEU D 240 3.10 -15.57 -36.15
C LEU D 240 2.99 -16.19 -34.77
N LEU D 241 3.87 -15.83 -33.83
CA LEU D 241 3.81 -16.47 -32.52
C LEU D 241 4.18 -15.54 -31.37
N GLN D 242 3.75 -15.94 -30.20
CA GLN D 242 4.10 -15.37 -28.92
C GLN D 242 4.26 -16.56 -28.01
N LEU D 243 5.48 -16.97 -27.77
CA LEU D 243 5.75 -18.16 -27.00
C LEU D 243 6.80 -17.84 -25.96
N GLY D 244 6.41 -17.80 -24.71
CA GLY D 244 7.30 -17.48 -23.60
C GLY D 244 7.81 -16.07 -23.71
N GLY D 245 9.12 -15.92 -23.77
CA GLY D 245 9.73 -14.61 -23.87
C GLY D 245 9.84 -14.05 -25.27
N ILE D 246 9.53 -14.84 -26.32
CA ILE D 246 9.72 -14.33 -27.67
C ILE D 246 8.43 -14.18 -28.50
N ARG D 247 8.39 -13.11 -29.26
CA ARG D 247 7.41 -12.81 -30.29
C ARG D 247 8.15 -12.96 -31.61
N ALA D 248 7.53 -13.59 -32.60
CA ALA D 248 8.15 -13.76 -33.91
C ALA D 248 7.12 -13.87 -35.01
N LEU D 249 7.50 -13.47 -36.21
CA LEU D 249 6.68 -13.61 -37.41
C LEU D 249 7.63 -13.84 -38.57
N GLY D 250 7.18 -14.56 -39.60
CA GLY D 250 8.06 -14.82 -40.74
C GLY D 250 7.37 -15.39 -41.95
N TYR D 251 8.02 -15.22 -43.10
CA TYR D 251 7.54 -15.69 -44.39
C TYR D 251 8.57 -16.65 -44.88
N SER D 252 8.49 -17.89 -44.39
CA SER D 252 9.45 -18.93 -44.70
CA SER D 252 9.45 -18.95 -44.70
C SER D 252 9.58 -19.19 -46.20
N PRO D 253 10.78 -18.98 -46.77
CA PRO D 253 10.94 -19.15 -48.22
C PRO D 253 11.01 -20.61 -48.66
N GLU D 254 11.17 -21.57 -47.74
CA GLU D 254 11.14 -23.00 -48.10
C GLU D 254 11.06 -23.88 -46.85
N LEU D 255 10.84 -25.18 -47.04
CA LEU D 255 10.86 -26.13 -45.95
C LEU D 255 12.25 -26.63 -45.72
N VAL D 256 12.59 -26.92 -44.45
CA VAL D 256 13.74 -27.68 -44.04
C VAL D 256 13.43 -29.13 -44.40
N THR D 257 12.24 -29.60 -43.97
CA THR D 257 11.77 -30.96 -44.21
C THR D 257 10.28 -31.09 -43.99
N ALA D 258 9.68 -31.95 -44.76
CA ALA D 258 8.31 -32.37 -44.59
C ALA D 258 8.33 -33.88 -44.59
N VAL D 259 7.82 -34.48 -43.51
CA VAL D 259 7.73 -35.91 -43.37
C VAL D 259 6.25 -36.25 -43.35
N ARG D 260 5.78 -37.06 -44.29
CA ARG D 260 4.37 -37.44 -44.30
C ARG D 260 4.15 -38.72 -43.50
N ALA D 261 2.90 -38.99 -43.10
CA ALA D 261 2.55 -40.20 -42.35
C ALA D 261 2.89 -41.46 -43.16
N ASP D 262 2.80 -41.39 -44.51
CA ASP D 262 3.12 -42.55 -45.35
C ASP D 262 4.64 -42.79 -45.51
N GLY D 263 5.49 -41.94 -44.92
CA GLY D 263 6.93 -42.13 -44.98
C GLY D 263 7.68 -41.29 -45.99
N VAL D 264 6.99 -40.53 -46.85
CA VAL D 264 7.68 -39.69 -47.84
C VAL D 264 8.32 -38.49 -47.14
N VAL D 265 9.61 -38.25 -47.41
CA VAL D 265 10.37 -37.12 -46.87
C VAL D 265 10.81 -36.20 -48.00
N ILE D 266 10.64 -34.88 -47.83
CA ILE D 266 11.12 -33.93 -48.83
C ILE D 266 11.92 -32.83 -48.18
N THR D 267 12.95 -32.38 -48.88
CA THR D 267 13.73 -31.21 -48.49
C THR D 267 13.83 -30.30 -49.71
N GLU D 268 13.92 -29.01 -49.47
CA GLU D 268 13.85 -28.02 -50.52
C GLU D 268 14.94 -26.95 -50.42
N PRO D 269 16.15 -27.26 -50.87
CA PRO D 269 17.23 -26.26 -50.82
C PRO D 269 17.06 -25.07 -51.77
N LEU D 270 17.33 -23.90 -51.21
CA LEU D 270 17.31 -22.63 -51.87
C LEU D 270 18.69 -22.06 -51.84
N ALA D 271 19.18 -21.62 -52.99
CA ALA D 271 20.49 -21.00 -53.06
C ALA D 271 20.62 -20.27 -54.38
N GLY D 272 21.09 -19.04 -54.33
CA GLY D 272 21.19 -18.23 -55.53
C GLY D 272 20.06 -17.24 -55.46
N THR D 273 20.35 -15.95 -55.56
CA THR D 273 19.35 -14.90 -55.36
C THR D 273 19.50 -13.74 -56.33
N ARG D 274 18.36 -13.17 -56.73
CA ARG D 274 18.22 -11.92 -57.45
C ARG D 274 17.03 -11.16 -56.85
N ALA D 275 17.00 -9.84 -57.04
CA ALA D 275 15.89 -9.02 -56.57
C ALA D 275 14.64 -9.32 -57.38
N LEU D 276 13.49 -9.08 -56.77
CA LEU D 276 12.16 -9.21 -57.36
C LEU D 276 11.31 -8.02 -56.83
N GLY D 277 10.26 -7.65 -57.56
CA GLY D 277 9.39 -6.57 -57.15
C GLY D 277 9.79 -5.19 -57.66
N ARG D 278 10.67 -5.12 -58.67
CA ARG D 278 11.11 -3.82 -59.20
C ARG D 278 10.49 -3.48 -60.57
N GLY D 279 9.45 -4.20 -60.98
CA GLY D 279 8.85 -4.00 -62.29
C GLY D 279 9.03 -5.24 -63.13
N PRO D 280 8.01 -5.65 -63.90
CA PRO D 280 8.10 -6.92 -64.62
C PRO D 280 9.27 -7.07 -65.59
N ALA D 281 9.62 -6.04 -66.40
CA ALA D 281 10.72 -6.19 -67.35
C ALA D 281 12.09 -6.28 -66.64
N ILE D 282 12.31 -5.46 -65.58
CA ILE D 282 13.56 -5.53 -64.83
C ILE D 282 13.64 -6.88 -64.10
N ASP D 283 12.52 -7.35 -63.53
CA ASP D 283 12.52 -8.65 -62.84
C ASP D 283 12.81 -9.80 -63.81
N ARG D 284 12.35 -9.69 -65.07
CA ARG D 284 12.59 -10.72 -66.06
C ARG D 284 14.09 -10.77 -66.45
N LEU D 285 14.73 -9.60 -66.55
CA LEU D 285 16.17 -9.53 -66.82
C LEU D 285 16.94 -10.17 -65.65
N ALA D 286 16.51 -9.91 -64.40
CA ALA D 286 17.13 -10.48 -63.21
C ALA D 286 16.91 -11.99 -63.17
N ARG D 287 15.75 -12.48 -63.62
CA ARG D 287 15.45 -13.91 -63.68
C ARG D 287 16.40 -14.61 -64.68
N ASP D 288 16.59 -14.02 -65.88
CA ASP D 288 17.48 -14.57 -66.88
C ASP D 288 18.92 -14.54 -66.40
N ASP D 289 19.31 -13.49 -65.67
CA ASP D 289 20.64 -13.38 -65.08
C ASP D 289 20.83 -14.49 -64.04
N LEU D 290 19.86 -14.70 -63.15
CA LEU D 290 19.87 -15.75 -62.11
C LEU D 290 20.03 -17.17 -62.70
N GLU D 291 19.32 -17.46 -63.80
CA GLU D 291 19.36 -18.77 -64.44
C GLU D 291 20.63 -19.04 -65.26
N SER D 292 21.41 -18.01 -65.58
CA SER D 292 22.62 -18.19 -66.39
C SER D 292 23.92 -17.72 -65.71
N ASN D 293 23.84 -17.19 -64.49
CA ASN D 293 25.00 -16.67 -63.78
C ASN D 293 25.80 -17.80 -63.16
N SER D 294 27.08 -17.89 -63.51
CA SER D 294 27.98 -18.93 -63.02
C SER D 294 28.06 -18.97 -61.49
N LYS D 295 28.19 -17.82 -60.82
CA LYS D 295 28.28 -17.77 -59.37
C LYS D 295 27.01 -18.30 -58.72
N GLU D 296 25.81 -17.93 -59.22
CA GLU D 296 24.54 -18.40 -58.64
C GLU D 296 24.29 -19.89 -58.91
N ILE D 297 24.69 -20.36 -60.11
CA ILE D 297 24.53 -21.77 -60.47
C ILE D 297 25.43 -22.66 -59.60
N VAL D 298 26.72 -22.29 -59.40
CA VAL D 298 27.64 -23.05 -58.53
C VAL D 298 27.09 -23.09 -57.11
N GLU D 299 26.64 -21.94 -56.64
CA GLU D 299 26.06 -21.73 -55.31
C GLU D 299 24.88 -22.68 -55.09
N HIS D 300 24.01 -22.84 -56.11
CA HIS D 300 22.87 -23.74 -56.02
C HIS D 300 23.26 -25.24 -56.15
N ALA D 301 24.09 -25.58 -57.13
CA ALA D 301 24.47 -26.98 -57.38
C ALA D 301 25.18 -27.60 -56.19
N ILE D 302 26.06 -26.84 -55.50
CA ILE D 302 26.77 -27.42 -54.36
C ILE D 302 25.79 -27.62 -53.18
N SER D 303 24.75 -26.78 -53.04
CA SER D 303 23.73 -26.98 -52.00
C SER D 303 22.88 -28.22 -52.28
N VAL D 304 22.53 -28.43 -53.56
CA VAL D 304 21.74 -29.61 -53.95
C VAL D 304 22.52 -30.87 -53.66
N ARG D 305 23.82 -30.89 -54.02
CA ARG D 305 24.69 -32.04 -53.78
C ARG D 305 24.76 -32.34 -52.26
N SER D 306 24.90 -31.32 -51.44
CA SER D 306 24.93 -31.47 -50.00
C SER D 306 23.59 -31.98 -49.45
N SER D 307 22.44 -31.43 -49.89
CA SER D 307 21.13 -31.90 -49.41
C SER D 307 20.84 -33.34 -49.80
N LEU D 308 21.20 -33.72 -51.04
CA LEU D 308 20.97 -35.07 -51.51
C LEU D 308 21.79 -36.06 -50.70
N GLU D 309 23.02 -35.68 -50.28
CA GLU D 309 23.89 -36.55 -49.50
C GLU D 309 23.31 -36.74 -48.09
N GLU D 310 22.83 -35.64 -47.49
CA GLU D 310 22.23 -35.63 -46.16
C GLU D 310 20.95 -36.44 -46.08
N ILE D 311 20.03 -36.31 -47.06
CA ILE D 311 18.77 -37.03 -47.04
C ILE D 311 19.00 -38.54 -47.22
N THR D 312 20.08 -38.96 -47.88
CA THR D 312 20.44 -40.36 -48.09
C THR D 312 20.72 -41.09 -46.75
N ASP D 313 21.17 -40.34 -45.73
CA ASP D 313 21.49 -40.88 -44.41
C ASP D 313 20.27 -41.45 -43.69
N ILE D 314 19.09 -40.86 -43.88
CA ILE D 314 17.87 -41.34 -43.20
C ILE D 314 16.87 -42.02 -44.16
N ALA D 315 17.24 -42.20 -45.43
CA ALA D 315 16.32 -42.75 -46.41
C ALA D 315 16.55 -44.23 -46.67
N GLU D 316 15.50 -44.91 -47.17
CA GLU D 316 15.61 -46.28 -47.65
C GLU D 316 16.60 -46.31 -48.80
N PRO D 317 17.49 -47.31 -48.89
CA PRO D 317 18.47 -47.33 -49.99
C PRO D 317 17.80 -47.21 -51.38
N GLY D 318 18.34 -46.34 -52.21
CA GLY D 318 17.86 -46.13 -53.57
C GLY D 318 16.59 -45.30 -53.69
N SER D 319 16.16 -44.61 -52.62
CA SER D 319 14.93 -43.83 -52.68
C SER D 319 15.17 -42.32 -52.86
N ALA D 320 16.37 -41.83 -52.56
CA ALA D 320 16.67 -40.40 -52.66
C ALA D 320 16.81 -39.95 -54.11
N ALA D 321 16.19 -38.81 -54.46
CA ALA D 321 16.23 -38.30 -55.82
C ALA D 321 15.90 -36.81 -55.87
N VAL D 322 16.48 -36.09 -56.82
CA VAL D 322 16.14 -34.69 -57.05
C VAL D 322 15.00 -34.69 -58.05
N ILE D 323 13.79 -34.30 -57.63
CA ILE D 323 12.63 -34.36 -58.54
C ILE D 323 12.30 -33.00 -59.18
N ASP D 324 12.92 -31.93 -58.73
CA ASP D 324 12.76 -30.61 -59.34
C ASP D 324 14.12 -29.97 -59.21
N PHE D 325 14.77 -29.61 -60.32
CA PHE D 325 16.14 -29.12 -60.23
C PHE D 325 16.32 -27.71 -60.77
N MET D 326 16.89 -26.82 -59.96
CA MET D 326 17.31 -25.47 -60.31
C MET D 326 16.20 -24.65 -61.01
N THR D 327 15.05 -24.50 -60.35
CA THR D 327 13.96 -23.70 -60.92
C THR D 327 13.81 -22.41 -60.12
N VAL D 328 13.35 -21.35 -60.78
CA VAL D 328 13.19 -20.07 -60.11
C VAL D 328 11.95 -20.10 -59.23
N ARG D 329 12.13 -19.74 -57.96
CA ARG D 329 11.08 -19.66 -56.94
C ARG D 329 10.95 -18.20 -56.54
N GLU D 330 9.76 -17.61 -56.72
CA GLU D 330 9.54 -16.19 -56.42
C GLU D 330 9.12 -16.00 -54.96
N ARG D 331 9.83 -15.13 -54.25
CA ARG D 331 9.61 -14.92 -52.81
C ARG D 331 9.56 -13.42 -52.44
N GLY D 332 8.59 -12.70 -52.99
CA GLY D 332 8.36 -11.30 -52.68
C GLY D 332 9.43 -10.33 -53.16
N SER D 333 10.39 -9.99 -52.28
CA SER D 333 11.46 -9.06 -52.66
C SER D 333 12.64 -9.75 -53.35
N VAL D 334 12.67 -11.08 -53.39
CA VAL D 334 13.75 -11.85 -53.98
C VAL D 334 13.20 -13.06 -54.76
N GLN D 335 14.00 -13.57 -55.68
CA GLN D 335 13.73 -14.77 -56.44
C GLN D 335 14.97 -15.65 -56.31
N HIS D 336 14.77 -16.94 -56.11
CA HIS D 336 15.88 -17.86 -55.87
C HIS D 336 15.88 -19.04 -56.81
N LEU D 337 17.01 -19.74 -56.88
CA LEU D 337 17.07 -21.02 -57.51
C LEU D 337 16.70 -22.03 -56.41
N GLY D 338 15.80 -22.94 -56.71
CA GLY D 338 15.36 -23.94 -55.76
C GLY D 338 15.29 -25.32 -56.38
N SER D 339 15.46 -26.34 -55.54
CA SER D 339 15.35 -27.72 -55.96
C SER D 339 14.53 -28.50 -54.94
N THR D 340 13.91 -29.61 -55.35
CA THR D 340 13.12 -30.45 -54.47
C THR D 340 13.74 -31.83 -54.44
N ILE D 341 14.09 -32.29 -53.26
CA ILE D 341 14.70 -33.60 -53.07
C ILE D 341 13.71 -34.47 -52.29
N ARG D 342 13.45 -35.65 -52.80
CA ARG D 342 12.47 -36.56 -52.22
C ARG D 342 13.13 -37.89 -51.86
N ALA D 343 12.63 -38.56 -50.82
CA ALA D 343 13.13 -39.85 -50.35
C ALA D 343 12.05 -40.57 -49.50
N ARG D 344 12.25 -41.84 -49.16
CA ARG D 344 11.34 -42.57 -48.27
C ARG D 344 12.07 -42.77 -46.96
N LEU D 345 11.42 -42.46 -45.84
CA LEU D 345 12.01 -42.59 -44.52
C LEU D 345 12.31 -44.05 -44.23
N ASP D 346 13.56 -44.36 -43.91
CA ASP D 346 13.95 -45.74 -43.63
C ASP D 346 13.30 -46.23 -42.33
N PRO D 347 12.87 -47.51 -42.27
CA PRO D 347 12.22 -48.03 -41.04
C PRO D 347 13.04 -47.87 -39.77
N SER D 348 14.39 -47.87 -39.87
CA SER D 348 15.25 -47.68 -38.70
C SER D 348 15.40 -46.20 -38.28
N SER D 349 14.80 -45.28 -39.03
CA SER D 349 14.85 -43.84 -38.77
C SER D 349 13.46 -43.33 -38.34
N ASP D 350 13.39 -42.08 -37.85
CA ASP D 350 12.14 -41.46 -37.41
C ASP D 350 12.13 -39.96 -37.80
N ARG D 351 11.00 -39.25 -37.58
CA ARG D 351 10.88 -37.84 -37.99
C ARG D 351 11.89 -36.92 -37.28
N MET D 352 12.27 -37.21 -36.03
CA MET D 352 13.26 -36.39 -35.34
C MET D 352 14.65 -36.65 -35.88
N ALA D 353 14.97 -37.89 -36.24
CA ALA D 353 16.25 -38.20 -36.85
C ALA D 353 16.34 -37.57 -38.23
N ALA D 354 15.20 -37.51 -38.98
CA ALA D 354 15.16 -36.87 -40.30
C ALA D 354 15.41 -35.38 -40.16
N LEU D 355 14.80 -34.75 -39.14
CA LEU D 355 15.01 -33.33 -38.87
C LEU D 355 16.49 -33.09 -38.51
N GLU D 356 17.07 -33.92 -37.60
CA GLU D 356 18.47 -33.81 -37.21
C GLU D 356 19.43 -33.96 -38.38
N ALA D 357 19.15 -34.91 -39.31
CA ALA D 357 20.00 -35.12 -40.48
C ALA D 357 19.99 -33.94 -41.42
N LEU D 358 18.85 -33.24 -41.52
CA LEU D 358 18.73 -32.08 -42.40
C LEU D 358 18.96 -30.75 -41.66
N PHE D 359 19.39 -30.82 -40.38
CA PHE D 359 19.59 -29.68 -39.51
C PHE D 359 21.07 -29.43 -39.16
N PRO D 360 21.50 -28.15 -39.16
CA PRO D 360 20.75 -26.99 -39.65
C PRO D 360 20.59 -27.10 -41.18
N ALA D 361 19.56 -26.47 -41.77
CA ALA D 361 19.36 -26.55 -43.21
C ALA D 361 20.61 -26.11 -43.98
N VAL D 362 20.96 -26.80 -45.09
CA VAL D 362 22.11 -26.38 -45.95
C VAL D 362 21.94 -24.92 -46.38
N THR D 363 20.69 -24.57 -46.71
CA THR D 363 20.21 -23.27 -47.18
C THR D 363 20.75 -22.14 -46.32
N ALA D 364 20.85 -22.35 -44.99
CA ALA D 364 21.32 -21.29 -44.13
C ALA D 364 22.39 -21.75 -43.14
N SER D 365 23.30 -22.65 -43.58
CA SER D 365 24.41 -23.08 -42.72
C SER D 365 25.74 -23.12 -43.54
N GLY D 366 26.12 -24.23 -44.15
CA GLY D 366 27.35 -24.28 -44.94
C GLY D 366 27.74 -25.64 -45.48
N ILE D 367 28.82 -25.69 -46.28
CA ILE D 367 29.30 -26.91 -46.91
C ILE D 367 30.81 -27.03 -46.79
N PRO D 368 31.36 -28.14 -46.25
CA PRO D 368 30.67 -29.26 -45.57
C PRO D 368 29.98 -28.74 -44.31
N LYS D 369 28.89 -29.40 -43.90
CA LYS D 369 28.12 -28.98 -42.75
C LYS D 369 28.96 -28.73 -41.48
N ALA D 370 29.81 -29.68 -41.12
CA ALA D 370 30.63 -29.57 -39.91
C ALA D 370 31.50 -28.31 -39.90
N ALA D 371 32.21 -28.03 -41.01
CA ALA D 371 33.09 -26.86 -41.11
C ALA D 371 32.30 -25.55 -41.24
N GLY D 372 31.15 -25.60 -41.90
CA GLY D 372 30.27 -24.45 -42.07
C GLY D 372 29.68 -23.99 -40.75
N VAL D 373 29.16 -24.95 -39.96
CA VAL D 373 28.59 -24.68 -38.65
C VAL D 373 29.69 -24.15 -37.72
N GLU D 374 30.90 -24.73 -37.78
CA GLU D 374 32.02 -24.26 -36.95
C GLU D 374 32.42 -22.83 -37.34
N ALA D 375 32.42 -22.52 -38.65
CA ALA D 375 32.75 -21.20 -39.16
C ALA D 375 31.74 -20.15 -38.71
N ILE D 376 30.46 -20.55 -38.55
CA ILE D 376 29.40 -19.67 -38.09
C ILE D 376 29.65 -19.30 -36.61
N PHE D 377 30.15 -20.23 -35.77
CA PHE D 377 30.49 -19.95 -34.37
C PHE D 377 31.55 -18.85 -34.25
N ARG D 378 32.46 -18.77 -35.22
CA ARG D 378 33.52 -17.77 -35.24
C ARG D 378 33.18 -16.47 -35.99
N LEU D 379 32.54 -16.56 -37.16
CA LEU D 379 32.29 -15.38 -38.01
C LEU D 379 30.89 -14.80 -37.91
N ASP D 380 29.98 -15.41 -37.16
CA ASP D 380 28.61 -14.89 -37.03
C ASP D 380 28.28 -14.58 -35.55
N GLU D 381 27.31 -13.70 -35.30
CA GLU D 381 26.89 -13.39 -33.93
C GLU D 381 26.13 -14.60 -33.39
N CYS D 382 26.66 -15.27 -32.38
CA CYS D 382 26.05 -16.49 -31.85
C CYS D 382 25.64 -16.32 -30.39
N PRO D 383 24.58 -17.01 -29.93
CA PRO D 383 23.73 -17.95 -30.69
C PRO D 383 22.78 -17.25 -31.64
N ARG D 384 22.45 -17.94 -32.74
CA ARG D 384 21.51 -17.44 -33.73
C ARG D 384 20.06 -17.51 -33.22
N GLY D 385 19.77 -18.51 -32.39
CA GLY D 385 18.45 -18.74 -31.85
C GLY D 385 17.46 -19.21 -32.89
N LEU D 386 16.32 -18.51 -33.00
CA LEU D 386 15.28 -18.87 -33.96
C LEU D 386 15.74 -18.74 -35.40
N TYR D 387 16.50 -17.67 -35.71
CA TYR D 387 17.01 -17.44 -37.06
C TYR D 387 17.79 -18.63 -37.59
N SER D 388 17.40 -19.08 -38.80
CA SER D 388 17.93 -20.20 -39.56
C SER D 388 17.65 -21.55 -38.87
N GLY D 389 16.76 -21.56 -37.88
CA GLY D 389 16.24 -22.79 -37.27
C GLY D 389 14.95 -23.14 -38.02
N ALA D 390 13.95 -23.67 -37.29
CA ALA D 390 12.68 -24.03 -37.95
C ALA D 390 11.47 -23.79 -37.07
N VAL D 391 10.33 -23.53 -37.69
CA VAL D 391 9.01 -23.45 -37.03
C VAL D 391 8.35 -24.76 -37.44
N VAL D 392 7.90 -25.55 -36.48
CA VAL D 392 7.41 -26.88 -36.75
C VAL D 392 5.98 -27.14 -36.33
N MET D 393 5.36 -28.11 -37.02
CA MET D 393 4.04 -28.63 -36.76
C MET D 393 4.16 -30.14 -36.85
N LEU D 394 3.79 -30.84 -35.78
CA LEU D 394 3.86 -32.30 -35.74
C LEU D 394 2.49 -32.90 -35.54
N SER D 395 2.29 -34.06 -36.14
CA SER D 395 1.02 -34.74 -36.06
C SER D 395 1.15 -36.08 -35.34
N ALA D 396 0.09 -36.50 -34.65
CA ALA D 396 0.08 -37.76 -33.92
C ALA D 396 0.31 -38.97 -34.86
N ASP D 397 0.03 -38.84 -36.19
CA ASP D 397 0.24 -39.97 -37.10
C ASP D 397 1.67 -40.02 -37.70
N GLY D 398 2.61 -39.25 -37.17
CA GLY D 398 3.99 -39.28 -37.66
C GLY D 398 4.41 -38.15 -38.57
N GLY D 399 3.50 -37.25 -38.90
CA GLY D 399 3.80 -36.12 -39.76
C GLY D 399 4.68 -35.07 -39.09
N LEU D 400 5.49 -34.41 -39.89
CA LEU D 400 6.37 -33.33 -39.47
C LEU D 400 6.42 -32.30 -40.60
N ASP D 401 6.21 -31.04 -40.26
CA ASP D 401 6.30 -29.96 -41.23
C ASP D 401 7.22 -28.94 -40.61
N ALA D 402 8.42 -28.75 -41.18
CA ALA D 402 9.41 -27.84 -40.62
C ALA D 402 9.77 -26.76 -41.62
N ALA D 403 9.38 -25.51 -41.33
CA ALA D 403 9.64 -24.36 -42.20
C ALA D 403 10.90 -23.67 -41.75
N LEU D 404 11.78 -23.31 -42.69
CA LEU D 404 13.03 -22.65 -42.35
C LEU D 404 12.76 -21.24 -41.84
N THR D 405 13.31 -20.88 -40.67
CA THR D 405 13.05 -19.58 -40.08
C THR D 405 13.97 -18.52 -40.66
N LEU D 406 13.57 -18.04 -41.82
CA LEU D 406 14.20 -16.96 -42.54
C LEU D 406 13.12 -15.94 -42.87
N ARG D 407 13.50 -14.68 -43.22
CA ARG D 407 12.57 -13.61 -43.59
C ARG D 407 11.60 -13.38 -42.43
N ALA D 408 12.18 -13.25 -41.22
CA ALA D 408 11.45 -13.12 -39.99
C ALA D 408 11.88 -11.92 -39.11
N ALA D 409 10.98 -11.49 -38.23
CA ALA D 409 11.18 -10.43 -37.26
C ALA D 409 11.02 -11.02 -35.85
N TYR D 410 11.78 -10.50 -34.87
CA TYR D 410 11.75 -11.07 -33.52
C TYR D 410 11.70 -10.00 -32.47
N GLN D 411 11.11 -10.32 -31.33
CA GLN D 411 11.08 -9.40 -30.19
C GLN D 411 11.26 -10.18 -28.92
N VAL D 412 12.28 -9.82 -28.16
CA VAL D 412 12.55 -10.37 -26.83
C VAL D 412 12.77 -9.18 -25.92
N GLY D 413 11.89 -8.96 -24.95
CA GLY D 413 11.96 -7.83 -24.04
C GLY D 413 11.73 -6.55 -24.82
N GLY D 414 12.60 -5.57 -24.64
CA GLY D 414 12.54 -4.33 -25.41
C GLY D 414 13.34 -4.39 -26.70
N ARG D 415 13.91 -5.55 -27.07
CA ARG D 415 14.71 -5.68 -28.28
C ARG D 415 13.92 -6.25 -29.45
N THR D 416 13.80 -5.48 -30.54
CA THR D 416 13.14 -5.91 -31.77
C THR D 416 14.18 -5.92 -32.87
N TRP D 417 14.26 -7.02 -33.63
CA TRP D 417 15.26 -7.08 -34.69
C TRP D 417 14.84 -7.95 -35.87
N LEU D 418 15.50 -7.70 -36.99
CA LEU D 418 15.43 -8.46 -38.23
C LEU D 418 16.80 -9.17 -38.40
N ARG D 419 16.88 -10.16 -39.27
CA ARG D 419 18.15 -10.83 -39.52
C ARG D 419 18.13 -11.49 -40.87
N ALA D 420 19.17 -11.22 -41.67
CA ALA D 420 19.28 -11.78 -43.02
C ALA D 420 20.73 -12.12 -43.33
N GLY D 421 20.93 -13.09 -44.18
CA GLY D 421 22.27 -13.53 -44.54
C GLY D 421 22.49 -13.76 -46.01
N ALA D 422 23.66 -14.31 -46.33
CA ALA D 422 24.02 -14.62 -47.70
C ALA D 422 24.99 -15.80 -47.74
N GLY D 423 24.83 -16.64 -48.73
CA GLY D 423 25.69 -17.80 -48.93
C GLY D 423 26.98 -17.32 -49.56
N ILE D 424 28.09 -17.53 -48.86
CA ILE D 424 29.38 -17.05 -49.31
C ILE D 424 30.21 -18.17 -49.86
N ILE D 425 30.65 -18.01 -51.10
CA ILE D 425 31.49 -18.99 -51.80
C ILE D 425 32.82 -18.28 -52.22
N GLU D 426 33.76 -19.01 -52.84
CA GLU D 426 35.05 -18.45 -53.21
C GLU D 426 34.94 -17.20 -54.10
N GLU D 427 33.98 -17.15 -55.03
CA GLU D 427 33.82 -16.00 -55.93
C GLU D 427 33.02 -14.83 -55.33
N SER D 428 32.58 -14.95 -54.08
CA SER D 428 31.79 -13.90 -53.43
C SER D 428 32.54 -12.56 -53.27
N GLU D 429 31.80 -11.46 -53.36
CA GLU D 429 32.31 -10.11 -53.14
C GLU D 429 31.54 -9.47 -52.00
N PRO D 430 32.23 -8.89 -51.01
CA PRO D 430 31.54 -8.31 -49.85
C PRO D 430 30.42 -7.31 -50.17
N GLU D 431 30.61 -6.45 -51.18
CA GLU D 431 29.61 -5.45 -51.52
C GLU D 431 28.32 -6.08 -52.08
N ARG D 432 28.46 -7.08 -52.97
CA ARG D 432 27.30 -7.75 -53.55
C ARG D 432 26.58 -8.56 -52.47
N GLU D 433 27.33 -9.24 -51.59
CA GLU D 433 26.70 -10.03 -50.53
C GLU D 433 25.94 -9.13 -49.55
N PHE D 434 26.48 -7.92 -49.25
CA PHE D 434 25.78 -6.97 -48.38
C PHE D 434 24.46 -6.54 -49.05
N GLU D 435 24.51 -6.22 -50.35
CA GLU D 435 23.32 -5.82 -51.11
C GLU D 435 22.29 -6.96 -51.15
N GLU D 436 22.75 -8.21 -51.22
CA GLU D 436 21.87 -9.37 -51.21
C GLU D 436 21.11 -9.45 -49.87
N THR D 437 21.77 -9.10 -48.73
CA THR D 437 21.07 -9.10 -47.43
C THR D 437 20.00 -8.00 -47.44
N CYS D 438 20.25 -6.84 -48.09
CA CYS D 438 19.26 -5.75 -48.22
C CYS D 438 18.07 -6.24 -49.02
N GLU D 439 18.30 -6.96 -50.13
CA GLU D 439 17.23 -7.51 -50.95
C GLU D 439 16.34 -8.46 -50.13
N LYS D 440 16.96 -9.32 -49.31
CA LYS D 440 16.22 -10.26 -48.46
C LYS D 440 15.50 -9.52 -47.32
N LEU D 441 16.11 -8.48 -46.76
CA LEU D 441 15.49 -7.69 -45.70
C LEU D 441 14.25 -6.95 -46.25
N SER D 442 14.24 -6.58 -47.55
CA SER D 442 13.11 -5.91 -48.20
C SER D 442 11.81 -6.76 -48.21
N THR D 443 11.87 -8.05 -47.84
CA THR D 443 10.70 -8.90 -47.67
C THR D 443 9.84 -8.34 -46.51
N LEU D 444 10.46 -7.72 -45.48
CA LEU D 444 9.75 -7.19 -44.30
C LEU D 444 9.92 -5.70 -44.04
N THR D 445 11.07 -5.10 -44.37
CA THR D 445 11.35 -3.70 -44.01
C THR D 445 10.32 -2.67 -44.45
N PRO D 446 9.61 -2.80 -45.62
CA PRO D 446 8.59 -1.80 -45.93
C PRO D 446 7.26 -2.06 -45.22
N TYR D 447 7.15 -3.16 -44.42
CA TYR D 447 5.84 -3.54 -43.85
C TYR D 447 5.81 -3.63 -42.31
N LEU D 448 6.64 -2.85 -41.61
CA LEU D 448 6.66 -2.87 -40.15
C LEU D 448 5.63 -1.90 -39.58
N VAL D 449 4.63 -2.41 -38.86
CA VAL D 449 3.62 -1.57 -38.25
C VAL D 449 4.04 -1.31 -36.81
N ALA D 450 4.19 -0.03 -36.42
CA ALA D 450 4.60 0.31 -35.05
C ALA D 450 3.51 -0.04 -34.04
N ARG D 451 3.91 -0.36 -32.83
CA ARG D 451 3.02 -0.76 -31.75
C ARG D 451 1.91 0.30 -31.48
N GLN D 452 0.69 -0.22 -31.32
CA GLN D 452 -0.52 0.56 -31.19
C GLN D 452 -0.89 0.85 -29.72
#